data_1UUI
# 
_entry.id   1UUI 
# 
_audit_conform.dict_name       mmcif_pdbx.dic 
_audit_conform.dict_version    5.392 
_audit_conform.dict_location   http://mmcif.pdb.org/dictionaries/ascii/mmcif_pdbx.dic 
# 
loop_
_database_2.database_id 
_database_2.database_code 
_database_2.pdbx_database_accession 
_database_2.pdbx_DOI 
PDB   1UUI         pdb_00001uui 10.2210/pdb1uui/pdb 
PDBE  EBI-14258    ?            ?                   
WWPDB D_1290014258 ?            ?                   
# 
loop_
_pdbx_audit_revision_history.ordinal 
_pdbx_audit_revision_history.data_content_type 
_pdbx_audit_revision_history.major_revision 
_pdbx_audit_revision_history.minor_revision 
_pdbx_audit_revision_history.revision_date 
1 'Structure model' 1 0 2004-02-12 
2 'Structure model' 1 1 2011-05-08 
3 'Structure model' 1 2 2011-07-13 
4 'Structure model' 1 3 2024-05-15 
# 
_pdbx_audit_revision_details.ordinal             1 
_pdbx_audit_revision_details.revision_ordinal    1 
_pdbx_audit_revision_details.data_content_type   'Structure model' 
_pdbx_audit_revision_details.provider            repository 
_pdbx_audit_revision_details.type                'Initial release' 
_pdbx_audit_revision_details.description         ? 
_pdbx_audit_revision_details.details             ? 
# 
loop_
_pdbx_audit_revision_group.ordinal 
_pdbx_audit_revision_group.revision_ordinal 
_pdbx_audit_revision_group.data_content_type 
_pdbx_audit_revision_group.group 
1 2 'Structure model' 'Version format compliance' 
2 3 'Structure model' 'Version format compliance' 
3 4 'Structure model' 'Data collection'           
4 4 'Structure model' 'Database references'       
5 4 'Structure model' Other                       
# 
loop_
_pdbx_audit_revision_category.ordinal 
_pdbx_audit_revision_category.revision_ordinal 
_pdbx_audit_revision_category.data_content_type 
_pdbx_audit_revision_category.category 
1 4 'Structure model' chem_comp_atom       
2 4 'Structure model' chem_comp_bond       
3 4 'Structure model' database_2           
4 4 'Structure model' pdbx_database_status 
# 
loop_
_pdbx_audit_revision_item.ordinal 
_pdbx_audit_revision_item.revision_ordinal 
_pdbx_audit_revision_item.data_content_type 
_pdbx_audit_revision_item.item 
1 4 'Structure model' '_database_2.pdbx_DOI'                 
2 4 'Structure model' '_database_2.pdbx_database_accession'  
3 4 'Structure model' '_pdbx_database_status.status_code_mr' 
# 
_pdbx_database_status.status_code                     REL 
_pdbx_database_status.entry_id                        1UUI 
_pdbx_database_status.deposit_site                    PDBE 
_pdbx_database_status.process_site                    PDBE 
_pdbx_database_status.SG_entry                        . 
_pdbx_database_status.recvd_initial_deposition_date   2003-12-19 
_pdbx_database_status.pdb_format_compatible           Y 
_pdbx_database_status.status_code_sf                  ? 
_pdbx_database_status.status_code_mr                  REL 
_pdbx_database_status.status_code_cs                  ? 
_pdbx_database_status.methods_development_category    ? 
_pdbx_database_status.status_code_nmr_data            ? 
# 
loop_
_pdbx_database_related.db_name 
_pdbx_database_related.db_id 
_pdbx_database_related.content_type 
_pdbx_database_related.details 
PDB 1UTS unspecified 'DESIGNED HIV-1 TAR BINDING LIGAND' 
PDB 1UUD unspecified 'DESIGNED HIV-1 TAR BINDING LIGAND' 
# 
loop_
_audit_author.name 
_audit_author.pdbx_ordinal 
'Davis, B.'       1  
'Afshar, M.'      2  
'Varani, G.'      3  
'Karn, J.'        4  
'Murchie, A.I.H.' 5  
'Lentzen, G.'     6  
'Drysdale, M.J.'  7  
'Potter, A.J.'    8  
'Bower, J.'       9  
'Aboul-Ela, F.'   10 
# 
loop_
_citation.id 
_citation.title 
_citation.journal_abbrev 
_citation.journal_volume 
_citation.page_first 
_citation.page_last 
_citation.year 
_citation.journal_id_ASTM 
_citation.country 
_citation.journal_id_ISSN 
_citation.journal_id_CSD 
_citation.book_publisher 
_citation.pdbx_database_id_PubMed 
_citation.pdbx_database_id_DOI 
primary 
;Rational Design of Inhibitors of HIV-1 Tar RNA Through the Stabilisation of Electrostatic "Hot Spots"
;
J.Mol.Biol. 336 343 ? 2004 JMOBAK UK 0022-2836 0070 ? 14757049 10.1016/J.JMB.2003.12.046 
1       'The Structure of the Human Immunodeficiency Virus Type-1 Tar RNA Reveals Principles of RNA Recognition by Tat Protein' 
J.Mol.Biol. 253 313 ? 1995 JMOBAK UK 0022-2836 0070 ? 7563092  10.1006/JMBI.1995.0555    
# 
loop_
_citation_author.citation_id 
_citation_author.name 
_citation_author.ordinal 
_citation_author.identifier_ORCID 
primary 'Davis, B.'       1  ? 
primary 'Afshar, M.'      2  ? 
primary 'Varani, G.'      3  ? 
primary 'Murchie, A.I.H.' 4  ? 
primary 'Karn, J.'        5  ? 
primary 'Lentzen, G.'     6  ? 
primary 'Drysdale, M.J.'  7  ? 
primary 'Bower, J.'       8  ? 
primary 'Potter, A.J.'    9  ? 
primary 'Aboul-Ela, F.'   10 ? 
1       'Aboul-Ela, F.'   11 ? 
1       'Jkarn, J.'       12 ? 
1       'Varani, G.'      13 ? 
# 
loop_
_entity.id 
_entity.type 
_entity.src_method 
_entity.pdbx_description 
_entity.formula_weight 
_entity.pdbx_number_of_molecules 
_entity.pdbx_ec 
_entity.pdbx_mutation 
_entity.pdbx_fragment 
_entity.details 
1 polymer     syn 
;5'-R(*GP*GP*CP*AP*GP*AP*UP*CP*UP*GP*AP*GP*CP* CP*UP*GP*GP*GP*AP*GP*CP*UP*CP*UP*CP*UP*GP*CP*C)-3'
;
9307.555 1 ? ? 'HIV_1 TAR BULGED STEM LOOP' 
;BULGED STEM LOOP REGION FROM 5'LTR OF HIV-1 MRNA-BINDING SITE FOR TRANSCRIPTIONAL ACTIVATOR PROTEIN TAT.
;
2 non-polymer syn '4-[AMINO(IMINO)METHYL]-1-[2-(3-AMMONIOPROPOXY)-5-METHOXYBENZYL]PIPERAZIN-1-IUM'                   323.434  1 ? 
? ?                            ? 
# 
_entity_name_com.entity_id   1 
_entity_name_com.name        'HIV-1 TAR RNA' 
# 
_entity_poly.entity_id                      1 
_entity_poly.type                           polyribonucleotide 
_entity_poly.nstd_linkage                   no 
_entity_poly.nstd_monomer                   no 
_entity_poly.pdbx_seq_one_letter_code       GGCAGAUCUGAGCCUGGGAGCUCUCUGCC 
_entity_poly.pdbx_seq_one_letter_code_can   GGCAGAUCUGAGCCUGGGAGCUCUCUGCC 
_entity_poly.pdbx_strand_id                 B 
_entity_poly.pdbx_target_identifier         ? 
# 
_pdbx_entity_nonpoly.entity_id   2 
_pdbx_entity_nonpoly.name        '4-[AMINO(IMINO)METHYL]-1-[2-(3-AMMONIOPROPOXY)-5-METHOXYBENZYL]PIPERAZIN-1-IUM' 
_pdbx_entity_nonpoly.comp_id     P12 
# 
loop_
_entity_poly_seq.entity_id 
_entity_poly_seq.num 
_entity_poly_seq.mon_id 
_entity_poly_seq.hetero 
1 1  G n 
1 2  G n 
1 3  C n 
1 4  A n 
1 5  G n 
1 6  A n 
1 7  U n 
1 8  C n 
1 9  U n 
1 10 G n 
1 11 A n 
1 12 G n 
1 13 C n 
1 14 C n 
1 15 U n 
1 16 G n 
1 17 G n 
1 18 G n 
1 19 A n 
1 20 G n 
1 21 C n 
1 22 U n 
1 23 C n 
1 24 U n 
1 25 C n 
1 26 U n 
1 27 G n 
1 28 C n 
1 29 C n 
# 
_pdbx_entity_src_syn.entity_id              1 
_pdbx_entity_src_syn.pdbx_src_id            1 
_pdbx_entity_src_syn.pdbx_alt_source_flag   sample 
_pdbx_entity_src_syn.pdbx_beg_seq_num       ? 
_pdbx_entity_src_syn.pdbx_end_seq_num       ? 
_pdbx_entity_src_syn.organism_scientific    'HUMAN IMMUNODEFICIENCY VIRUS TYPE 1 (CLONE 12)' 
_pdbx_entity_src_syn.organism_common_name   ? 
_pdbx_entity_src_syn.ncbi_taxonomy_id       11679 
_pdbx_entity_src_syn.details                
'29 NUCLEOTIDE SEQUENCE COMPRSISING PRIMARY BINDING SITE OF HIV-1 TAT, SYNTHESIZED USING T7 RNA POLYMERASE OFF OF A DNA TEMPLATE' 
# 
loop_
_chem_comp.id 
_chem_comp.type 
_chem_comp.mon_nstd_flag 
_chem_comp.name 
_chem_comp.pdbx_synonyms 
_chem_comp.formula 
_chem_comp.formula_weight 
A   'RNA linking' y "ADENOSINE-5'-MONOPHOSPHATE"                                                     ?                  
'C10 H14 N5 O7 P' 347.221 
C   'RNA linking' y "CYTIDINE-5'-MONOPHOSPHATE"                                                      ?                  
'C9 H14 N3 O8 P'  323.197 
G   'RNA linking' y "GUANOSINE-5'-MONOPHOSPHATE"                                                     ?                  
'C10 H14 N5 O8 P' 363.221 
P12 non-polymer   . '4-[AMINO(IMINO)METHYL]-1-[2-(3-AMMONIOPROPOXY)-5-METHOXYBENZYL]PIPERAZIN-1-IUM' 'RBT205 INHIBITOR' 
'C16 H29 N5 O2 2' 323.434 
U   'RNA linking' y "URIDINE-5'-MONOPHOSPHATE"                                                       ?                  
'C9 H13 N2 O9 P'  324.181 
# 
loop_
_pdbx_poly_seq_scheme.asym_id 
_pdbx_poly_seq_scheme.entity_id 
_pdbx_poly_seq_scheme.seq_id 
_pdbx_poly_seq_scheme.mon_id 
_pdbx_poly_seq_scheme.ndb_seq_num 
_pdbx_poly_seq_scheme.pdb_seq_num 
_pdbx_poly_seq_scheme.auth_seq_num 
_pdbx_poly_seq_scheme.pdb_mon_id 
_pdbx_poly_seq_scheme.auth_mon_id 
_pdbx_poly_seq_scheme.pdb_strand_id 
_pdbx_poly_seq_scheme.pdb_ins_code 
_pdbx_poly_seq_scheme.hetero 
A 1 1  G 1  17 17 G G B . n 
A 1 2  G 2  18 18 G G B . n 
A 1 3  C 3  19 19 C C B . n 
A 1 4  A 4  20 20 A A B . n 
A 1 5  G 5  21 21 G G B . n 
A 1 6  A 6  22 22 A A B . n 
A 1 7  U 7  23 23 U U B . n 
A 1 8  C 8  24 24 C C B . n 
A 1 9  U 9  25 25 U U B . n 
A 1 10 G 10 26 26 G G B . n 
A 1 11 A 11 27 27 A A B . n 
A 1 12 G 12 28 28 G G B . n 
A 1 13 C 13 29 29 C C B . n 
A 1 14 C 14 30 30 C C B . n 
A 1 15 U 15 31 31 U U B . n 
A 1 16 G 16 32 32 G G B . n 
A 1 17 G 17 33 33 G G B . n 
A 1 18 G 18 34 34 G G B . n 
A 1 19 A 19 35 35 A A B . n 
A 1 20 G 20 36 36 G G B . n 
A 1 21 C 21 37 37 C C B . n 
A 1 22 U 22 38 38 U U B . n 
A 1 23 C 23 39 39 C C B . n 
A 1 24 U 24 40 40 U U B . n 
A 1 25 C 25 41 41 C C B . n 
A 1 26 U 26 42 42 U U B . n 
A 1 27 G 27 43 43 G G B . n 
A 1 28 C 28 44 44 C C B . n 
A 1 29 C 29 45 45 C C B . n 
# 
_pdbx_nonpoly_scheme.asym_id         B 
_pdbx_nonpoly_scheme.entity_id       2 
_pdbx_nonpoly_scheme.mon_id          P12 
_pdbx_nonpoly_scheme.ndb_seq_num     1 
_pdbx_nonpoly_scheme.pdb_seq_num     1046 
_pdbx_nonpoly_scheme.auth_seq_num    1046 
_pdbx_nonpoly_scheme.pdb_mon_id      P12 
_pdbx_nonpoly_scheme.auth_mon_id     P12 
_pdbx_nonpoly_scheme.pdb_strand_id   B 
_pdbx_nonpoly_scheme.pdb_ins_code    . 
# 
_cell.entry_id           1UUI 
_cell.length_a           1.000 
_cell.length_b           1.000 
_cell.length_c           1.000 
_cell.angle_alpha        90.00 
_cell.angle_beta         90.00 
_cell.angle_gamma        90.00 
_cell.Z_PDB              1 
_cell.pdbx_unique_axis   ? 
# 
_symmetry.entry_id                         1UUI 
_symmetry.space_group_name_H-M             'P 1' 
_symmetry.pdbx_full_space_group_name_H-M   ? 
_symmetry.cell_setting                     ? 
_symmetry.Int_Tables_number                1 
# 
_exptl.entry_id          1UUI 
_exptl.method            'SOLUTION NMR' 
_exptl.crystals_number   ? 
# 
_struct.entry_id                  1UUI 
_struct.title                     'NMR structure of a synthetic small molecule, rbt158, bound to HIV-1 TAR RNA' 
_struct.pdbx_model_details        ? 
_struct.pdbx_CASP_flag            ? 
_struct.pdbx_model_type_details   'MINIMIZED AVERAGE' 
# 
_struct_keywords.entry_id        1UUI 
_struct_keywords.pdbx_keywords   HIV-1 
_struct_keywords.text            'HIV-1, TAR RNA, DRUG DESIGN, LIGAND-RNA INTERACTION, RNA BULGE, INHIBITOR' 
# 
loop_
_struct_asym.id 
_struct_asym.pdbx_blank_PDB_chainid_flag 
_struct_asym.pdbx_modified 
_struct_asym.entity_id 
_struct_asym.details 
A N N 1 ? 
B N N 2 ? 
# 
_struct_ref.id                         1 
_struct_ref.db_name                    PDB 
_struct_ref.db_code                    1UUI 
_struct_ref.entity_id                  1 
_struct_ref.pdbx_seq_one_letter_code   ? 
_struct_ref.pdbx_align_begin           ? 
_struct_ref.pdbx_db_accession          1UUI 
_struct_ref.pdbx_db_isoform            ? 
# 
_struct_ref_seq.align_id                      1 
_struct_ref_seq.ref_id                        1 
_struct_ref_seq.pdbx_PDB_id_code              1UUI 
_struct_ref_seq.pdbx_strand_id                B 
_struct_ref_seq.seq_align_beg                 1 
_struct_ref_seq.pdbx_seq_align_beg_ins_code   ? 
_struct_ref_seq.seq_align_end                 29 
_struct_ref_seq.pdbx_seq_align_end_ins_code   ? 
_struct_ref_seq.pdbx_db_accession             1UUI 
_struct_ref_seq.db_align_beg                  17 
_struct_ref_seq.pdbx_db_align_beg_ins_code    ? 
_struct_ref_seq.db_align_end                  45 
_struct_ref_seq.pdbx_db_align_end_ins_code    ? 
_struct_ref_seq.pdbx_auth_seq_align_beg       17 
_struct_ref_seq.pdbx_auth_seq_align_end       45 
# 
_pdbx_struct_assembly.id                   1 
_pdbx_struct_assembly.details              author_defined_assembly 
_pdbx_struct_assembly.method_details       ? 
_pdbx_struct_assembly.oligomeric_details   monomeric 
_pdbx_struct_assembly.oligomeric_count     1 
# 
_pdbx_struct_assembly_gen.assembly_id       1 
_pdbx_struct_assembly_gen.oper_expression   1 
_pdbx_struct_assembly_gen.asym_id_list      A,B 
# 
_pdbx_struct_oper_list.id                   1 
_pdbx_struct_oper_list.type                 'identity operation' 
_pdbx_struct_oper_list.name                 1_555 
_pdbx_struct_oper_list.symmetry_operation   x,y,z 
_pdbx_struct_oper_list.matrix[1][1]         1.0000000000 
_pdbx_struct_oper_list.matrix[1][2]         0.0000000000 
_pdbx_struct_oper_list.matrix[1][3]         0.0000000000 
_pdbx_struct_oper_list.vector[1]            0.0000000000 
_pdbx_struct_oper_list.matrix[2][1]         0.0000000000 
_pdbx_struct_oper_list.matrix[2][2]         1.0000000000 
_pdbx_struct_oper_list.matrix[2][3]         0.0000000000 
_pdbx_struct_oper_list.vector[2]            0.0000000000 
_pdbx_struct_oper_list.matrix[3][1]         0.0000000000 
_pdbx_struct_oper_list.matrix[3][2]         0.0000000000 
_pdbx_struct_oper_list.matrix[3][3]         1.0000000000 
_pdbx_struct_oper_list.vector[3]            0.0000000000 
# 
_struct_biol.id   1 
# 
loop_
_struct_conn.id 
_struct_conn.conn_type_id 
_struct_conn.pdbx_leaving_atom_flag 
_struct_conn.pdbx_PDB_id 
_struct_conn.ptnr1_label_asym_id 
_struct_conn.ptnr1_label_comp_id 
_struct_conn.ptnr1_label_seq_id 
_struct_conn.ptnr1_label_atom_id 
_struct_conn.pdbx_ptnr1_label_alt_id 
_struct_conn.pdbx_ptnr1_PDB_ins_code 
_struct_conn.pdbx_ptnr1_standard_comp_id 
_struct_conn.ptnr1_symmetry 
_struct_conn.ptnr2_label_asym_id 
_struct_conn.ptnr2_label_comp_id 
_struct_conn.ptnr2_label_seq_id 
_struct_conn.ptnr2_label_atom_id 
_struct_conn.pdbx_ptnr2_label_alt_id 
_struct_conn.pdbx_ptnr2_PDB_ins_code 
_struct_conn.ptnr1_auth_asym_id 
_struct_conn.ptnr1_auth_comp_id 
_struct_conn.ptnr1_auth_seq_id 
_struct_conn.ptnr2_auth_asym_id 
_struct_conn.ptnr2_auth_comp_id 
_struct_conn.ptnr2_auth_seq_id 
_struct_conn.ptnr2_symmetry 
_struct_conn.pdbx_ptnr3_label_atom_id 
_struct_conn.pdbx_ptnr3_label_seq_id 
_struct_conn.pdbx_ptnr3_label_comp_id 
_struct_conn.pdbx_ptnr3_label_asym_id 
_struct_conn.pdbx_ptnr3_label_alt_id 
_struct_conn.pdbx_ptnr3_PDB_ins_code 
_struct_conn.details 
_struct_conn.pdbx_dist_value 
_struct_conn.pdbx_value_order 
_struct_conn.pdbx_role 
hydrog1  hydrog ? ? A G 1  N1 ? ? ? 1_555 A C 29 N3 ? ? B G 17 B C 45 1_555 ? ? ? ? ? ? WATSON-CRICK ? ? ? 
hydrog2  hydrog ? ? A G 1  N2 ? ? ? 1_555 A C 29 O2 ? ? B G 17 B C 45 1_555 ? ? ? ? ? ? WATSON-CRICK ? ? ? 
hydrog3  hydrog ? ? A G 1  O6 ? ? ? 1_555 A C 29 N4 ? ? B G 17 B C 45 1_555 ? ? ? ? ? ? WATSON-CRICK ? ? ? 
hydrog4  hydrog ? ? A G 2  N1 ? ? ? 1_555 A C 28 N3 ? ? B G 18 B C 44 1_555 ? ? ? ? ? ? WATSON-CRICK ? ? ? 
hydrog5  hydrog ? ? A G 2  N2 ? ? ? 1_555 A C 28 O2 ? ? B G 18 B C 44 1_555 ? ? ? ? ? ? WATSON-CRICK ? ? ? 
hydrog6  hydrog ? ? A G 2  O6 ? ? ? 1_555 A C 28 N4 ? ? B G 18 B C 44 1_555 ? ? ? ? ? ? WATSON-CRICK ? ? ? 
hydrog7  hydrog ? ? A C 3  N3 ? ? ? 1_555 A G 27 N1 ? ? B C 19 B G 43 1_555 ? ? ? ? ? ? WATSON-CRICK ? ? ? 
hydrog8  hydrog ? ? A C 3  N4 ? ? ? 1_555 A G 27 O6 ? ? B C 19 B G 43 1_555 ? ? ? ? ? ? WATSON-CRICK ? ? ? 
hydrog9  hydrog ? ? A C 3  O2 ? ? ? 1_555 A G 27 N2 ? ? B C 19 B G 43 1_555 ? ? ? ? ? ? WATSON-CRICK ? ? ? 
hydrog10 hydrog ? ? A A 4  N1 ? ? ? 1_555 A U 26 N3 ? ? B A 20 B U 42 1_555 ? ? ? ? ? ? WATSON-CRICK ? ? ? 
hydrog11 hydrog ? ? A A 4  N6 ? ? ? 1_555 A U 26 O4 ? ? B A 20 B U 42 1_555 ? ? ? ? ? ? WATSON-CRICK ? ? ? 
hydrog12 hydrog ? ? A G 5  N1 ? ? ? 1_555 A C 25 N3 ? ? B G 21 B C 41 1_555 ? ? ? ? ? ? WATSON-CRICK ? ? ? 
hydrog13 hydrog ? ? A G 5  N2 ? ? ? 1_555 A C 25 O2 ? ? B G 21 B C 41 1_555 ? ? ? ? ? ? WATSON-CRICK ? ? ? 
hydrog14 hydrog ? ? A G 5  O6 ? ? ? 1_555 A C 25 N4 ? ? B G 21 B C 41 1_555 ? ? ? ? ? ? WATSON-CRICK ? ? ? 
hydrog15 hydrog ? ? A A 6  N1 ? ? ? 1_555 A U 24 N3 ? ? B A 22 B U 40 1_555 ? ? ? ? ? ? WATSON-CRICK ? ? ? 
hydrog16 hydrog ? ? A A 6  N6 ? ? ? 1_555 A U 24 O4 ? ? B A 22 B U 40 1_555 ? ? ? ? ? ? WATSON-CRICK ? ? ? 
hydrog17 hydrog ? ? A U 7  N3 ? ? ? 1_555 A A 11 N7 ? ? B U 23 B A 27 1_555 ? ? ? ? ? ? HOOGSTEEN    ? ? ? 
hydrog18 hydrog ? ? A U 7  O4 ? ? ? 1_555 A A 11 N6 ? ? B U 23 B A 27 1_555 ? ? ? ? ? ? HOOGSTEEN    ? ? ? 
hydrog19 hydrog ? ? A G 10 N1 ? ? ? 1_555 A C 23 N3 ? ? B G 26 B C 39 1_555 ? ? ? ? ? ? WATSON-CRICK ? ? ? 
hydrog20 hydrog ? ? A G 10 N2 ? ? ? 1_555 A C 23 O2 ? ? B G 26 B C 39 1_555 ? ? ? ? ? ? WATSON-CRICK ? ? ? 
hydrog21 hydrog ? ? A G 10 O6 ? ? ? 1_555 A C 23 N4 ? ? B G 26 B C 39 1_555 ? ? ? ? ? ? WATSON-CRICK ? ? ? 
hydrog22 hydrog ? ? A A 11 N1 ? ? ? 1_555 A U 22 N3 ? ? B A 27 B U 38 1_555 ? ? ? ? ? ? WATSON-CRICK ? ? ? 
hydrog23 hydrog ? ? A A 11 N6 ? ? ? 1_555 A U 22 O4 ? ? B A 27 B U 38 1_555 ? ? ? ? ? ? WATSON-CRICK ? ? ? 
hydrog24 hydrog ? ? A G 12 N1 ? ? ? 1_555 A C 21 N3 ? ? B G 28 B C 37 1_555 ? ? ? ? ? ? WATSON-CRICK ? ? ? 
hydrog25 hydrog ? ? A G 12 N2 ? ? ? 1_555 A C 21 O2 ? ? B G 28 B C 37 1_555 ? ? ? ? ? ? WATSON-CRICK ? ? ? 
hydrog26 hydrog ? ? A G 12 O6 ? ? ? 1_555 A C 21 N4 ? ? B G 28 B C 37 1_555 ? ? ? ? ? ? WATSON-CRICK ? ? ? 
hydrog27 hydrog ? ? A C 13 N3 ? ? ? 1_555 A G 20 N1 ? ? B C 29 B G 36 1_555 ? ? ? ? ? ? WATSON-CRICK ? ? ? 
hydrog28 hydrog ? ? A C 13 N4 ? ? ? 1_555 A G 20 O6 ? ? B C 29 B G 36 1_555 ? ? ? ? ? ? WATSON-CRICK ? ? ? 
hydrog29 hydrog ? ? A C 13 O2 ? ? ? 1_555 A G 20 N2 ? ? B C 29 B G 36 1_555 ? ? ? ? ? ? WATSON-CRICK ? ? ? 
# 
_struct_conn_type.id          hydrog 
_struct_conn_type.criteria    ? 
_struct_conn_type.reference   ? 
# 
_struct_site.id                   AC1 
_struct_site.pdbx_evidence_code   Software 
_struct_site.pdbx_auth_asym_id    ? 
_struct_site.pdbx_auth_comp_id    ? 
_struct_site.pdbx_auth_seq_id     ? 
_struct_site.pdbx_auth_ins_code   ? 
_struct_site.pdbx_num_residues    7 
_struct_site.details              'BINDING SITE FOR RESIDUE P12 B1046' 
# 
loop_
_struct_site_gen.id 
_struct_site_gen.site_id 
_struct_site_gen.pdbx_num_res 
_struct_site_gen.label_comp_id 
_struct_site_gen.label_asym_id 
_struct_site_gen.label_seq_id 
_struct_site_gen.pdbx_auth_ins_code 
_struct_site_gen.auth_comp_id 
_struct_site_gen.auth_asym_id 
_struct_site_gen.auth_seq_id 
_struct_site_gen.label_atom_id 
_struct_site_gen.label_alt_id 
_struct_site_gen.symmetry 
_struct_site_gen.details 
1 AC1 7 A A 6  ? A B 22 . ? 1_555 ? 
2 AC1 7 U A 7  ? U B 23 . ? 1_555 ? 
3 AC1 7 G A 10 ? G B 26 . ? 1_555 ? 
4 AC1 7 A A 11 ? A B 27 . ? 1_555 ? 
5 AC1 7 C A 21 ? C B 37 . ? 1_555 ? 
6 AC1 7 U A 22 ? U B 38 . ? 1_555 ? 
7 AC1 7 C A 23 ? C B 39 . ? 1_555 ? 
# 
loop_
_pdbx_validate_rmsd_angle.id 
_pdbx_validate_rmsd_angle.PDB_model_num 
_pdbx_validate_rmsd_angle.auth_atom_id_1 
_pdbx_validate_rmsd_angle.auth_asym_id_1 
_pdbx_validate_rmsd_angle.auth_comp_id_1 
_pdbx_validate_rmsd_angle.auth_seq_id_1 
_pdbx_validate_rmsd_angle.PDB_ins_code_1 
_pdbx_validate_rmsd_angle.label_alt_id_1 
_pdbx_validate_rmsd_angle.auth_atom_id_2 
_pdbx_validate_rmsd_angle.auth_asym_id_2 
_pdbx_validate_rmsd_angle.auth_comp_id_2 
_pdbx_validate_rmsd_angle.auth_seq_id_2 
_pdbx_validate_rmsd_angle.PDB_ins_code_2 
_pdbx_validate_rmsd_angle.label_alt_id_2 
_pdbx_validate_rmsd_angle.auth_atom_id_3 
_pdbx_validate_rmsd_angle.auth_asym_id_3 
_pdbx_validate_rmsd_angle.auth_comp_id_3 
_pdbx_validate_rmsd_angle.auth_seq_id_3 
_pdbx_validate_rmsd_angle.PDB_ins_code_3 
_pdbx_validate_rmsd_angle.label_alt_id_3 
_pdbx_validate_rmsd_angle.angle_value 
_pdbx_validate_rmsd_angle.angle_target_value 
_pdbx_validate_rmsd_angle.angle_deviation 
_pdbx_validate_rmsd_angle.angle_standard_deviation 
_pdbx_validate_rmsd_angle.linker_flag 
1  1 N7 B G 17 ? ? C8 B G 17 ? ? N9 B G 17 ? ? 117.71 113.10 4.61  0.50 N 
2  1 C8 B G 17 ? ? N9 B G 17 ? ? C4 B G 17 ? ? 103.70 106.40 -2.70 0.40 N 
3  1 N7 B G 18 ? ? C8 B G 18 ? ? N9 B G 18 ? ? 117.68 113.10 4.58  0.50 N 
4  1 C8 B G 18 ? ? N9 B G 18 ? ? C4 B G 18 ? ? 103.74 106.40 -2.66 0.40 N 
5  1 N7 B A 20 ? ? C8 B A 20 ? ? N9 B A 20 ? ? 117.51 113.80 3.71  0.50 N 
6  1 N7 B G 21 ? ? C8 B G 21 ? ? N9 B G 21 ? ? 117.66 113.10 4.56  0.50 N 
7  1 C8 B G 21 ? ? N9 B G 21 ? ? C4 B G 21 ? ? 103.74 106.40 -2.66 0.40 N 
8  1 N7 B A 22 ? ? C8 B A 22 ? ? N9 B A 22 ? ? 117.51 113.80 3.71  0.50 N 
9  1 N7 B G 26 ? ? C8 B G 26 ? ? N9 B G 26 ? ? 117.61 113.10 4.51  0.50 N 
10 1 C8 B G 26 ? ? N9 B G 26 ? ? C4 B G 26 ? ? 103.77 106.40 -2.63 0.40 N 
11 1 N7 B A 27 ? ? C8 B A 27 ? ? N9 B A 27 ? ? 117.65 113.80 3.85  0.50 N 
12 1 N7 B G 28 ? ? C8 B G 28 ? ? N9 B G 28 ? ? 117.62 113.10 4.52  0.50 N 
13 1 C8 B G 28 ? ? N9 B G 28 ? ? C4 B G 28 ? ? 103.77 106.40 -2.63 0.40 N 
14 1 N7 B G 32 ? ? C8 B G 32 ? ? N9 B G 32 ? ? 117.65 113.10 4.55  0.50 N 
15 1 C8 B G 32 ? ? N9 B G 32 ? ? C4 B G 32 ? ? 103.77 106.40 -2.63 0.40 N 
16 1 N7 B G 33 ? ? C8 B G 33 ? ? N9 B G 33 ? ? 117.64 113.10 4.54  0.50 N 
17 1 C8 B G 33 ? ? N9 B G 33 ? ? C4 B G 33 ? ? 103.78 106.40 -2.62 0.40 N 
18 1 N7 B G 34 ? ? C8 B G 34 ? ? N9 B G 34 ? ? 117.57 113.10 4.47  0.50 N 
19 1 C8 B G 34 ? ? N9 B G 34 ? ? C4 B G 34 ? ? 103.79 106.40 -2.61 0.40 N 
20 1 N7 B A 35 ? ? C8 B A 35 ? ? N9 B A 35 ? ? 117.56 113.80 3.76  0.50 N 
21 1 N7 B G 36 ? ? C8 B G 36 ? ? N9 B G 36 ? ? 117.68 113.10 4.58  0.50 N 
22 1 C8 B G 36 ? ? N9 B G 36 ? ? C4 B G 36 ? ? 103.71 106.40 -2.69 0.40 N 
23 1 N7 B G 43 ? ? C8 B G 43 ? ? N9 B G 43 ? ? 117.64 113.10 4.54  0.50 N 
24 1 C8 B G 43 ? ? N9 B G 43 ? ? C4 B G 43 ? ? 103.76 106.40 -2.64 0.40 N 
# 
_pdbx_nmr_ensemble.entry_id                             1UUI 
_pdbx_nmr_ensemble.conformers_calculated_total_number   50 
_pdbx_nmr_ensemble.conformers_submitted_total_number    1 
_pdbx_nmr_ensemble.conformer_selection_criteria         'LEAST RESTRRAINT VIOLATION ENERGY' 
# 
_pdbx_nmr_exptl_sample_conditions.conditions_id          1 
_pdbx_nmr_exptl_sample_conditions.temperature            298 
_pdbx_nmr_exptl_sample_conditions.pressure_units         atm 
_pdbx_nmr_exptl_sample_conditions.pressure               1 
_pdbx_nmr_exptl_sample_conditions.pH                     6.1 
_pdbx_nmr_exptl_sample_conditions.ionic_strength         20 
_pdbx_nmr_exptl_sample_conditions.ionic_strength_units   ? 
_pdbx_nmr_exptl_sample_conditions.pH_units               pH 
_pdbx_nmr_exptl_sample_conditions.temperature_units      K 
# 
loop_
_pdbx_nmr_exptl.experiment_id 
_pdbx_nmr_exptl.conditions_id 
_pdbx_nmr_exptl.type 
_pdbx_nmr_exptl.solution_id 
1 1 NOESY 1 
2 1 TOCSY 1 
3 1 COSY  1 
4 1 ROESY 1 
# 
_pdbx_nmr_details.entry_id   1UUI 
_pdbx_nmr_details.text       
;THE STRUCTURE WAS DETERMINED USING HOMONUCLEAR NMR SPECTROSCOPY, DETECTING INTERMOLECULAR NOES. RNA INTRAMOLECULAR RESTRAINTS WERE AS IN ABOUL-ELA ET AL, JMB 1995, AS THE NMR SPECTRA FOR THE RNA AS ABOUND BY THE LIGAND RBT203 SHOWED SIMILAR NOE AND CHEMICAL SHIFT PATTERNS TO THE LATTER
;
# 
_pdbx_nmr_refine.entry_id           1UUI 
_pdbx_nmr_refine.method             'NOE-RESTRAINED DYNAMICS' 
_pdbx_nmr_refine.details            
;REFINEMENT INCLUDED A NUMBER OF MODELLING CONSTRAINTS BASED UPON PREVIOUSLY PUBLISHED DATA, AS WELL AS FINAL GENTLE REFINEMENT STEP USING CHARMM. DETAILS CAN BE FOUND IN THE JOURNAL CITATION ABOVE
;
_pdbx_nmr_refine.software_ordinal   1 
# 
loop_
_pdbx_nmr_software.classification 
_pdbx_nmr_software.name 
_pdbx_nmr_software.version 
_pdbx_nmr_software.authors 
_pdbx_nmr_software.ordinal 
refinement           X-PLOR       ? BRUNGER 1 
'structure solution' XPLOR/CHARMM ? ?       2 
# 
loop_
_chem_comp_atom.comp_id 
_chem_comp_atom.atom_id 
_chem_comp_atom.type_symbol 
_chem_comp_atom.pdbx_aromatic_flag 
_chem_comp_atom.pdbx_stereo_config 
_chem_comp_atom.pdbx_ordinal 
A   OP3    O N N 1   
A   P      P N N 2   
A   OP1    O N N 3   
A   OP2    O N N 4   
A   "O5'"  O N N 5   
A   "C5'"  C N N 6   
A   "C4'"  C N R 7   
A   "O4'"  O N N 8   
A   "C3'"  C N S 9   
A   "O3'"  O N N 10  
A   "C2'"  C N R 11  
A   "O2'"  O N N 12  
A   "C1'"  C N R 13  
A   N9     N Y N 14  
A   C8     C Y N 15  
A   N7     N Y N 16  
A   C5     C Y N 17  
A   C6     C Y N 18  
A   N6     N N N 19  
A   N1     N Y N 20  
A   C2     C Y N 21  
A   N3     N Y N 22  
A   C4     C Y N 23  
A   HOP3   H N N 24  
A   HOP2   H N N 25  
A   "H5'"  H N N 26  
A   "H5''" H N N 27  
A   "H4'"  H N N 28  
A   "H3'"  H N N 29  
A   "HO3'" H N N 30  
A   "H2'"  H N N 31  
A   "HO2'" H N N 32  
A   "H1'"  H N N 33  
A   H8     H N N 34  
A   H61    H N N 35  
A   H62    H N N 36  
A   H2     H N N 37  
C   OP3    O N N 38  
C   P      P N N 39  
C   OP1    O N N 40  
C   OP2    O N N 41  
C   "O5'"  O N N 42  
C   "C5'"  C N N 43  
C   "C4'"  C N R 44  
C   "O4'"  O N N 45  
C   "C3'"  C N S 46  
C   "O3'"  O N N 47  
C   "C2'"  C N R 48  
C   "O2'"  O N N 49  
C   "C1'"  C N R 50  
C   N1     N N N 51  
C   C2     C N N 52  
C   O2     O N N 53  
C   N3     N N N 54  
C   C4     C N N 55  
C   N4     N N N 56  
C   C5     C N N 57  
C   C6     C N N 58  
C   HOP3   H N N 59  
C   HOP2   H N N 60  
C   "H5'"  H N N 61  
C   "H5''" H N N 62  
C   "H4'"  H N N 63  
C   "H3'"  H N N 64  
C   "HO3'" H N N 65  
C   "H2'"  H N N 66  
C   "HO2'" H N N 67  
C   "H1'"  H N N 68  
C   H41    H N N 69  
C   H42    H N N 70  
C   H5     H N N 71  
C   H6     H N N 72  
G   OP3    O N N 73  
G   P      P N N 74  
G   OP1    O N N 75  
G   OP2    O N N 76  
G   "O5'"  O N N 77  
G   "C5'"  C N N 78  
G   "C4'"  C N R 79  
G   "O4'"  O N N 80  
G   "C3'"  C N S 81  
G   "O3'"  O N N 82  
G   "C2'"  C N R 83  
G   "O2'"  O N N 84  
G   "C1'"  C N R 85  
G   N9     N Y N 86  
G   C8     C Y N 87  
G   N7     N Y N 88  
G   C5     C Y N 89  
G   C6     C N N 90  
G   O6     O N N 91  
G   N1     N N N 92  
G   C2     C N N 93  
G   N2     N N N 94  
G   N3     N N N 95  
G   C4     C Y N 96  
G   HOP3   H N N 97  
G   HOP2   H N N 98  
G   "H5'"  H N N 99  
G   "H5''" H N N 100 
G   "H4'"  H N N 101 
G   "H3'"  H N N 102 
G   "HO3'" H N N 103 
G   "H2'"  H N N 104 
G   "HO2'" H N N 105 
G   "H1'"  H N N 106 
G   H8     H N N 107 
G   H1     H N N 108 
G   H21    H N N 109 
G   H22    H N N 110 
P12 C5     C Y N 111 
P12 C4     C Y N 112 
P12 C3     C Y N 113 
P12 C2     C Y N 114 
P12 C1     C Y N 115 
P12 C6     C Y N 116 
P12 OA     O N N 117 
P12 CB     C N N 118 
P12 CG     C N N 119 
P12 CD     C N N 120 
P12 NE     N N N 121 
P12 CG1    C N N 122 
P12 CD1    C N N 123 
P12 NE1    N N N 124 
P12 CD2    C N N 125 
P12 CG2    C N N 126 
P12 NB     N N N 127 
P12 CA     C N N 128 
P12 CZ     C N N 129 
P12 NH1    N N N 130 
P12 NH2    N N N 131 
P12 OA1    O N N 132 
P12 CB1    C N N 133 
P12 H5     H N N 134 
P12 H3     H N N 135 
P12 H6     H N N 136 
P12 HB1    H N N 137 
P12 HB2    H N N 138 
P12 HG1    H N N 139 
P12 HG2    H N N 140 
P12 HD1    H N N 141 
P12 HD2    H N N 142 
P12 HE1    H N N 143 
P12 HE2    H N N 144 
P12 HE3    H N N 145 
P12 HG11   H N N 146 
P12 HG12   H N N 147 
P12 HD11   H N N 148 
P12 HD12   H N N 149 
P12 HD21   H N N 150 
P12 HD22   H N N 151 
P12 HG21   H N N 152 
P12 HG22   H N N 153 
P12 HB     H N N 154 
P12 HA1    H N N 155 
P12 HA2    H N N 156 
P12 HH11   H N N 157 
P12 HH21   H N N 158 
P12 HH22   H N N 159 
P12 HB11   H N N 160 
P12 HB12   H N N 161 
P12 HB3    H N N 162 
U   OP3    O N N 163 
U   P      P N N 164 
U   OP1    O N N 165 
U   OP2    O N N 166 
U   "O5'"  O N N 167 
U   "C5'"  C N N 168 
U   "C4'"  C N R 169 
U   "O4'"  O N N 170 
U   "C3'"  C N S 171 
U   "O3'"  O N N 172 
U   "C2'"  C N R 173 
U   "O2'"  O N N 174 
U   "C1'"  C N R 175 
U   N1     N N N 176 
U   C2     C N N 177 
U   O2     O N N 178 
U   N3     N N N 179 
U   C4     C N N 180 
U   O4     O N N 181 
U   C5     C N N 182 
U   C6     C N N 183 
U   HOP3   H N N 184 
U   HOP2   H N N 185 
U   "H5'"  H N N 186 
U   "H5''" H N N 187 
U   "H4'"  H N N 188 
U   "H3'"  H N N 189 
U   "HO3'" H N N 190 
U   "H2'"  H N N 191 
U   "HO2'" H N N 192 
U   "H1'"  H N N 193 
U   H3     H N N 194 
U   H5     H N N 195 
U   H6     H N N 196 
# 
loop_
_chem_comp_bond.comp_id 
_chem_comp_bond.atom_id_1 
_chem_comp_bond.atom_id_2 
_chem_comp_bond.value_order 
_chem_comp_bond.pdbx_aromatic_flag 
_chem_comp_bond.pdbx_stereo_config 
_chem_comp_bond.pdbx_ordinal 
A   OP3   P      sing N N 1   
A   OP3   HOP3   sing N N 2   
A   P     OP1    doub N N 3   
A   P     OP2    sing N N 4   
A   P     "O5'"  sing N N 5   
A   OP2   HOP2   sing N N 6   
A   "O5'" "C5'"  sing N N 7   
A   "C5'" "C4'"  sing N N 8   
A   "C5'" "H5'"  sing N N 9   
A   "C5'" "H5''" sing N N 10  
A   "C4'" "O4'"  sing N N 11  
A   "C4'" "C3'"  sing N N 12  
A   "C4'" "H4'"  sing N N 13  
A   "O4'" "C1'"  sing N N 14  
A   "C3'" "O3'"  sing N N 15  
A   "C3'" "C2'"  sing N N 16  
A   "C3'" "H3'"  sing N N 17  
A   "O3'" "HO3'" sing N N 18  
A   "C2'" "O2'"  sing N N 19  
A   "C2'" "C1'"  sing N N 20  
A   "C2'" "H2'"  sing N N 21  
A   "O2'" "HO2'" sing N N 22  
A   "C1'" N9     sing N N 23  
A   "C1'" "H1'"  sing N N 24  
A   N9    C8     sing Y N 25  
A   N9    C4     sing Y N 26  
A   C8    N7     doub Y N 27  
A   C8    H8     sing N N 28  
A   N7    C5     sing Y N 29  
A   C5    C6     sing Y N 30  
A   C5    C4     doub Y N 31  
A   C6    N6     sing N N 32  
A   C6    N1     doub Y N 33  
A   N6    H61    sing N N 34  
A   N6    H62    sing N N 35  
A   N1    C2     sing Y N 36  
A   C2    N3     doub Y N 37  
A   C2    H2     sing N N 38  
A   N3    C4     sing Y N 39  
C   OP3   P      sing N N 40  
C   OP3   HOP3   sing N N 41  
C   P     OP1    doub N N 42  
C   P     OP2    sing N N 43  
C   P     "O5'"  sing N N 44  
C   OP2   HOP2   sing N N 45  
C   "O5'" "C5'"  sing N N 46  
C   "C5'" "C4'"  sing N N 47  
C   "C5'" "H5'"  sing N N 48  
C   "C5'" "H5''" sing N N 49  
C   "C4'" "O4'"  sing N N 50  
C   "C4'" "C3'"  sing N N 51  
C   "C4'" "H4'"  sing N N 52  
C   "O4'" "C1'"  sing N N 53  
C   "C3'" "O3'"  sing N N 54  
C   "C3'" "C2'"  sing N N 55  
C   "C3'" "H3'"  sing N N 56  
C   "O3'" "HO3'" sing N N 57  
C   "C2'" "O2'"  sing N N 58  
C   "C2'" "C1'"  sing N N 59  
C   "C2'" "H2'"  sing N N 60  
C   "O2'" "HO2'" sing N N 61  
C   "C1'" N1     sing N N 62  
C   "C1'" "H1'"  sing N N 63  
C   N1    C2     sing N N 64  
C   N1    C6     sing N N 65  
C   C2    O2     doub N N 66  
C   C2    N3     sing N N 67  
C   N3    C4     doub N N 68  
C   C4    N4     sing N N 69  
C   C4    C5     sing N N 70  
C   N4    H41    sing N N 71  
C   N4    H42    sing N N 72  
C   C5    C6     doub N N 73  
C   C5    H5     sing N N 74  
C   C6    H6     sing N N 75  
G   OP3   P      sing N N 76  
G   OP3   HOP3   sing N N 77  
G   P     OP1    doub N N 78  
G   P     OP2    sing N N 79  
G   P     "O5'"  sing N N 80  
G   OP2   HOP2   sing N N 81  
G   "O5'" "C5'"  sing N N 82  
G   "C5'" "C4'"  sing N N 83  
G   "C5'" "H5'"  sing N N 84  
G   "C5'" "H5''" sing N N 85  
G   "C4'" "O4'"  sing N N 86  
G   "C4'" "C3'"  sing N N 87  
G   "C4'" "H4'"  sing N N 88  
G   "O4'" "C1'"  sing N N 89  
G   "C3'" "O3'"  sing N N 90  
G   "C3'" "C2'"  sing N N 91  
G   "C3'" "H3'"  sing N N 92  
G   "O3'" "HO3'" sing N N 93  
G   "C2'" "O2'"  sing N N 94  
G   "C2'" "C1'"  sing N N 95  
G   "C2'" "H2'"  sing N N 96  
G   "O2'" "HO2'" sing N N 97  
G   "C1'" N9     sing N N 98  
G   "C1'" "H1'"  sing N N 99  
G   N9    C8     sing Y N 100 
G   N9    C4     sing Y N 101 
G   C8    N7     doub Y N 102 
G   C8    H8     sing N N 103 
G   N7    C5     sing Y N 104 
G   C5    C6     sing N N 105 
G   C5    C4     doub Y N 106 
G   C6    O6     doub N N 107 
G   C6    N1     sing N N 108 
G   N1    C2     sing N N 109 
G   N1    H1     sing N N 110 
G   C2    N2     sing N N 111 
G   C2    N3     doub N N 112 
G   N2    H21    sing N N 113 
G   N2    H22    sing N N 114 
G   N3    C4     sing N N 115 
P12 C5    C4     doub Y N 116 
P12 C5    C6     sing Y N 117 
P12 C5    H5     sing N N 118 
P12 C4    C3     sing Y N 119 
P12 C4    OA1    sing N N 120 
P12 C3    C2     doub Y N 121 
P12 C3    H3     sing N N 122 
P12 C2    C1     sing Y N 123 
P12 C2    CA     sing N N 124 
P12 C1    C6     doub Y N 125 
P12 C1    OA     sing N N 126 
P12 C6    H6     sing N N 127 
P12 OA    CB     sing N N 128 
P12 CB    CG     sing N N 129 
P12 CB    HB1    sing N N 130 
P12 CB    HB2    sing N N 131 
P12 CG    CD     sing N N 132 
P12 CG    HG1    sing N N 133 
P12 CG    HG2    sing N N 134 
P12 CD    NE     sing N N 135 
P12 CD    HD1    sing N N 136 
P12 CD    HD2    sing N N 137 
P12 NE    HE1    sing N N 138 
P12 NE    HE2    sing N N 139 
P12 NE    HE3    sing N N 140 
P12 CG1   CD1    sing N N 141 
P12 CG1   NB     sing N N 142 
P12 CG1   HG11   sing N N 143 
P12 CG1   HG12   sing N N 144 
P12 CD1   NE1    sing N N 145 
P12 CD1   HD11   sing N N 146 
P12 CD1   HD12   sing N N 147 
P12 NE1   CD2    sing N N 148 
P12 NE1   CZ     sing N N 149 
P12 CD2   CG2    sing N N 150 
P12 CD2   HD21   sing N N 151 
P12 CD2   HD22   sing N N 152 
P12 CG2   NB     sing N N 153 
P12 CG2   HG21   sing N N 154 
P12 CG2   HG22   sing N N 155 
P12 NB    CA     sing N N 156 
P12 NB    HB     sing N N 157 
P12 CA    HA1    sing N N 158 
P12 CA    HA2    sing N N 159 
P12 CZ    NH1    doub N E 160 
P12 CZ    NH2    sing N N 161 
P12 NH1   HH11   sing N N 162 
P12 NH2   HH21   sing N N 163 
P12 NH2   HH22   sing N N 164 
P12 OA1   CB1    sing N N 165 
P12 CB1   HB11   sing N N 166 
P12 CB1   HB12   sing N N 167 
P12 CB1   HB3    sing N N 168 
U   OP3   P      sing N N 169 
U   OP3   HOP3   sing N N 170 
U   P     OP1    doub N N 171 
U   P     OP2    sing N N 172 
U   P     "O5'"  sing N N 173 
U   OP2   HOP2   sing N N 174 
U   "O5'" "C5'"  sing N N 175 
U   "C5'" "C4'"  sing N N 176 
U   "C5'" "H5'"  sing N N 177 
U   "C5'" "H5''" sing N N 178 
U   "C4'" "O4'"  sing N N 179 
U   "C4'" "C3'"  sing N N 180 
U   "C4'" "H4'"  sing N N 181 
U   "O4'" "C1'"  sing N N 182 
U   "C3'" "O3'"  sing N N 183 
U   "C3'" "C2'"  sing N N 184 
U   "C3'" "H3'"  sing N N 185 
U   "O3'" "HO3'" sing N N 186 
U   "C2'" "O2'"  sing N N 187 
U   "C2'" "C1'"  sing N N 188 
U   "C2'" "H2'"  sing N N 189 
U   "O2'" "HO2'" sing N N 190 
U   "C1'" N1     sing N N 191 
U   "C1'" "H1'"  sing N N 192 
U   N1    C2     sing N N 193 
U   N1    C6     sing N N 194 
U   C2    O2     doub N N 195 
U   C2    N3     sing N N 196 
U   N3    C4     sing N N 197 
U   N3    H3     sing N N 198 
U   C4    O4     doub N N 199 
U   C4    C5     sing N N 200 
U   C5    C6     doub N N 201 
U   C5    H5     sing N N 202 
U   C6    H6     sing N N 203 
# 
loop_
_ndb_struct_conf_na.entry_id 
_ndb_struct_conf_na.feature 
1UUI 'double helix'        
1UUI 'a-form double helix' 
1UUI 'hairpin loop'        
1UUI 'bulge loop'          
# 
loop_
_ndb_struct_na_base_pair.model_number 
_ndb_struct_na_base_pair.i_label_asym_id 
_ndb_struct_na_base_pair.i_label_comp_id 
_ndb_struct_na_base_pair.i_label_seq_id 
_ndb_struct_na_base_pair.i_symmetry 
_ndb_struct_na_base_pair.j_label_asym_id 
_ndb_struct_na_base_pair.j_label_comp_id 
_ndb_struct_na_base_pair.j_label_seq_id 
_ndb_struct_na_base_pair.j_symmetry 
_ndb_struct_na_base_pair.shear 
_ndb_struct_na_base_pair.stretch 
_ndb_struct_na_base_pair.stagger 
_ndb_struct_na_base_pair.buckle 
_ndb_struct_na_base_pair.propeller 
_ndb_struct_na_base_pair.opening 
_ndb_struct_na_base_pair.pair_number 
_ndb_struct_na_base_pair.pair_name 
_ndb_struct_na_base_pair.i_auth_asym_id 
_ndb_struct_na_base_pair.i_auth_seq_id 
_ndb_struct_na_base_pair.i_PDB_ins_code 
_ndb_struct_na_base_pair.j_auth_asym_id 
_ndb_struct_na_base_pair.j_auth_seq_id 
_ndb_struct_na_base_pair.j_PDB_ins_code 
_ndb_struct_na_base_pair.hbond_type_28 
_ndb_struct_na_base_pair.hbond_type_12 
1 A G 1  1_555 A C 29 1_555 -2.031 -0.555 0.067  -1.312 -2.607 -2.122  1  B_G17:C45_B B 17 ? B 45 ? 19 1 
1 A G 2  1_555 A C 28 1_555 -0.965 -0.437 0.033  -2.811 -0.157 -6.356  2  B_G18:C44_B B 18 ? B 44 ? 19 1 
1 A C 3  1_555 A G 27 1_555 -0.351 -0.147 -0.080 0.494  -1.599 -3.108  3  B_C19:G43_B B 19 ? B 43 ? 19 1 
1 A A 4  1_555 A U 26 1_555 -0.852 -0.325 0.453  -2.200 -3.257 0.897   4  B_A20:U42_B B 20 ? B 42 ? 20 1 
1 A G 5  1_555 A C 25 1_555 0.335  -0.059 -0.267 -3.412 -0.508 -4.577  5  B_G21:C41_B B 21 ? B 41 ? 19 1 
1 A A 6  1_555 A U 24 1_555 -0.132 0.225  -0.224 -9.354 0.566  -17.480 6  B_A22:U40_B B 22 ? B 40 ? 20 1 
1 A G 10 1_555 A C 23 1_555 -0.221 -0.160 0.111  4.047  2.869  -3.445  7  B_G26:C39_B B 26 ? B 39 ? 19 1 
1 A A 11 1_555 A U 22 1_555 -0.750 -0.284 -0.693 2.894  7.123  -14.567 8  B_A27:U38_B B 27 ? B 38 ? 20 1 
1 A G 12 1_555 A C 21 1_555 -1.118 -0.332 -0.623 0.211  4.352  -3.555  9  B_G28:C37_B B 28 ? B 37 ? 19 1 
1 A C 13 1_555 A G 20 1_555 1.031  -0.191 0.220  -6.088 0.765  -0.430  10 B_C29:G36_B B 29 ? B 36 ? 19 1 
# 
loop_
_ndb_struct_na_base_pair_step.model_number 
_ndb_struct_na_base_pair_step.i_label_asym_id_1 
_ndb_struct_na_base_pair_step.i_label_comp_id_1 
_ndb_struct_na_base_pair_step.i_label_seq_id_1 
_ndb_struct_na_base_pair_step.i_symmetry_1 
_ndb_struct_na_base_pair_step.j_label_asym_id_1 
_ndb_struct_na_base_pair_step.j_label_comp_id_1 
_ndb_struct_na_base_pair_step.j_label_seq_id_1 
_ndb_struct_na_base_pair_step.j_symmetry_1 
_ndb_struct_na_base_pair_step.i_label_asym_id_2 
_ndb_struct_na_base_pair_step.i_label_comp_id_2 
_ndb_struct_na_base_pair_step.i_label_seq_id_2 
_ndb_struct_na_base_pair_step.i_symmetry_2 
_ndb_struct_na_base_pair_step.j_label_asym_id_2 
_ndb_struct_na_base_pair_step.j_label_comp_id_2 
_ndb_struct_na_base_pair_step.j_label_seq_id_2 
_ndb_struct_na_base_pair_step.j_symmetry_2 
_ndb_struct_na_base_pair_step.shift 
_ndb_struct_na_base_pair_step.slide 
_ndb_struct_na_base_pair_step.rise 
_ndb_struct_na_base_pair_step.tilt 
_ndb_struct_na_base_pair_step.roll 
_ndb_struct_na_base_pair_step.twist 
_ndb_struct_na_base_pair_step.x_displacement 
_ndb_struct_na_base_pair_step.y_displacement 
_ndb_struct_na_base_pair_step.helical_rise 
_ndb_struct_na_base_pair_step.inclination 
_ndb_struct_na_base_pair_step.tip 
_ndb_struct_na_base_pair_step.helical_twist 
_ndb_struct_na_base_pair_step.step_number 
_ndb_struct_na_base_pair_step.step_name 
_ndb_struct_na_base_pair_step.i_auth_asym_id_1 
_ndb_struct_na_base_pair_step.i_auth_seq_id_1 
_ndb_struct_na_base_pair_step.i_PDB_ins_code_1 
_ndb_struct_na_base_pair_step.j_auth_asym_id_1 
_ndb_struct_na_base_pair_step.j_auth_seq_id_1 
_ndb_struct_na_base_pair_step.j_PDB_ins_code_1 
_ndb_struct_na_base_pair_step.i_auth_asym_id_2 
_ndb_struct_na_base_pair_step.i_auth_seq_id_2 
_ndb_struct_na_base_pair_step.i_PDB_ins_code_2 
_ndb_struct_na_base_pair_step.j_auth_asym_id_2 
_ndb_struct_na_base_pair_step.j_auth_seq_id_2 
_ndb_struct_na_base_pair_step.j_PDB_ins_code_2 
1 A G 1  1_555 A C 29 1_555 A G 2  1_555 A C 28 1_555 -1.089 -1.176 3.588 -4.041 4.982   40.358 -2.284 1.076  3.513 7.166   5.812  
40.844 1 BB_G17G18:C44C45_BB B 17 ? B 45 ? B 18 ? B 44 ? 
1 A G 2  1_555 A C 28 1_555 A C 3  1_555 A G 27 1_555 -0.122 -1.445 3.399 -0.454 10.883  33.552 -3.963 0.136  2.810 18.263  0.761  
35.227 2 BB_G18C19:G43C44_BB B 18 ? B 44 ? B 19 ? B 43 ? 
1 A C 3  1_555 A G 27 1_555 A A 4  1_555 A U 26 1_555 0.666  -1.687 3.264 -5.808 14.586  28.598 -5.209 -2.064 2.020 27.101  10.791 
32.545 3 BB_C19A20:U42G43_BB B 19 ? B 43 ? B 20 ? B 42 ? 
1 A A 4  1_555 A U 26 1_555 A G 5  1_555 A C 25 1_555 0.574  -1.261 3.274 5.193  8.451   38.339 -2.829 -0.255 2.991 12.612  -7.750 
39.555 4 BB_A20G21:C41U42_BB B 20 ? B 42 ? B 21 ? B 41 ? 
1 A G 5  1_555 A C 25 1_555 A A 6  1_555 A U 24 1_555 -0.062 -3.077 3.183 -0.436 7.332   22.265 -9.628 0.031  2.077 18.357  1.093  
23.430 5 BB_G21A22:U40C41_BB B 21 ? B 41 ? B 22 ? B 40 ? 
1 A A 6  1_555 A U 24 1_555 A G 10 1_555 A C 23 1_555 -2.326 -1.315 3.168 -0.604 -1.197  51.187 -1.441 2.651  3.221 -1.385  0.699  
51.203 6 BB_A22G26:C39U40_BB B 22 ? B 40 ? B 26 ? B 39 ? 
1 A G 10 1_555 A C 23 1_555 A A 11 1_555 A U 22 1_555 -0.726 -1.947 3.679 3.028  -6.149  29.392 -2.270 2.119  3.904 -11.915 -5.867 
30.163 7 BB_G26A27:U38C39_BB B 26 ? B 39 ? B 27 ? B 38 ? 
1 A A 11 1_555 A U 22 1_555 A G 12 1_555 A C 21 1_555 0.028  -2.249 3.768 -2.352 -13.094 23.697 -0.396 -0.850 4.366 -29.129 5.232  
27.129 8 BB_A27G28:C37U38_BB B 27 ? B 38 ? B 28 ? B 37 ? 
1 A G 12 1_555 A C 21 1_555 A C 13 1_555 A G 20 1_555 -0.003 -1.246 3.960 -3.416 9.192   44.124 -2.590 -0.356 3.634 12.059  4.482  
45.147 9 BB_G28C29:G36C37_BB B 28 ? B 37 ? B 29 ? B 36 ? 
# 
loop_
_pdbx_nmr_spectrometer.spectrometer_id 
_pdbx_nmr_spectrometer.model 
_pdbx_nmr_spectrometer.manufacturer 
_pdbx_nmr_spectrometer.field_strength 
1 DRX Bruker 800 
2 DRX Bruker 600 
3 DMX Bruker 600 
4 AMX Bruker 500 
# 
_atom_sites.entry_id                    1UUI 
_atom_sites.fract_transf_matrix[1][1]   1.000000 
_atom_sites.fract_transf_matrix[1][2]   0.000000 
_atom_sites.fract_transf_matrix[1][3]   0.000000 
_atom_sites.fract_transf_matrix[2][1]   0.000000 
_atom_sites.fract_transf_matrix[2][2]   1.000000 
_atom_sites.fract_transf_matrix[2][3]   0.000000 
_atom_sites.fract_transf_matrix[3][1]   0.000000 
_atom_sites.fract_transf_matrix[3][2]   0.000000 
_atom_sites.fract_transf_matrix[3][3]   1.000000 
_atom_sites.fract_transf_vector[1]      0.00000 
_atom_sites.fract_transf_vector[2]      0.00000 
_atom_sites.fract_transf_vector[3]      0.00000 
# 
loop_
_atom_type.symbol 
C 
H 
N 
O 
P 
# 
loop_
_atom_site.group_PDB 
_atom_site.id 
_atom_site.type_symbol 
_atom_site.label_atom_id 
_atom_site.label_alt_id 
_atom_site.label_comp_id 
_atom_site.label_asym_id 
_atom_site.label_entity_id 
_atom_site.label_seq_id 
_atom_site.pdbx_PDB_ins_code 
_atom_site.Cartn_x 
_atom_site.Cartn_y 
_atom_site.Cartn_z 
_atom_site.occupancy 
_atom_site.B_iso_or_equiv 
_atom_site.pdbx_formal_charge 
_atom_site.auth_seq_id 
_atom_site.auth_comp_id 
_atom_site.auth_asym_id 
_atom_site.auth_atom_id 
_atom_site.pdbx_PDB_model_num 
ATOM   1   O "O5'"  . G   A 1 1  ? -9.489  -11.436 -7.496  1.00 0.00 ? 17   G   B "O5'"  1 
ATOM   2   C "C5'"  . G   A 1 1  ? -10.834 -10.996 -7.261  1.00 0.00 ? 17   G   B "C5'"  1 
ATOM   3   C "C4'"  . G   A 1 1  ? -11.670 -12.046 -6.545  1.00 0.00 ? 17   G   B "C4'"  1 
ATOM   4   O "O4'"  . G   A 1 1  ? -11.872 -13.205 -7.363  1.00 0.00 ? 17   G   B "O4'"  1 
ATOM   5   C "C3'"  . G   A 1 1  ? -10.972 -12.537 -5.286  1.00 0.00 ? 17   G   B "C3'"  1 
ATOM   6   O "O3'"  . G   A 1 1  ? -11.455 -11.767 -4.179  1.00 0.00 ? 17   G   B "O3'"  1 
ATOM   7   C "C2'"  . G   A 1 1  ? -11.471 -13.963 -5.156  1.00 0.00 ? 17   G   B "C2'"  1 
ATOM   8   O "O2'"  . G   A 1 1  ? -12.743 -14.018 -4.499  1.00 0.00 ? 17   G   B "O2'"  1 
ATOM   9   C "C1'"  . G   A 1 1  ? -11.572 -14.394 -6.614  1.00 0.00 ? 17   G   B "C1'"  1 
ATOM   10  N N9     . G   A 1 1  ? -10.312 -15.002 -7.082  1.00 0.00 ? 17   G   B N9     1 
ATOM   11  C C8     . G   A 1 1  ? -9.445  -14.567 -8.028  1.00 0.00 ? 17   G   B C8     1 
ATOM   12  N N7     . G   A 1 1  ? -8.403  -15.292 -8.267  1.00 0.00 ? 17   G   B N7     1 
ATOM   13  C C5     . G   A 1 1  ? -8.583  -16.352 -7.372  1.00 0.00 ? 17   G   B C5     1 
ATOM   14  C C6     . G   A 1 1  ? -7.770  -17.496 -7.143  1.00 0.00 ? 17   G   B C6     1 
ATOM   15  O O6     . G   A 1 1  ? -6.729  -17.803 -7.689  1.00 0.00 ? 17   G   B O6     1 
ATOM   16  N N1     . G   A 1 1  ? -8.310  -18.314 -6.159  1.00 0.00 ? 17   G   B N1     1 
ATOM   17  C C2     . G   A 1 1  ? -9.484  -18.067 -5.475  1.00 0.00 ? 17   G   B C2     1 
ATOM   18  N N2     . G   A 1 1  ? -9.835  -18.973 -4.562  1.00 0.00 ? 17   G   B N2     1 
ATOM   19  N N3     . G   A 1 1  ? -10.256 -16.994 -5.685  1.00 0.00 ? 17   G   B N3     1 
ATOM   20  C C4     . G   A 1 1  ? -9.750  -16.182 -6.642  1.00 0.00 ? 17   G   B C4     1 
ATOM   21  H "H5'"  . G   A 1 1  ? -11.319 -10.801 -8.208  1.00 0.00 ? 17   G   B "H5'"  1 
ATOM   22  H "H5''" . G   A 1 1  ? -10.800 -10.072 -6.666  1.00 0.00 ? 17   G   B "H5''" 1 
ATOM   23  H "H4'"  . G   A 1 1  ? -12.638 -11.620 -6.282  1.00 0.00 ? 17   G   B "H4'"  1 
ATOM   24  H "H3'"  . G   A 1 1  ? -9.886  -12.492 -5.378  1.00 0.00 ? 17   G   B "H3'"  1 
ATOM   25  H "H2'"  . G   A 1 1  ? -10.733 -14.577 -4.636  1.00 0.00 ? 17   G   B "H2'"  1 
ATOM   26  H "HO2'" . G   A 1 1  ? -13.093 -13.125 -4.481  1.00 0.00 ? 17   G   B "HO2'" 1 
ATOM   27  H "H1'"  . G   A 1 1  ? -12.387 -15.110 -6.727  1.00 0.00 ? 17   G   B "H1'"  1 
ATOM   28  H H8     . G   A 1 1  ? -9.619  -13.637 -8.570  1.00 0.00 ? 17   G   B H8     1 
ATOM   29  H H1     . G   A 1 1  ? -7.787  -19.149 -5.941  1.00 0.00 ? 17   G   B H1     1 
ATOM   30  H H21    . G   A 1 1  ? -9.252  -19.783 -4.404  1.00 0.00 ? 17   G   B H21    1 
ATOM   31  H H22    . G   A 1 1  ? -10.683 -18.850 -4.027  1.00 0.00 ? 17   G   B H22    1 
ATOM   32  H "HO5'" . G   A 1 1  ? -8.903  -10.753 -7.161  1.00 0.00 ? 17   G   B "HO5'" 1 
ATOM   33  P P      . G   A 1 2  ? -10.518 -11.481 -2.898  1.00 0.00 ? 18   G   B P      1 
ATOM   34  O OP1    . G   A 1 2  ? -11.225 -10.529 -2.012  1.00 0.00 ? 18   G   B OP1    1 
ATOM   35  O OP2    . G   A 1 2  ? -9.157  -11.164 -3.384  1.00 0.00 ? 18   G   B OP2    1 
ATOM   36  O "O5'"  . G   A 1 2  ? -10.470 -12.912 -2.163  1.00 0.00 ? 18   G   B "O5'"  1 
ATOM   37  C "C5'"  . G   A 1 2  ? -11.492 -13.273 -1.223  1.00 0.00 ? 18   G   B "C5'"  1 
ATOM   38  C "C4'"  . G   A 1 2  ? -11.175 -14.558 -0.470  1.00 0.00 ? 18   G   B "C4'"  1 
ATOM   39  O "O4'"  . G   A 1 2  ? -11.031 -15.662 -1.368  1.00 0.00 ? 18   G   B "O4'"  1 
ATOM   40  C "C3'"  . G   A 1 2  ? -9.851  -14.455 0.271   1.00 0.00 ? 18   G   B "C3'"  1 
ATOM   41  O "O3'"  . G   A 1 2  ? -10.110 -14.028 1.610   1.00 0.00 ? 18   G   B "O3'"  1 
ATOM   42  C "C2'"  . G   A 1 2  ? -9.376  -15.894 0.310   1.00 0.00 ? 18   G   B "C2'"  1 
ATOM   43  O "O2'"  . G   A 1 2  ? -9.964  -16.614 1.402   1.00 0.00 ? 18   G   B "O2'"  1 
ATOM   44  C "C1'"  . G   A 1 2  ? -9.857  -16.423 -1.034  1.00 0.00 ? 18   G   B "C1'"  1 
ATOM   45  N N9     . G   A 1 2  ? -8.812  -16.262 -2.059  1.00 0.00 ? 18   G   B N9     1 
ATOM   46  C C8     . G   A 1 2  ? -8.701  -15.332 -3.040  1.00 0.00 ? 18   G   B C8     1 
ATOM   47  N N7     . G   A 1 2  ? -7.676  -15.404 -3.820  1.00 0.00 ? 18   G   B N7     1 
ATOM   48  C C5     . G   A 1 2  ? -7.007  -16.519 -3.307  1.00 0.00 ? 18   G   B C5     1 
ATOM   49  C C6     . G   A 1 2  ? -5.793  -17.124 -3.730  1.00 0.00 ? 18   G   B C6     1 
ATOM   50  O O6     . G   A 1 2  ? -5.065  -16.796 -4.646  1.00 0.00 ? 18   G   B O6     1 
ATOM   51  N N1     . G   A 1 2  ? -5.471  -18.222 -2.942  1.00 0.00 ? 18   G   B N1     1 
ATOM   52  C C2     . G   A 1 2  ? -6.219  -18.685 -1.877  1.00 0.00 ? 18   G   B C2     1 
ATOM   53  N N2     . G   A 1 2  ? -5.741  -19.754 -1.242  1.00 0.00 ? 18   G   B N2     1 
ATOM   54  N N3     . G   A 1 2  ? -7.362  -18.121 -1.474  1.00 0.00 ? 18   G   B N3     1 
ATOM   55  C C4     . G   A 1 2  ? -7.696  -17.049 -2.228  1.00 0.00 ? 18   G   B C4     1 
ATOM   56  H "H5'"  . G   A 1 2  ? -12.421 -13.441 -1.750  1.00 0.00 ? 18   G   B "H5'"  1 
ATOM   57  H "H5''" . G   A 1 2  ? -11.617 -12.444 -0.511  1.00 0.00 ? 18   G   B "H5''" 1 
ATOM   58  H "H4'"  . G   A 1 2  ? -11.974 -14.773 0.238   1.00 0.00 ? 18   G   B "H4'"  1 
ATOM   59  H "H3'"  . G   A 1 2  ? -9.142  -13.804 -0.243  1.00 0.00 ? 18   G   B "H3'"  1 
ATOM   60  H "H2'"  . G   A 1 2  ? -8.285  -15.931 0.359   1.00 0.00 ? 18   G   B "H2'"  1 
ATOM   61  H "HO2'" . G   A 1 2  ? -9.796  -17.546 1.252   1.00 0.00 ? 18   G   B "HO2'" 1 
ATOM   62  H "H1'"  . G   A 1 2  ? -10.119 -17.478 -0.941  1.00 0.00 ? 18   G   B "H1'"  1 
ATOM   63  H H8     . G   A 1 2  ? -9.445  -14.546 -3.156  1.00 0.00 ? 18   G   B H8     1 
ATOM   64  H H1     . G   A 1 2  ? -4.621  -18.707 -3.185  1.00 0.00 ? 18   G   B H1     1 
ATOM   65  H H21    . G   A 1 2  ? -4.877  -20.180 -1.547  1.00 0.00 ? 18   G   B H21    1 
ATOM   66  H H22    . G   A 1 2  ? -6.243  -20.139 -0.454  1.00 0.00 ? 18   G   B H22    1 
ATOM   67  P P      . C   A 1 3  ? -9.018  -13.159 2.415   1.00 0.00 ? 19   C   B P      1 
ATOM   68  O OP1    . C   A 1 3  ? -9.609  -12.756 3.710   1.00 0.00 ? 19   C   B OP1    1 
ATOM   69  O OP2    . C   A 1 3  ? -8.478  -12.131 1.498   1.00 0.00 ? 19   C   B OP2    1 
ATOM   70  O "O5'"  . C   A 1 3  ? -7.856  -14.237 2.704   1.00 0.00 ? 19   C   B "O5'"  1 
ATOM   71  C "C5'"  . C   A 1 3  ? -8.008  -15.202 3.748   1.00 0.00 ? 19   C   B "C5'"  1 
ATOM   72  C "C4'"  . C   A 1 3  ? -6.810  -16.145 3.824   1.00 0.00 ? 19   C   B "C4'"  1 
ATOM   73  O "O4'"  . C   A 1 3  ? -6.632  -16.867 2.604   1.00 0.00 ? 19   C   B "O4'"  1 
ATOM   74  C "C3'"  . C   A 1 3  ? -5.516  -15.377 4.026   1.00 0.00 ? 19   C   B "C3'"  1 
ATOM   75  O "O3'"  . C   A 1 3  ? -5.276  -15.247 5.430   1.00 0.00 ? 19   C   B "O3'"  1 
ATOM   76  C "C2'"  . C   A 1 3  ? -4.474  -16.318 3.449   1.00 0.00 ? 19   C   B "C2'"  1 
ATOM   77  O "O2'"  . C   A 1 3  ? -4.034  -17.274 4.419   1.00 0.00 ? 19   C   B "O2'"  1 
ATOM   78  C "C1'"  . C   A 1 3  ? -5.231  -16.990 2.305   1.00 0.00 ? 19   C   B "C1'"  1 
ATOM   79  N N1     . C   A 1 3  ? -4.905  -16.352 1.014   1.00 0.00 ? 19   C   B N1     1 
ATOM   80  C C2     . C   A 1 3  ? -3.752  -16.769 0.361   1.00 0.00 ? 19   C   B C2     1 
ATOM   81  O O2     . C   A 1 3  ? -3.049  -17.632 0.851   1.00 0.00 ? 19   C   B O2     1 
ATOM   82  N N3     . C   A 1 3  ? -3.438  -16.187 -0.828  1.00 0.00 ? 19   C   B N3     1 
ATOM   83  C C4     . C   A 1 3  ? -4.218  -15.234 -1.356  1.00 0.00 ? 19   C   B C4     1 
ATOM   84  N N4     . C   A 1 3  ? -3.877  -14.683 -2.521  1.00 0.00 ? 19   C   B N4     1 
ATOM   85  C C5     . C   A 1 3  ? -5.406  -14.801 -0.688  1.00 0.00 ? 19   C   B C5     1 
ATOM   86  C C6     . C   A 1 3  ? -5.710  -15.384 0.489   1.00 0.00 ? 19   C   B C6     1 
ATOM   87  H "H5'"  . C   A 1 3  ? -8.909  -15.787 3.563   1.00 0.00 ? 19   C   B "H5'"  1 
ATOM   88  H "H5''" . C   A 1 3  ? -8.111  -14.681 4.700   1.00 0.00 ? 19   C   B "H5''" 1 
ATOM   89  H "H4'"  . C   A 1 3  ? -6.949  -16.849 4.643   1.00 0.00 ? 19   C   B "H4'"  1 
ATOM   90  H "H3'"  . C   A 1 3  ? -5.526  -14.414 3.516   1.00 0.00 ? 19   C   B "H3'"  1 
ATOM   91  H "H2'"  . C   A 1 3  ? -3.631  -15.746 3.054   1.00 0.00 ? 19   C   B "H2'"  1 
ATOM   92  H "HO2'" . C   A 1 3  ? -4.524  -18.085 4.264   1.00 0.00 ? 19   C   B "HO2'" 1 
ATOM   93  H "H1'"  . C   A 1 3  ? -4.961  -18.046 2.264   1.00 0.00 ? 19   C   B "H1'"  1 
ATOM   94  H H41    . C   A 1 3  ? -3.040  -14.987 -2.996  1.00 0.00 ? 19   C   B H41    1 
ATOM   95  H H42    . C   A 1 3  ? -4.455  -13.963 -2.928  1.00 0.00 ? 19   C   B H42    1 
ATOM   96  H H5     . C   A 1 3  ? -6.042  -14.026 -1.114  1.00 0.00 ? 19   C   B H5     1 
ATOM   97  H H6     . C   A 1 3  ? -6.608  -15.078 1.026   1.00 0.00 ? 19   C   B H6     1 
ATOM   98  P P      . A   A 1 4  ? -4.362  -14.046 5.994   1.00 0.00 ? 20   A   B P      1 
ATOM   99  O OP1    . A   A 1 4  ? -4.295  -14.169 7.468   1.00 0.00 ? 20   A   B OP1    1 
ATOM   100 O OP2    . A   A 1 4  ? -4.829  -12.783 5.379   1.00 0.00 ? 20   A   B OP2    1 
ATOM   101 O "O5'"  . A   A 1 4  ? -2.910  -14.393 5.391   1.00 0.00 ? 20   A   B "O5'"  1 
ATOM   102 C "C5'"  . A   A 1 4  ? -2.187  -15.535 5.858   1.00 0.00 ? 20   A   B "C5'"  1 
ATOM   103 C "C4'"  . A   A 1 4  ? -0.925  -15.781 5.036   1.00 0.00 ? 20   A   B "C4'"  1 
ATOM   104 O "O4'"  . A   A 1 4  ? -1.230  -15.991 3.663   1.00 0.00 ? 20   A   B "O4'"  1 
ATOM   105 C "C3'"  . A   A 1 4  ? -0.010  -14.571 5.048   1.00 0.00 ? 20   A   B "C3'"  1 
ATOM   106 O "O3'"  . A   A 1 4  ? 0.891   -14.699 6.152   1.00 0.00 ? 20   A   B "O3'"  1 
ATOM   107 C "C2'"  . A   A 1 4  ? 0.788   -14.718 3.757   1.00 0.00 ? 20   A   B "C2'"  1 
ATOM   108 O "O2'"  . A   A 1 4  ? 2.037   -15.379 3.991   1.00 0.00 ? 20   A   B "O2'"  1 
ATOM   109 C "C1'"  . A   A 1 4  ? -0.126  -15.557 2.856   1.00 0.00 ? 20   A   B "C1'"  1 
ATOM   110 N N9     . A   A 1 4  ? -0.595  -14.767 1.702   1.00 0.00 ? 20   A   B N9     1 
ATOM   111 C C8     . A   A 1 4  ? -1.807  -14.199 1.476   1.00 0.00 ? 20   A   B C8     1 
ATOM   112 N N7     . A   A 1 4  ? -1.970  -13.565 0.364   1.00 0.00 ? 20   A   B N7     1 
ATOM   113 C C5     . A   A 1 4  ? -0.716  -13.721 -0.236  1.00 0.00 ? 20   A   B C5     1 
ATOM   114 C C6     . A   A 1 4  ? -0.191  -13.286 -1.457  1.00 0.00 ? 20   A   B C6     1 
ATOM   115 N N6     . A   A 1 4  ? -0.892  -12.573 -2.339  1.00 0.00 ? 20   A   B N6     1 
ATOM   116 N N1     . A   A 1 4  ? 1.083   -13.615 -1.735  1.00 0.00 ? 20   A   B N1     1 
ATOM   117 C C2     . A   A 1 4  ? 1.801   -14.329 -0.866  1.00 0.00 ? 20   A   B C2     1 
ATOM   118 N N3     . A   A 1 4  ? 1.404   -14.792 0.316   1.00 0.00 ? 20   A   B N3     1 
ATOM   119 C C4     . A   A 1 4  ? 0.125   -14.450 0.572   1.00 0.00 ? 20   A   B C4     1 
ATOM   120 H "H5'"  . A   A 1 4  ? -2.829  -16.413 5.794   1.00 0.00 ? 20   A   B "H5'"  1 
ATOM   121 H "H5''" . A   A 1 4  ? -1.906  -15.375 6.899   1.00 0.00 ? 20   A   B "H5''" 1 
ATOM   122 H "H4'"  . A   A 1 4  ? -0.394  -16.648 5.425   1.00 0.00 ? 20   A   B "H4'"  1 
ATOM   123 H "H3'"  . A   A 1 4  ? -0.570  -13.635 5.078   1.00 0.00 ? 20   A   B "H3'"  1 
ATOM   124 H "H2'"  . A   A 1 4  ? 0.951   -13.734 3.308   1.00 0.00 ? 20   A   B "H2'"  1 
ATOM   125 H "HO2'" . A   A 1 4  ? 2.366   -15.076 4.841   1.00 0.00 ? 20   A   B "HO2'" 1 
ATOM   126 H "H1'"  . A   A 1 4  ? 0.422   -16.427 2.497   1.00 0.00 ? 20   A   B "H1'"  1 
ATOM   127 H H8     . A   A 1 4  ? -2.610  -14.272 2.208   1.00 0.00 ? 20   A   B H8     1 
ATOM   128 H H61    . A   A 1 4  ? -0.466  -12.284 -3.207  1.00 0.00 ? 20   A   B H61    1 
ATOM   129 H H62    . A   A 1 4  ? -1.850  -12.323 -2.138  1.00 0.00 ? 20   A   B H62    1 
ATOM   130 H H2     . A   A 1 4  ? 2.826   -14.558 -1.157  1.00 0.00 ? 20   A   B H2     1 
ATOM   131 P P      . G   A 1 5  ? 1.427   -13.393 6.924   1.00 0.00 ? 21   G   B P      1 
ATOM   132 O OP1    . G   A 1 5  ? 2.413   -13.826 7.939   1.00 0.00 ? 21   G   B OP1    1 
ATOM   133 O OP2    . G   A 1 5  ? 0.258   -12.581 7.330   1.00 0.00 ? 21   G   B OP2    1 
ATOM   134 O "O5'"  . G   A 1 5  ? 2.213   -12.597 5.765   1.00 0.00 ? 21   G   B "O5'"  1 
ATOM   135 C "C5'"  . G   A 1 5  ? 3.645   -12.646 5.692   1.00 0.00 ? 21   G   B "C5'"  1 
ATOM   136 C "C4'"  . G   A 1 5  ? 4.156   -12.529 4.264   1.00 0.00 ? 21   G   B "C4'"  1 
ATOM   137 O "O4'"  . G   A 1 5  ? 3.116   -12.740 3.322   1.00 0.00 ? 21   G   B "O4'"  1 
ATOM   138 C "C3'"  . G   A 1 5  ? 4.675   -11.127 3.981   1.00 0.00 ? 21   G   B "C3'"  1 
ATOM   139 O "O3'"  . G   A 1 5  ? 6.096   -11.138 4.136   1.00 0.00 ? 21   G   B "O3'"  1 
ATOM   140 C "C2'"  . G   A 1 5  ? 4.359   -10.888 2.503   1.00 0.00 ? 21   G   B "C2'"  1 
ATOM   141 O "O2'"  . G   A 1 5  ? 5.554   -10.884 1.713   1.00 0.00 ? 21   G   B "O2'"  1 
ATOM   142 C "C1'"  . G   A 1 5  ? 3.443   -12.053 2.114   1.00 0.00 ? 21   G   B "C1'"  1 
ATOM   143 N N9     . G   A 1 5  ? 2.226   -11.562 1.439   1.00 0.00 ? 21   G   B N9     1 
ATOM   144 C C8     . G   A 1 5  ? 0.958   -11.465 1.906   1.00 0.00 ? 21   G   B C8     1 
ATOM   145 N N7     . G   A 1 5  ? 0.060   -10.993 1.108   1.00 0.00 ? 21   G   B N7     1 
ATOM   146 C C5     . G   A 1 5  ? 0.810   -10.737 -0.045  1.00 0.00 ? 21   G   B C5     1 
ATOM   147 C C6     . G   A 1 5  ? 0.400   -10.204 -1.296  1.00 0.00 ? 21   G   B C6     1 
ATOM   148 O O6     . G   A 1 5  ? -0.710  -9.851  -1.639  1.00 0.00 ? 21   G   B O6     1 
ATOM   149 N N1     . G   A 1 5  ? 1.466   -10.110 -2.183  1.00 0.00 ? 21   G   B N1     1 
ATOM   150 C C2     . G   A 1 5  ? 2.767   -10.481 -1.906  1.00 0.00 ? 21   G   B C2     1 
ATOM   151 N N2     . G   A 1 5  ? 3.650   -10.316 -2.890  1.00 0.00 ? 21   G   B N2     1 
ATOM   152 N N3     . G   A 1 5  ? 3.160   -10.983 -0.730  1.00 0.00 ? 21   G   B N3     1 
ATOM   153 C C4     . G   A 1 5  ? 2.138   -11.084 0.151   1.00 0.00 ? 21   G   B C4     1 
ATOM   154 H "H5'"  . G   A 1 5  ? 3.991   -13.597 6.072   1.00 0.00 ? 21   G   B "H5'"  1 
ATOM   155 H "H5''" . G   A 1 5  ? 4.053   -11.831 6.306   1.00 0.00 ? 21   G   B "H5''" 1 
ATOM   156 H "H4'"  . G   A 1 5  ? 4.950   -13.255 4.097   1.00 0.00 ? 21   G   B "H4'"  1 
ATOM   157 H "H3'"  . G   A 1 5  ? 4.202   -10.383 4.622   1.00 0.00 ? 21   G   B "H3'"  1 
ATOM   158 H "H2'"  . G   A 1 5  ? 3.822   -9.942  2.388   1.00 0.00 ? 21   G   B "H2'"  1 
ATOM   159 H "HO2'" . G   A 1 5  ? 6.237   -11.320 2.228   1.00 0.00 ? 21   G   B "HO2'" 1 
ATOM   160 H "H1'"  . G   A 1 5  ? 3.978   -12.728 1.447   1.00 0.00 ? 21   G   B "H1'"  1 
ATOM   161 H H8     . G   A 1 5  ? 0.704   -11.774 2.920   1.00 0.00 ? 21   G   B H8     1 
ATOM   162 H H1     . G   A 1 5  ? 1.251   -9.736  -3.096  1.00 0.00 ? 21   G   B H1     1 
ATOM   163 H H21    . G   A 1 5  ? 3.351   -9.936  -3.777  1.00 0.00 ? 21   G   B H21    1 
ATOM   164 H H22    . G   A 1 5  ? 4.617   -10.569 -2.749  1.00 0.00 ? 21   G   B H22    1 
ATOM   165 P P      . A   A 1 6  ? 6.875   -9.820  4.633   1.00 0.00 ? 22   A   B P      1 
ATOM   166 O OP1    . A   A 1 6  ? 8.196   -10.232 5.159   1.00 0.00 ? 22   A   B OP1    1 
ATOM   167 O OP2    . A   A 1 6  ? 5.955   -9.032  5.484   1.00 0.00 ? 22   A   B OP2    1 
ATOM   168 O "O5'"  . A   A 1 6  ? 7.110   -9.011  3.261   1.00 0.00 ? 22   A   B "O5'"  1 
ATOM   169 C "C5'"  . A   A 1 6  ? 6.069   -8.202  2.707   1.00 0.00 ? 22   A   B "C5'"  1 
ATOM   170 C "C4'"  . A   A 1 6  ? 6.083   -8.239  1.181   1.00 0.00 ? 22   A   B "C4'"  1 
ATOM   171 O "O4'"  . A   A 1 6  ? 4.791   -8.520  0.660   1.00 0.00 ? 22   A   B "O4'"  1 
ATOM   172 C "C3'"  . A   A 1 6  ? 6.480   -6.884  0.600   1.00 0.00 ? 22   A   B "C3'"  1 
ATOM   173 O "O3'"  . A   A 1 6  ? 7.805   -6.998  0.075   1.00 0.00 ? 22   A   B "O3'"  1 
ATOM   174 C "C2'"  . A   A 1 6  ? 5.522   -6.651  -0.574  1.00 0.00 ? 22   A   B "C2'"  1 
ATOM   175 O "O2'"  . A   A 1 6  ? 6.241   -6.450  -1.796  1.00 0.00 ? 22   A   B "O2'"  1 
ATOM   176 C "C1'"  . A   A 1 6  ? 4.685   -7.927  -0.629  1.00 0.00 ? 22   A   B "C1'"  1 
ATOM   177 N N9     . A   A 1 6  ? 3.281   -7.624  -0.963  1.00 0.00 ? 22   A   B N9     1 
ATOM   178 C C8     . A   A 1 6  ? 2.154   -7.835  -0.240  1.00 0.00 ? 22   A   B C8     1 
ATOM   179 N N7     . A   A 1 6  ? 1.033   -7.471  -0.765  1.00 0.00 ? 22   A   B N7     1 
ATOM   180 C C5     . A   A 1 6  ? 1.451   -6.951  -1.992  1.00 0.00 ? 22   A   B C5     1 
ATOM   181 C C6     . A   A 1 6  ? 0.759   -6.380  -3.067  1.00 0.00 ? 22   A   B C6     1 
ATOM   182 N N6     . A   A 1 6  ? -0.565  -6.226  -3.080  1.00 0.00 ? 22   A   B N6     1 
ATOM   183 N N1     . A   A 1 6  ? 1.484   -5.973  -4.124  1.00 0.00 ? 22   A   B N1     1 
ATOM   184 C C2     . A   A 1 6  ? 2.810   -6.115  -4.129  1.00 0.00 ? 22   A   B C2     1 
ATOM   185 N N3     . A   A 1 6  ? 3.565   -6.640  -3.169  1.00 0.00 ? 22   A   B N3     1 
ATOM   186 C C4     . A   A 1 6  ? 2.818   -7.040  -2.121  1.00 0.00 ? 22   A   B C4     1 
ATOM   187 H "H5'"  . A   A 1 6  ? 6.203   -7.173  3.041   1.00 0.00 ? 22   A   B "H5'"  1 
ATOM   188 H "H5''" . A   A 1 6  ? 5.106   -8.568  3.061   1.00 0.00 ? 22   A   B "H5''" 1 
ATOM   189 H "H4'"  . A   A 1 6  ? 6.783   -9.002  0.840   1.00 0.00 ? 22   A   B "H4'"  1 
ATOM   190 H "H3'"  . A   A 1 6  ? 6.406   -6.089  1.343   1.00 0.00 ? 22   A   B "H3'"  1 
ATOM   191 H "H2'"  . A   A 1 6  ? 4.878   -5.795  -0.361  1.00 0.00 ? 22   A   B "H2'"  1 
ATOM   192 H "HO2'" . A   A 1 6  ? 6.024   -7.182  -2.378  1.00 0.00 ? 22   A   B "HO2'" 1 
ATOM   193 H "H1'"  . A   A 1 6  ? 5.101   -8.603  -1.377  1.00 0.00 ? 22   A   B "H1'"  1 
ATOM   194 H H8     . A   A 1 6  ? 2.194   -8.295  0.749   1.00 0.00 ? 22   A   B H8     1 
ATOM   195 H H61    . A   A 1 6  ? -1.016  -5.808  -3.881  1.00 0.00 ? 22   A   B H61    1 
ATOM   196 H H62    . A   A 1 6  ? -1.116  -6.528  -2.291  1.00 0.00 ? 22   A   B H62    1 
ATOM   197 H H2     . A   A 1 6  ? 3.333   -5.763  -5.019  1.00 0.00 ? 22   A   B H2     1 
ATOM   198 P P      . U   A 1 7  ? 8.750   -5.700  -0.045  1.00 0.00 ? 23   U   B P      1 
ATOM   199 O OP1    . U   A 1 7  ? 9.988   -6.092  -0.756  1.00 0.00 ? 23   U   B OP1    1 
ATOM   200 O OP2    . U   A 1 7  ? 8.835   -5.064  1.288   1.00 0.00 ? 23   U   B OP2    1 
ATOM   201 O "O5'"  . U   A 1 7  ? 7.899   -4.733  -1.012  1.00 0.00 ? 23   U   B "O5'"  1 
ATOM   202 C "C5'"  . U   A 1 7  ? 7.439   -3.462  -0.545  1.00 0.00 ? 23   U   B "C5'"  1 
ATOM   203 C "C4'"  . U   A 1 7  ? 8.446   -2.357  -0.849  1.00 0.00 ? 23   U   B "C4'"  1 
ATOM   204 O "O4'"  . U   A 1 7  ? 8.157   -1.735  -2.102  1.00 0.00 ? 23   U   B "O4'"  1 
ATOM   205 C "C3'"  . U   A 1 7  ? 8.396   -1.262  0.218   1.00 0.00 ? 23   U   B "C3'"  1 
ATOM   206 O "O3'"  . U   A 1 7  ? 9.700   -1.149  0.793   1.00 0.00 ? 23   U   B "O3'"  1 
ATOM   207 C "C2'"  . U   A 1 7  ? 8.104   0.033   -0.538  1.00 0.00 ? 23   U   B "C2'"  1 
ATOM   208 O "O2'"  . U   A 1 7  ? 9.287   0.825   -0.689  1.00 0.00 ? 23   U   B "O2'"  1 
ATOM   209 C "C1'"  . U   A 1 7  ? 7.585   -0.447  -1.889  1.00 0.00 ? 23   U   B "C1'"  1 
ATOM   210 N N1     . U   A 1 7  ? 6.105   -0.506  -1.920  1.00 0.00 ? 23   U   B N1     1 
ATOM   211 C C2     . U   A 1 7  ? 5.478   -0.023  -3.054  1.00 0.00 ? 23   U   B C2     1 
ATOM   212 O O2     . U   A 1 7  ? 6.101   0.433   -3.992  1.00 0.00 ? 23   U   B O2     1 
ATOM   213 N N3     . U   A 1 7  ? 4.096   -0.088  -3.061  1.00 0.00 ? 23   U   B N3     1 
ATOM   214 C C4     . U   A 1 7  ? 3.297   -0.588  -2.047  1.00 0.00 ? 23   U   B C4     1 
ATOM   215 O O4     . U   A 1 7  ? 2.087   -0.595  -2.159  1.00 0.00 ? 23   U   B O4     1 
ATOM   216 C C5     . U   A 1 7  ? 4.034   -1.070  -0.901  1.00 0.00 ? 23   U   B C5     1 
ATOM   217 C C6     . U   A 1 7  ? 5.388   -1.017  -0.871  1.00 0.00 ? 23   U   B C6     1 
ATOM   218 H "H5'"  . U   A 1 7  ? 7.281   -3.514  0.531   1.00 0.00 ? 23   U   B "H5'"  1 
ATOM   219 H "H5''" . U   A 1 7  ? 6.493   -3.226  -1.033  1.00 0.00 ? 23   U   B "H5''" 1 
ATOM   220 H "H4'"  . U   A 1 7  ? 9.448   -2.782  -0.882  1.00 0.00 ? 23   U   B "H4'"  1 
ATOM   221 H "H3'"  . U   A 1 7  ? 7.639   -1.468  0.974   1.00 0.00 ? 23   U   B "H3'"  1 
ATOM   222 H "H2'"  . U   A 1 7  ? 7.324   0.598   -0.021  1.00 0.00 ? 23   U   B "H2'"  1 
ATOM   223 H "HO2'" . U   A 1 7  ? 9.013   1.744   -0.722  1.00 0.00 ? 23   U   B "HO2'" 1 
ATOM   224 H "H1'"  . U   A 1 7  ? 7.933   0.233   -2.668  1.00 0.00 ? 23   U   B "H1'"  1 
ATOM   225 H H3     . U   A 1 7  ? 3.626   0.268   -3.882  1.00 0.00 ? 23   U   B H3     1 
ATOM   226 H H5     . U   A 1 7  ? 3.494   -1.478  -0.047  1.00 0.00 ? 23   U   B H5     1 
ATOM   227 H H6     . U   A 1 7  ? 5.916   -1.391  0.006   1.00 0.00 ? 23   U   B H6     1 
ATOM   228 P P      . C   A 1 8  ? 10.119  -2.052  2.059   1.00 0.00 ? 24   C   B P      1 
ATOM   229 O OP1    . C   A 1 8  ? 8.883   -2.580  2.680   1.00 0.00 ? 24   C   B OP1    1 
ATOM   230 O OP2    . C   A 1 8  ? 11.087  -1.286  2.875   1.00 0.00 ? 24   C   B OP2    1 
ATOM   231 O "O5'"  . C   A 1 8  ? 10.901  -3.280  1.371   1.00 0.00 ? 24   C   B "O5'"  1 
ATOM   232 C "C5'"  . C   A 1 8  ? 12.303  -3.190  1.104   1.00 0.00 ? 24   C   B "C5'"  1 
ATOM   233 C "C4'"  . C   A 1 8  ? 12.574  -2.546  -0.253  1.00 0.00 ? 24   C   B "C4'"  1 
ATOM   234 O "O4'"  . C   A 1 8  ? 12.799  -1.139  -0.123  1.00 0.00 ? 24   C   B "O4'"  1 
ATOM   235 C "C3'"  . C   A 1 8  ? 13.836  -3.113  -0.884  1.00 0.00 ? 24   C   B "C3'"  1 
ATOM   236 O "O3'"  . C   A 1 8  ? 13.461  -4.174  -1.767  1.00 0.00 ? 24   C   B "O3'"  1 
ATOM   237 C "C2'"  . C   A 1 8  ? 14.359  -1.958  -1.719  1.00 0.00 ? 24   C   B "C2'"  1 
ATOM   238 O "O2'"  . C   A 1 8  ? 13.773  -1.948  -3.026  1.00 0.00 ? 24   C   B "O2'"  1 
ATOM   239 C "C1'"  . C   A 1 8  ? 13.932  -0.738  -0.908  1.00 0.00 ? 24   C   B "C1'"  1 
ATOM   240 N N1     . C   A 1 8  ? 15.035  -0.266  -0.045  1.00 0.00 ? 24   C   B N1     1 
ATOM   241 C C2     . C   A 1 8  ? 15.578  0.983   -0.316  1.00 0.00 ? 24   C   B C2     1 
ATOM   242 O O2     . C   A 1 8  ? 15.144  1.652   -1.235  1.00 0.00 ? 24   C   B O2     1 
ATOM   243 N N3     . C   A 1 8  ? 16.596  1.428   0.469   1.00 0.00 ? 24   C   B N3     1 
ATOM   244 C C4     . C   A 1 8  ? 17.065  0.682   1.478   1.00 0.00 ? 24   C   B C4     1 
ATOM   245 N N4     . C   A 1 8  ? 18.065  1.148   2.225   1.00 0.00 ? 24   C   B N4     1 
ATOM   246 C C5     . C   A 1 8  ? 16.509  -0.605  1.762   1.00 0.00 ? 24   C   B C5     1 
ATOM   247 C C6     . C   A 1 8  ? 15.501  -1.038  0.981   1.00 0.00 ? 24   C   B C6     1 
ATOM   248 H "H5'"  . C   A 1 8  ? 12.732  -4.191  1.114   1.00 0.00 ? 24   C   B "H5'"  1 
ATOM   249 H "H5''" . C   A 1 8  ? 12.775  -2.592  1.883   1.00 0.00 ? 24   C   B "H5''" 1 
ATOM   250 H "H4'"  . C   A 1 8  ? 11.726  -2.716  -0.914  1.00 0.00 ? 24   C   B "H4'"  1 
ATOM   251 H "H3'"  . C   A 1 8  ? 14.559  -3.436  -0.135  1.00 0.00 ? 24   C   B "H3'"  1 
ATOM   252 H "H2'"  . C   A 1 8  ? 15.450  -2.003  -1.781  1.00 0.00 ? 24   C   B "H2'"  1 
ATOM   253 H "HO2'" . C   A 1 8  ? 14.462  -1.697  -3.646  1.00 0.00 ? 24   C   B "HO2'" 1 
ATOM   254 H "H1'"  . C   A 1 8  ? 13.638  0.062   -1.587  1.00 0.00 ? 24   C   B "H1'"  1 
ATOM   255 H H41    . C   A 1 8  ? 18.462  2.056   2.030   1.00 0.00 ? 24   C   B H41    1 
ATOM   256 H H42    . C   A 1 8  ? 18.427  0.592   2.988   1.00 0.00 ? 24   C   B H42    1 
ATOM   257 H H5     . C   A 1 8  ? 16.887  -1.213  2.582   1.00 0.00 ? 24   C   B H5     1 
ATOM   258 H H6     . C   A 1 8  ? 15.052  -2.013  1.170   1.00 0.00 ? 24   C   B H6     1 
ATOM   259 P P      . U   A 1 9  ? 14.078  -5.649  -1.577  1.00 0.00 ? 25   U   B P      1 
ATOM   260 O OP1    . U   A 1 9  ? 13.092  -6.472  -0.841  1.00 0.00 ? 25   U   B OP1    1 
ATOM   261 O OP2    . U   A 1 9  ? 15.458  -5.512  -1.059  1.00 0.00 ? 25   U   B OP2    1 
ATOM   262 O "O5'"  . U   A 1 9  ? 14.160  -6.194  -3.090  1.00 0.00 ? 25   U   B "O5'"  1 
ATOM   263 C "C5'"  . U   A 1 9  ? 13.127  -7.031  -3.616  1.00 0.00 ? 25   U   B "C5'"  1 
ATOM   264 C "C4'"  . U   A 1 9  ? 12.307  -6.307  -4.679  1.00 0.00 ? 25   U   B "C4'"  1 
ATOM   265 O "O4'"  . U   A 1 9  ? 11.980  -7.186  -5.762  1.00 0.00 ? 25   U   B "O4'"  1 
ATOM   266 C "C3'"  . U   A 1 9  ? 10.982  -5.808  -4.101  1.00 0.00 ? 25   U   B "C3'"  1 
ATOM   267 O "O3'"  . U   A 1 9  ? 10.754  -4.484  -4.591  1.00 0.00 ? 25   U   B "O3'"  1 
ATOM   268 C "C2'"  . U   A 1 9  ? 9.932   -6.726  -4.710  1.00 0.00 ? 25   U   B "C2'"  1 
ATOM   269 O "O2'"  . U   A 1 9  ? 8.694   -6.038  -4.923  1.00 0.00 ? 25   U   B "O2'"  1 
ATOM   270 C "C1'"  . U   A 1 9  ? 10.577  -7.133  -6.023  1.00 0.00 ? 25   U   B "C1'"  1 
ATOM   271 N N1     . U   A 1 9  ? 10.070  -8.439  -6.483  1.00 0.00 ? 25   U   B N1     1 
ATOM   272 C C2     . U   A 1 9  ? 9.078   -8.434  -7.446  1.00 0.00 ? 25   U   B C2     1 
ATOM   273 O O2     . U   A 1 9  ? 8.630   -7.403  -7.908  1.00 0.00 ? 25   U   B O2     1 
ATOM   274 N N3     . U   A 1 9  ? 8.623   -9.674  -7.856  1.00 0.00 ? 25   U   B N3     1 
ATOM   275 C C4     . U   A 1 9  ? 9.067   -10.902 -7.393  1.00 0.00 ? 25   U   B C4     1 
ATOM   276 O O4     . U   A 1 9  ? 8.594   -11.934 -7.824  1.00 0.00 ? 25   U   B O4     1 
ATOM   277 C C5     . U   A 1 9  ? 10.102  -10.812 -6.389  1.00 0.00 ? 25   U   B C5     1 
ATOM   278 C C6     . U   A 1 9  ? 10.565  -9.608  -5.971  1.00 0.00 ? 25   U   B C6     1 
ATOM   279 H "H5'"  . U   A 1 9  ? 12.467  -7.335  -2.803  1.00 0.00 ? 25   U   B "H5'"  1 
ATOM   280 H "H5''" . U   A 1 9  ? 13.579  -7.919  -4.059  1.00 0.00 ? 25   U   B "H5''" 1 
ATOM   281 H "H4'"  . U   A 1 9  ? 12.877  -5.462  -5.062  1.00 0.00 ? 25   U   B "H4'"  1 
ATOM   282 H "H3'"  . U   A 1 9  ? 10.974  -5.848  -3.012  1.00 0.00 ? 25   U   B "H3'"  1 
ATOM   283 H "H2'"  . U   A 1 9  ? 9.787   -7.604  -4.075  1.00 0.00 ? 25   U   B "H2'"  1 
ATOM   284 H "HO2'" . U   A 1 9  ? 8.743   -5.626  -5.789  1.00 0.00 ? 25   U   B "HO2'" 1 
ATOM   285 H "H1'"  . U   A 1 9  ? 10.374  -6.375  -6.780  1.00 0.00 ? 25   U   B "H1'"  1 
ATOM   286 H H3     . U   A 1 9  ? 7.898   -9.686  -8.559  1.00 0.00 ? 25   U   B H3     1 
ATOM   287 H H5     . U   A 1 9  ? 10.518  -11.725 -5.961  1.00 0.00 ? 25   U   B H5     1 
ATOM   288 H H6     . U   A 1 9  ? 11.347  -9.570  -5.213  1.00 0.00 ? 25   U   B H6     1 
ATOM   289 P P      . G   A 1 10 ? 10.079  -3.368  -3.647  1.00 0.00 ? 26   G   B P      1 
ATOM   290 O OP1    . G   A 1 10 ? 10.821  -3.334  -2.365  1.00 0.00 ? 26   G   B OP1    1 
ATOM   291 O OP2    . G   A 1 10 ? 8.616   -3.584  -3.646  1.00 0.00 ? 26   G   B OP2    1 
ATOM   292 O "O5'"  . G   A 1 10 ? 10.387  -2.002  -4.442  1.00 0.00 ? 26   G   B "O5'"  1 
ATOM   293 C "C5'"  . G   A 1 10 ? 9.364   -1.010  -4.606  1.00 0.00 ? 26   G   B "C5'"  1 
ATOM   294 C "C4'"  . G   A 1 10 ? 8.974   -0.817  -6.063  1.00 0.00 ? 26   G   B "C4'"  1 
ATOM   295 O "O4'"  . G   A 1 10 ? 8.237   -1.946  -6.553  1.00 0.00 ? 26   G   B "O4'"  1 
ATOM   296 C "C3'"  . G   A 1 10 ? 8.064   0.394   -6.228  1.00 0.00 ? 26   G   B "C3'"  1 
ATOM   297 O "O3'"  . G   A 1 10 ? 8.851   1.486   -6.710  1.00 0.00 ? 26   G   B "O3'"  1 
ATOM   298 C "C2'"  . G   A 1 10 ? 7.106   -0.025  -7.328  1.00 0.00 ? 26   G   B "C2'"  1 
ATOM   299 O "O2'"  . G   A 1 10 ? 7.639   0.263   -8.627  1.00 0.00 ? 26   G   B "O2'"  1 
ATOM   300 C "C1'"  . G   A 1 10 ? 6.981   -1.521  -7.095  1.00 0.00 ? 26   G   B "C1'"  1 
ATOM   301 N N9     . G   A 1 10 ? 5.873   -1.823  -6.170  1.00 0.00 ? 26   G   B N9     1 
ATOM   302 C C8     . G   A 1 10 ? 5.909   -2.309  -4.905  1.00 0.00 ? 26   G   B C8     1 
ATOM   303 N N7     . G   A 1 10 ? 4.783   -2.482  -4.299  1.00 0.00 ? 26   G   B N7     1 
ATOM   304 C C5     . G   A 1 10 ? 3.868   -2.064  -5.271  1.00 0.00 ? 26   G   B C5     1 
ATOM   305 C C6     . G   A 1 10 ? 2.449   -2.009  -5.222  1.00 0.00 ? 26   G   B C6     1 
ATOM   306 O O6     . G   A 1 10 ? 1.714   -2.316  -4.305  1.00 0.00 ? 26   G   B O6     1 
ATOM   307 N N1     . G   A 1 10 ? 1.915   -1.531  -6.413  1.00 0.00 ? 26   G   B N1     1 
ATOM   308 C C2     . G   A 1 10 ? 2.651   -1.150  -7.516  1.00 0.00 ? 26   G   B C2     1 
ATOM   309 N N2     . G   A 1 10 ? 1.954   -0.725  -8.571  1.00 0.00 ? 26   G   B N2     1 
ATOM   310 N N3     . G   A 1 10 ? 3.986   -1.196  -7.571  1.00 0.00 ? 26   G   B N3     1 
ATOM   311 C C4     . G   A 1 10 ? 4.528   -1.661  -6.421  1.00 0.00 ? 26   G   B C4     1 
ATOM   312 H "H5'"  . G   A 1 10 ? 9.728   -0.056  -4.249  1.00 0.00 ? 26   G   B "H5'"  1 
ATOM   313 H "H5''" . G   A 1 10 ? 8.487   -1.316  -4.020  1.00 0.00 ? 26   G   B "H5''" 1 
ATOM   314 H "H4'"  . G   A 1 10 ? 9.872   -0.684  -6.665  1.00 0.00 ? 26   G   B "H4'"  1 
ATOM   315 H "H3'"  . G   A 1 10 ? 7.540   0.641   -5.304  1.00 0.00 ? 26   G   B "H3'"  1 
ATOM   316 H "H2'"  . G   A 1 10 ? 6.138   0.458   -7.188  1.00 0.00 ? 26   G   B "H2'"  1 
ATOM   317 H "HO2'" . G   A 1 10 ? 7.171   -0.290  -9.256  1.00 0.00 ? 26   G   B "HO2'" 1 
ATOM   318 H "H1'"  . G   A 1 10 ? 6.806   -2.020  -8.044  1.00 0.00 ? 26   G   B "H1'"  1 
ATOM   319 H H8     . G   A 1 10 ? 6.855   -2.543  -4.417  1.00 0.00 ? 26   G   B H8     1 
ATOM   320 H H1     . G   A 1 10 ? 0.909   -1.462  -6.452  1.00 0.00 ? 26   G   B H1     1 
ATOM   321 H H21    . G   A 1 10 ? 0.946   -0.690  -8.529  1.00 0.00 ? 26   G   B H21    1 
ATOM   322 H H22    . G   A 1 10 ? 2.434   -0.441  -9.412  1.00 0.00 ? 26   G   B H22    1 
ATOM   323 P P      . A   A 1 11 ? 8.479   3.001   -6.309  1.00 0.00 ? 27   A   B P      1 
ATOM   324 O OP1    . A   A 1 11 ? 9.556   3.888   -6.801  1.00 0.00 ? 27   A   B OP1    1 
ATOM   325 O OP2    . A   A 1 11 ? 8.101   3.021   -4.879  1.00 0.00 ? 27   A   B OP2    1 
ATOM   326 O "O5'"  . A   A 1 11 ? 7.157   3.281   -7.184  1.00 0.00 ? 27   A   B "O5'"  1 
ATOM   327 C "C5'"  . A   A 1 11 ? 7.245   3.987   -8.425  1.00 0.00 ? 27   A   B "C5'"  1 
ATOM   328 C "C4'"  . A   A 1 11 ? 6.028   3.726   -9.308  1.00 0.00 ? 27   A   B "C4'"  1 
ATOM   329 O "O4'"  . A   A 1 11 ? 5.386   2.499   -8.959  1.00 0.00 ? 27   A   B "O4'"  1 
ATOM   330 C "C3'"  . A   A 1 11 ? 4.979   4.808   -9.123  1.00 0.00 ? 27   A   B "C3'"  1 
ATOM   331 O "O3'"  . A   A 1 11 ? 5.187   5.807   -10.127 1.00 0.00 ? 27   A   B "O3'"  1 
ATOM   332 C "C2'"  . A   A 1 11 ? 3.671   4.093   -9.422  1.00 0.00 ? 27   A   B "C2'"  1 
ATOM   333 O "O2'"  . A   A 1 11 ? 3.328   4.191   -10.808 1.00 0.00 ? 27   A   B "O2'"  1 
ATOM   334 C "C1'"  . A   A 1 11 ? 3.959   2.645   -9.024  1.00 0.00 ? 27   A   B "C1'"  1 
ATOM   335 N N9     . A   A 1 11 ? 3.341   2.311   -7.726  1.00 0.00 ? 27   A   B N9     1 
ATOM   336 C C8     . A   A 1 11 ? 3.931   1.932   -6.566  1.00 0.00 ? 27   A   B C8     1 
ATOM   337 N N7     . A   A 1 11 ? 3.163   1.633   -5.575  1.00 0.00 ? 27   A   B N7     1 
ATOM   338 C C5     . A   A 1 11 ? 1.897   1.839   -6.127  1.00 0.00 ? 27   A   B C5     1 
ATOM   339 C C6     . A   A 1 11 ? 0.605   1.705   -5.606  1.00 0.00 ? 27   A   B C6     1 
ATOM   340 N N6     . A   A 1 11 ? 0.359   1.297   -4.360  1.00 0.00 ? 27   A   B N6     1 
ATOM   341 N N1     . A   A 1 11 ? -0.425  1.992   -6.422  1.00 0.00 ? 27   A   B N1     1 
ATOM   342 C C2     . A   A 1 11 ? -0.202  2.388   -7.677  1.00 0.00 ? 27   A   B C2     1 
ATOM   343 N N3     . A   A 1 11 ? 0.979   2.547   -8.273  1.00 0.00 ? 27   A   B N3     1 
ATOM   344 C C4     . A   A 1 11 ? 1.994   2.254   -7.436  1.00 0.00 ? 27   A   B C4     1 
ATOM   345 H "H5'"  . A   A 1 11 ? 8.143   3.666   -8.954  1.00 0.00 ? 27   A   B "H5'"  1 
ATOM   346 H "H5''" . A   A 1 11 ? 7.314   5.055   -8.221  1.00 0.00 ? 27   A   B "H5''" 1 
ATOM   347 H "H4'"  . A   A 1 11 ? 6.336   3.688   -10.352 1.00 0.00 ? 27   A   B "H4'"  1 
ATOM   348 H "H3'"  . A   A 1 11 ? 4.997   5.226   -8.117  1.00 0.00 ? 27   A   B "H3'"  1 
ATOM   349 H "H2'"  . A   A 1 11 ? 2.873   4.499   -8.796  1.00 0.00 ? 27   A   B "H2'"  1 
ATOM   350 H "HO2'" . A   A 1 11 ? 3.065   3.315   -11.100 1.00 0.00 ? 27   A   B "HO2'" 1 
ATOM   351 H "H1'"  . A   A 1 11 ? 3.565   1.978   -9.791  1.00 0.00 ? 27   A   B "H1'"  1 
ATOM   352 H H8     . A   A 1 11 ? 5.014   1.901   -6.470  1.00 0.00 ? 27   A   B H8     1 
ATOM   353 H H61    . A   A 1 11 ? -0.593  1.215   -4.034  1.00 0.00 ? 27   A   B H61    1 
ATOM   354 H H62    . A   A 1 11 ? 1.124   1.067   -3.743  1.00 0.00 ? 27   A   B H62    1 
ATOM   355 H H2     . A   A 1 11 ? -1.084  2.612   -8.277  1.00 0.00 ? 27   A   B H2     1 
ATOM   356 P P      . G   A 1 12 ? 4.693   7.321   -9.891  1.00 0.00 ? 28   G   B P      1 
ATOM   357 O OP1    . G   A 1 12 ? 5.149   8.140   -11.038 1.00 0.00 ? 28   G   B OP1    1 
ATOM   358 O OP2    . G   A 1 12 ? 5.053   7.716   -8.512  1.00 0.00 ? 28   G   B OP2    1 
ATOM   359 O "O5'"  . G   A 1 12 ? 3.091   7.182   -9.976  1.00 0.00 ? 28   G   B "O5'"  1 
ATOM   360 C "C5'"  . G   A 1 12 ? 2.465   6.739   -11.187 1.00 0.00 ? 28   G   B "C5'"  1 
ATOM   361 C "C4'"  . G   A 1 12 ? 0.987   6.440   -10.996 1.00 0.00 ? 28   G   B "C4'"  1 
ATOM   362 O "O4'"  . G   A 1 12 ? 0.784   5.435   -10.012 1.00 0.00 ? 28   G   B "O4'"  1 
ATOM   363 C "C3'"  . G   A 1 12 ? 0.241   7.651   -10.472 1.00 0.00 ? 28   G   B "C3'"  1 
ATOM   364 O "O3'"  . G   A 1 12 ? -0.217  8.417   -11.590 1.00 0.00 ? 28   G   B "O3'"  1 
ATOM   365 C "C2'"  . G   A 1 12 ? -0.969  7.041   -9.779  1.00 0.00 ? 28   G   B "C2'"  1 
ATOM   366 O "O2'"  . G   A 1 12 ? -2.093  6.967   -10.664 1.00 0.00 ? 28   G   B "O2'"  1 
ATOM   367 C "C1'"  . G   A 1 12 ? -0.483  5.642   -9.375  1.00 0.00 ? 28   G   B "C1'"  1 
ATOM   368 N N9     . G   A 1 12 ? -0.363  5.536   -7.909  1.00 0.00 ? 28   G   B N9     1 
ATOM   369 C C8     . G   A 1 12 ? 0.746   5.521   -7.129  1.00 0.00 ? 28   G   B C8     1 
ATOM   370 N N7     . G   A 1 12 ? 0.578   5.449   -5.851  1.00 0.00 ? 28   G   B N7     1 
ATOM   371 C C5     . G   A 1 12 ? -0.817  5.409   -5.749  1.00 0.00 ? 28   G   B C5     1 
ATOM   372 C C6     . G   A 1 12 ? -1.641  5.328   -4.597  1.00 0.00 ? 28   G   B C6     1 
ATOM   373 O O6     . G   A 1 12 ? -1.304  5.281   -3.430  1.00 0.00 ? 28   G   B O6     1 
ATOM   374 N N1     . G   A 1 12 ? -2.989  5.311   -4.934  1.00 0.00 ? 28   G   B N1     1 
ATOM   375 C C2     . G   A 1 12 ? -3.487  5.365   -6.221  1.00 0.00 ? 28   G   B C2     1 
ATOM   376 N N2     . G   A 1 12 ? -4.813  5.328   -6.341  1.00 0.00 ? 28   G   B N2     1 
ATOM   377 N N3     . G   A 1 12 ? -2.718  5.442   -7.311  1.00 0.00 ? 28   G   B N3     1 
ATOM   378 C C4     . G   A 1 12 ? -1.400  5.460   -7.007  1.00 0.00 ? 28   G   B C4     1 
ATOM   379 H "H5'"  . G   A 1 12 ? 2.930   5.822   -11.518 1.00 0.00 ? 28   G   B "H5'"  1 
ATOM   380 H "H5''" . G   A 1 12 ? 2.595   7.519   -11.952 1.00 0.00 ? 28   G   B "H5''" 1 
ATOM   381 H "H4'"  . G   A 1 12 ? 0.547   6.115   -11.937 1.00 0.00 ? 28   G   B "H4'"  1 
ATOM   382 H "H3'"  . G   A 1 12 ? 0.850   8.242   -9.788  1.00 0.00 ? 28   G   B "H3'"  1 
ATOM   383 H "H2'"  . G   A 1 12 ? -1.217  7.619   -8.886  1.00 0.00 ? 28   G   B "H2'"  1 
ATOM   384 H "HO2'" . G   A 1 12 ? -2.875  6.834   -10.121 1.00 0.00 ? 28   G   B "HO2'" 1 
ATOM   385 H "H1'"  . G   A 1 12 ? -1.191  4.898   -9.737  1.00 0.00 ? 28   G   B "H1'"  1 
ATOM   386 H H8     . G   A 1 12 ? 1.744   5.565   -7.564  1.00 0.00 ? 28   G   B H8     1 
ATOM   387 H H1     . G   A 1 12 ? -3.637  5.261   -4.163  1.00 0.00 ? 28   G   B H1     1 
ATOM   388 H H21    . G   A 1 12 ? -5.395  5.275   -5.517  1.00 0.00 ? 28   G   B H21    1 
ATOM   389 H H22    . G   A 1 12 ? -5.238  5.359   -7.257  1.00 0.00 ? 28   G   B H22    1 
ATOM   390 P P      . C   A 1 13 ? -0.481  9.999   -11.446 1.00 0.00 ? 29   C   B P      1 
ATOM   391 O OP1    . C   A 1 13 ? -0.790  10.541  -12.788 1.00 0.00 ? 29   C   B OP1    1 
ATOM   392 O OP2    . C   A 1 13 ? 0.622   10.582  -10.651 1.00 0.00 ? 29   C   B OP2    1 
ATOM   393 O "O5'"  . C   A 1 13 ? -1.824  10.052  -10.559 1.00 0.00 ? 29   C   B "O5'"  1 
ATOM   394 C "C5'"  . C   A 1 13 ? -3.106  9.934   -11.182 1.00 0.00 ? 29   C   B "C5'"  1 
ATOM   395 C "C4'"  . C   A 1 13 ? -4.241  10.136  -10.182 1.00 0.00 ? 29   C   B "C4'"  1 
ATOM   396 O "O4'"  . C   A 1 13 ? -4.188  9.167   -9.135  1.00 0.00 ? 29   C   B "O4'"  1 
ATOM   397 C "C3'"  . C   A 1 13 ? -4.133  11.486  -9.496  1.00 0.00 ? 29   C   B "C3'"  1 
ATOM   398 O "O3'"  . C   A 1 13 ? -4.916  12.430  -10.233 1.00 0.00 ? 29   C   B "O3'"  1 
ATOM   399 C "C2'"  . C   A 1 13 ? -4.809  11.250  -8.156  1.00 0.00 ? 29   C   B "C2'"  1 
ATOM   400 O "O2'"  . C   A 1 13 ? -6.217  11.494  -8.229  1.00 0.00 ? 29   C   B "O2'"  1 
ATOM   401 C "C1'"  . C   A 1 13 ? -4.512  9.777   -7.875  1.00 0.00 ? 29   C   B "C1'"  1 
ATOM   402 N N1     . C   A 1 13 ? -3.395  9.639   -6.920  1.00 0.00 ? 29   C   B N1     1 
ATOM   403 C C2     . C   A 1 13 ? -3.694  9.695   -5.565  1.00 0.00 ? 29   C   B C2     1 
ATOM   404 O O2     . C   A 1 13 ? -4.843  9.851   -5.196  1.00 0.00 ? 29   C   B O2     1 
ATOM   405 N N3     . C   A 1 13 ? -2.673  9.571   -4.674  1.00 0.00 ? 29   C   B N3     1 
ATOM   406 C C4     . C   A 1 13 ? -1.412  9.399   -5.091  1.00 0.00 ? 29   C   B C4     1 
ATOM   407 N N4     . C   A 1 13 ? -0.435  9.281   -4.191  1.00 0.00 ? 29   C   B N4     1 
ATOM   408 C C5     . C   A 1 13 ? -1.099  9.341   -6.485  1.00 0.00 ? 29   C   B C5     1 
ATOM   409 C C6     . C   A 1 13 ? -2.116  9.465   -7.361  1.00 0.00 ? 29   C   B C6     1 
ATOM   410 H "H5'"  . C   A 1 13 ? -3.196  8.944   -11.627 1.00 0.00 ? 29   C   B "H5'"  1 
ATOM   411 H "H5''" . C   A 1 13 ? -3.189  10.686  -11.969 1.00 0.00 ? 29   C   B "H5''" 1 
ATOM   412 H "H4'"  . C   A 1 13 ? -5.198  10.061  -10.696 1.00 0.00 ? 29   C   B "H4'"  1 
ATOM   413 H "H3'"  . C   A 1 13 ? -3.098  11.806  -9.383  1.00 0.00 ? 29   C   B "H3'"  1 
ATOM   414 H "H2'"  . C   A 1 13 ? -4.345  11.877  -7.389  1.00 0.00 ? 29   C   B "H2'"  1 
ATOM   415 H "HO2'" . C   A 1 13 ? -6.341  12.446  -8.260  1.00 0.00 ? 29   C   B "HO2'" 1 
ATOM   416 H "H1'"  . C   A 1 13 ? -5.400  9.301   -7.461  1.00 0.00 ? 29   C   B "H1'"  1 
ATOM   417 H H41    . C   A 1 13 ? -0.649  9.321   -3.206  1.00 0.00 ? 29   C   B H41    1 
ATOM   418 H H42    . C   A 1 13 ? 0.520   9.153   -4.496  1.00 0.00 ? 29   C   B H42    1 
ATOM   419 H H5     . C   A 1 13 ? -0.074  9.201   -6.828  1.00 0.00 ? 29   C   B H5     1 
ATOM   420 H H6     . C   A 1 13 ? -1.914  9.429   -8.431  1.00 0.00 ? 29   C   B H6     1 
ATOM   421 P P      . C   A 1 14 ? -4.509  13.986  -10.256 1.00 0.00 ? 30   C   B P      1 
ATOM   422 O OP1    . C   A 1 14 ? -5.401  14.684  -11.208 1.00 0.00 ? 30   C   B OP1    1 
ATOM   423 O OP2    . C   A 1 14 ? -3.040  14.080  -10.418 1.00 0.00 ? 30   C   B OP2    1 
ATOM   424 O "O5'"  . C   A 1 14 ? -4.883  14.471  -8.767  1.00 0.00 ? 30   C   B "O5'"  1 
ATOM   425 C "C5'"  . C   A 1 14 ? -4.259  15.627  -8.201  1.00 0.00 ? 30   C   B "C5'"  1 
ATOM   426 C "C4'"  . C   A 1 14 ? -4.056  15.476  -6.696  1.00 0.00 ? 30   C   B "C4'"  1 
ATOM   427 O "O4'"  . C   A 1 14 ? -3.441  14.219  -6.384  1.00 0.00 ? 30   C   B "O4'"  1 
ATOM   428 C "C3'"  . C   A 1 14 ? -3.127  16.563  -6.162  1.00 0.00 ? 30   C   B "C3'"  1 
ATOM   429 O "O3'"  . C   A 1 14 ? -3.917  17.512  -5.440  1.00 0.00 ? 30   C   B "O3'"  1 
ATOM   430 C "C2'"  . C   A 1 14 ? -2.236  15.835  -5.168  1.00 0.00 ? 30   C   B "C2'"  1 
ATOM   431 O "O2'"  . C   A 1 14 ? -2.808  15.828  -3.855  1.00 0.00 ? 30   C   B "O2'"  1 
ATOM   432 C "C1'"  . C   A 1 14 ? -2.174  14.436  -5.757  1.00 0.00 ? 30   C   B "C1'"  1 
ATOM   433 N N1     . C   A 1 14 ? -1.069  14.317  -6.730  1.00 0.00 ? 30   C   B N1     1 
ATOM   434 C C2     . C   A 1 14 ? 0.225   14.512  -6.266  1.00 0.00 ? 30   C   B C2     1 
ATOM   435 O O2     . C   A 1 14 ? 0.423   14.771  -5.094  1.00 0.00 ? 30   C   B O2     1 
ATOM   436 N N3     . C   A 1 14 ? 1.252   14.405  -7.153  1.00 0.00 ? 30   C   B N3     1 
ATOM   437 C C4     . C   A 1 14 ? 1.022   14.119  -8.442  1.00 0.00 ? 30   C   B C4     1 
ATOM   438 N N4     . C   A 1 14 ? 2.051   14.022  -9.283  1.00 0.00 ? 30   C   B N4     1 
ATOM   439 C C5     . C   A 1 14 ? -0.309  13.916  -8.925  1.00 0.00 ? 30   C   B C5     1 
ATOM   440 C C6     . C   A 1 14 ? -1.318  14.024  -8.040  1.00 0.00 ? 30   C   B C6     1 
ATOM   441 H "H5'"  . C   A 1 14 ? -4.886  16.498  -8.390  1.00 0.00 ? 30   C   B "H5'"  1 
ATOM   442 H "H5''" . C   A 1 14 ? -3.290  15.777  -8.677  1.00 0.00 ? 30   C   B "H5''" 1 
ATOM   443 H "H4'"  . C   A 1 14 ? -5.019  15.540  -6.192  1.00 0.00 ? 30   C   B "H4'"  1 
ATOM   444 H "H3'"  . C   A 1 14 ? -2.549  17.033  -6.957  1.00 0.00 ? 30   C   B "H3'"  1 
ATOM   445 H "H2'"  . C   A 1 14 ? -1.239  16.284  -5.159  1.00 0.00 ? 30   C   B "H2'"  1 
ATOM   446 H "HO2'" . C   A 1 14 ? -2.663  16.699  -3.476  1.00 0.00 ? 30   C   B "HO2'" 1 
ATOM   447 H "H1'"  . C   A 1 14 ? -2.033  13.709  -4.956  1.00 0.00 ? 30   C   B "H1'"  1 
ATOM   448 H H41    . C   A 1 14 ? 2.993   14.163  -8.948  1.00 0.00 ? 30   C   B H41    1 
ATOM   449 H H42    . C   A 1 14 ? 1.889   13.806  -10.257 1.00 0.00 ? 30   C   B H42    1 
ATOM   450 H H5     . C   A 1 14 ? -0.499  13.683  -9.972  1.00 0.00 ? 30   C   B H5     1 
ATOM   451 H H6     . C   A 1 14 ? -2.346  13.876  -8.373  1.00 0.00 ? 30   C   B H6     1 
ATOM   452 P P      . U   A 1 15 ? -3.655  19.091  -5.612  1.00 0.00 ? 31   U   B P      1 
ATOM   453 O OP1    . U   A 1 15 ? -4.808  19.817  -5.033  1.00 0.00 ? 31   U   B OP1    1 
ATOM   454 O OP2    . U   A 1 15 ? -3.250  19.344  -7.012  1.00 0.00 ? 31   U   B OP2    1 
ATOM   455 O "O5'"  . U   A 1 15 ? -2.377  19.339  -4.665  1.00 0.00 ? 31   U   B "O5'"  1 
ATOM   456 C "C5'"  . U   A 1 15 ? -1.919  20.667  -4.400  1.00 0.00 ? 31   U   B "C5'"  1 
ATOM   457 C "C4'"  . U   A 1 15 ? -0.455  20.682  -3.968  1.00 0.00 ? 31   U   B "C4'"  1 
ATOM   458 O "O4'"  . U   A 1 15 ? 0.227   19.508  -4.408  1.00 0.00 ? 31   U   B "O4'"  1 
ATOM   459 C "C3'"  . U   A 1 15 ? 0.287   21.846  -4.597  1.00 0.00 ? 31   U   B "C3'"  1 
ATOM   460 O "O3'"  . U   A 1 15 ? 0.244   22.949  -3.687  1.00 0.00 ? 31   U   B "O3'"  1 
ATOM   461 C "C2'"  . U   A 1 15 ? 1.721   21.350  -4.679  1.00 0.00 ? 31   U   B "C2'"  1 
ATOM   462 O "O2'"  . U   A 1 15 ? 2.456   21.678  -3.493  1.00 0.00 ? 31   U   B "O2'"  1 
ATOM   463 C "C1'"  . U   A 1 15 ? 1.560   19.837  -4.833  1.00 0.00 ? 31   U   B "C1'"  1 
ATOM   464 N N1     . U   A 1 15 ? 1.784   19.422  -6.231  1.00 0.00 ? 31   U   B N1     1 
ATOM   465 C C2     . U   A 1 15 ? 3.082   19.446  -6.703  1.00 0.00 ? 31   U   B C2     1 
ATOM   466 O O2     . U   A 1 15 ? 4.016   19.796  -6.009  1.00 0.00 ? 31   U   B O2     1 
ATOM   467 N N3     . U   A 1 15 ? 3.259   19.047  -8.015  1.00 0.00 ? 31   U   B N3     1 
ATOM   468 C C4     . U   A 1 15 ? 2.264   18.633  -8.884  1.00 0.00 ? 31   U   B C4     1 
ATOM   469 O O4     . U   A 1 15 ? 2.533   18.303  -10.022 1.00 0.00 ? 31   U   B O4     1 
ATOM   470 C C5     . U   A 1 15 ? 0.939   18.640  -8.307  1.00 0.00 ? 31   U   B C5     1 
ATOM   471 C C6     . U   A 1 15 ? 0.740   19.026  -7.024  1.00 0.00 ? 31   U   B C6     1 
ATOM   472 H "H5'"  . U   A 1 15 ? -2.528  21.102  -3.606  1.00 0.00 ? 31   U   B "H5'"  1 
ATOM   473 H "H5''" . U   A 1 15 ? -2.029  21.269  -5.303  1.00 0.00 ? 31   U   B "H5''" 1 
ATOM   474 H "H4'"  . U   A 1 15 ? -0.393  20.751  -2.883  1.00 0.00 ? 31   U   B "H4'"  1 
ATOM   475 H "H3'"  . U   A 1 15 ? -0.112  22.106  -5.577  1.00 0.00 ? 31   U   B "H3'"  1 
ATOM   476 H "H2'"  . U   A 1 15 ? 2.210   21.764  -5.564  1.00 0.00 ? 31   U   B "H2'"  1 
ATOM   477 H "HO2'" . U   A 1 15 ? 2.344   20.950  -2.877  1.00 0.00 ? 31   U   B "HO2'" 1 
ATOM   478 H "H1'"  . U   A 1 15 ? 2.278   19.330  -4.189  1.00 0.00 ? 31   U   B "H1'"  1 
ATOM   479 H H3     . U   A 1 15 ? 4.203   19.059  -8.374  1.00 0.00 ? 31   U   B H3     1 
ATOM   480 H H5     . U   A 1 15 ? 0.086   18.330  -8.913  1.00 0.00 ? 31   U   B H5     1 
ATOM   481 H H6     . U   A 1 15 ? -0.270  19.022  -6.614  1.00 0.00 ? 31   U   B H6     1 
ATOM   482 P P      . G   A 1 16 ? 1.004   24.326  -4.031  1.00 0.00 ? 32   G   B P      1 
ATOM   483 O OP1    . G   A 1 16 ? 0.084   25.179  -4.816  1.00 0.00 ? 32   G   B OP1    1 
ATOM   484 O OP2    . G   A 1 16 ? 2.342   23.994  -4.569  1.00 0.00 ? 32   G   B OP2    1 
ATOM   485 O "O5'"  . G   A 1 16 ? 1.196   24.994  -2.579  1.00 0.00 ? 32   G   B "O5'"  1 
ATOM   486 C "C5'"  . G   A 1 16 ? 0.336   24.626  -1.491  1.00 0.00 ? 32   G   B "C5'"  1 
ATOM   487 C "C4'"  . G   A 1 16 ? 0.685   23.264  -0.912  1.00 0.00 ? 32   G   B "C4'"  1 
ATOM   488 O "O4'"  . G   A 1 16 ? 1.964   22.823  -1.361  1.00 0.00 ? 32   G   B "O4'"  1 
ATOM   489 C "C3'"  . G   A 1 16 ? 0.783   23.323  0.601   1.00 0.00 ? 32   G   B "C3'"  1 
ATOM   490 O "O3'"  . G   A 1 16 ? 0.543   22.012  1.119   1.00 0.00 ? 32   G   B "O3'"  1 
ATOM   491 C "C2'"  . G   A 1 16 ? 2.241   23.678  0.854   1.00 0.00 ? 32   G   B "C2'"  1 
ATOM   492 O "O2'"  . G   A 1 16 ? 2.726   23.061  2.052   1.00 0.00 ? 32   G   B "O2'"  1 
ATOM   493 C "C1'"  . G   A 1 16 ? 2.965   23.138  -0.382  1.00 0.00 ? 32   G   B "C1'"  1 
ATOM   494 N N9     . G   A 1 16 ? 3.916   24.135  -0.907  1.00 0.00 ? 32   G   B N9     1 
ATOM   495 C C8     . G   A 1 16 ? 3.675   25.346  -1.466  1.00 0.00 ? 32   G   B C8     1 
ATOM   496 N N7     . G   A 1 16 ? 4.693   26.040  -1.852  1.00 0.00 ? 32   G   B N7     1 
ATOM   497 C C5     . G   A 1 16 ? 5.757   25.197  -1.516  1.00 0.00 ? 32   G   B C5     1 
ATOM   498 C C6     . G   A 1 16 ? 7.154   25.385  -1.686  1.00 0.00 ? 32   G   B C6     1 
ATOM   499 O O6     . G   A 1 16 ? 7.734   26.337  -2.169  1.00 0.00 ? 32   G   B O6     1 
ATOM   500 N N1     . G   A 1 16 ? 7.877   24.295  -1.213  1.00 0.00 ? 32   G   B N1     1 
ATOM   501 C C2     . G   A 1 16 ? 7.327   23.163  -0.646  1.00 0.00 ? 32   G   B C2     1 
ATOM   502 N N2     . G   A 1 16 ? 8.187   22.224  -0.252  1.00 0.00 ? 32   G   B N2     1 
ATOM   503 N N3     . G   A 1 16 ? 6.013   22.978  -0.483  1.00 0.00 ? 32   G   B N3     1 
ATOM   504 C C4     . G   A 1 16 ? 5.289   24.027  -0.937  1.00 0.00 ? 32   G   B C4     1 
ATOM   505 H "H5'"  . G   A 1 16 ? -0.684  24.566  -1.844  1.00 0.00 ? 32   G   B "H5'"  1 
ATOM   506 H "H5''" . G   A 1 16 ? 0.413   25.399  -0.711  1.00 0.00 ? 32   G   B "H5''" 1 
ATOM   507 H "H4'"  . G   A 1 16 ? -0.071  22.537  -1.204  1.00 0.00 ? 32   G   B "H4'"  1 
ATOM   508 H "H3'"  . G   A 1 16 ? 0.104   24.063  1.025   1.00 0.00 ? 32   G   B "H3'"  1 
ATOM   509 H "H2'"  . G   A 1 16 ? 2.355   24.764  0.906   1.00 0.00 ? 32   G   B "H2'"  1 
ATOM   510 H "HO2'" . G   A 1 16 ? 2.633   22.112  1.943   1.00 0.00 ? 32   G   B "HO2'" 1 
ATOM   511 H "H1'"  . G   A 1 16 ? 3.507   22.231  -0.115  1.00 0.00 ? 32   G   B "H1'"  1 
ATOM   512 H H8     . G   A 1 16 ? 2.658   25.721  -1.583  1.00 0.00 ? 32   G   B H8     1 
ATOM   513 H H1     . G   A 1 16 ? 8.881   24.358  -1.300  1.00 0.00 ? 32   G   B H1     1 
ATOM   514 H H21    . G   A 1 16 ? 9.180   22.364  -0.376  1.00 0.00 ? 32   G   B H21    1 
ATOM   515 H H22    . G   A 1 16 ? 7.846   21.373  0.171   1.00 0.00 ? 32   G   B H22    1 
ATOM   516 P P      . G   A 1 17 ? -0.486  21.791  2.338   1.00 0.00 ? 33   G   B P      1 
ATOM   517 O OP1    . G   A 1 17 ? -1.810  22.307  1.925   1.00 0.00 ? 33   G   B OP1    1 
ATOM   518 O OP2    . G   A 1 17 ? 0.149   22.293  3.577   1.00 0.00 ? 33   G   B OP2    1 
ATOM   519 O "O5'"  . G   A 1 17 ? -0.579  20.186  2.435   1.00 0.00 ? 33   G   B "O5'"  1 
ATOM   520 C "C5'"  . G   A 1 17 ? -1.348  19.442  1.478   1.00 0.00 ? 33   G   B "C5'"  1 
ATOM   521 C "C4'"  . G   A 1 17 ? -1.024  17.952  1.484   1.00 0.00 ? 33   G   B "C4'"  1 
ATOM   522 O "O4'"  . G   A 1 17 ? -0.752  17.483  0.156   1.00 0.00 ? 33   G   B "O4'"  1 
ATOM   523 C "C3'"  . G   A 1 17 ? 0.224   17.650  2.312   1.00 0.00 ? 33   G   B "C3'"  1 
ATOM   524 O "O3'"  . G   A 1 17 ? -0.193  17.123  3.575   1.00 0.00 ? 33   G   B "O3'"  1 
ATOM   525 C "C2'"  . G   A 1 17 ? 0.914   16.539  1.540   1.00 0.00 ? 33   G   B "C2'"  1 
ATOM   526 O "O2'"  . G   A 1 17 ? 0.432   15.249  1.931   1.00 0.00 ? 33   G   B "O2'"  1 
ATOM   527 C "C1'"  . G   A 1 17 ? 0.539   16.863  0.102   1.00 0.00 ? 33   G   B "C1'"  1 
ATOM   528 N N9     . G   A 1 17 ? 1.534   17.760  -0.515  1.00 0.00 ? 33   G   B N9     1 
ATOM   529 C C8     . G   A 1 17 ? 1.559   19.114  -0.576  1.00 0.00 ? 33   G   B C8     1 
ATOM   530 N N7     . G   A 1 17 ? 2.556   19.668  -1.179  1.00 0.00 ? 33   G   B N7     1 
ATOM   531 C C5     . G   A 1 17 ? 3.302   18.555  -1.579  1.00 0.00 ? 33   G   B C5     1 
ATOM   532 C C6     . G   A 1 17 ? 4.527   18.489  -2.295  1.00 0.00 ? 33   G   B C6     1 
ATOM   533 O O6     . G   A 1 17 ? 5.202   19.405  -2.721  1.00 0.00 ? 33   G   B O6     1 
ATOM   534 N N1     . G   A 1 17 ? 4.935   17.174  -2.488  1.00 0.00 ? 33   G   B N1     1 
ATOM   535 C C2     . G   A 1 17 ? 4.252   16.057  -2.051  1.00 0.00 ? 33   G   B C2     1 
ATOM   536 N N2     . G   A 1 17 ? 4.805   14.879  -2.334  1.00 0.00 ? 33   G   B N2     1 
ATOM   537 N N3     . G   A 1 17 ? 3.098   16.111  -1.376  1.00 0.00 ? 33   G   B N3     1 
ATOM   538 C C4     . G   A 1 17 ? 2.682   17.381  -1.175  1.00 0.00 ? 33   G   B C4     1 
ATOM   539 H "H5'"  . G   A 1 17 ? -1.130  19.806  0.483   1.00 0.00 ? 33   G   B "H5'"  1 
ATOM   540 H "H5''" . G   A 1 17 ? -2.415  19.594  1.699   1.00 0.00 ? 33   G   B "H5''" 1 
ATOM   541 H "H4'"  . G   A 1 17 ? -1.870  17.399  1.890   1.00 0.00 ? 33   G   B "H4'"  1 
ATOM   542 H "H3'"  . G   A 1 17 ? 0.862   18.527  2.423   1.00 0.00 ? 33   G   B "H3'"  1 
ATOM   543 H "H2'"  . G   A 1 17 ? 1.997   16.608  1.670   1.00 0.00 ? 33   G   B "H2'"  1 
ATOM   544 H "HO2'" . G   A 1 17 ? -0.148  15.378  2.686   1.00 0.00 ? 33   G   B "HO2'" 1 
ATOM   545 H "H1'"  . G   A 1 17 ? 0.475   15.940  -0.473  1.00 0.00 ? 33   G   B "H1'"  1 
ATOM   546 H H8     . G   A 1 17 ? 0.765   19.713  -0.131  1.00 0.00 ? 33   G   B H8     1 
ATOM   547 H H1     . G   A 1 17 ? 5.801   17.049  -2.992  1.00 0.00 ? 33   G   B H1     1 
ATOM   548 H H21    . G   A 1 17 ? 5.676   14.839  -2.843  1.00 0.00 ? 33   G   B H21    1 
ATOM   549 H H22    . G   A 1 17 ? 4.353   14.025  -2.040  1.00 0.00 ? 33   G   B H22    1 
ATOM   550 P P      . G   A 1 18 ? 0.502   17.624  4.939   1.00 0.00 ? 34   G   B P      1 
ATOM   551 O OP1    . G   A 1 18 ? -0.559  17.828  5.950   1.00 0.00 ? 34   G   B OP1    1 
ATOM   552 O OP2    . G   A 1 18 ? 1.428   18.729  4.607   1.00 0.00 ? 34   G   B OP2    1 
ATOM   553 O "O5'"  . G   A 1 18 ? 1.378   16.346  5.379   1.00 0.00 ? 34   G   B "O5'"  1 
ATOM   554 C "C5'"  . G   A 1 18 ? 1.082   15.043  4.858   1.00 0.00 ? 34   G   B "C5'"  1 
ATOM   555 C "C4'"  . G   A 1 18 ? -0.318  14.576  5.225   1.00 0.00 ? 34   G   B "C4'"  1 
ATOM   556 O "O4'"  . G   A 1 18 ? -1.264  14.940  4.210   1.00 0.00 ? 34   G   B "O4'"  1 
ATOM   557 C "C3'"  . G   A 1 18 ? -0.374  13.057  5.339   1.00 0.00 ? 34   G   B "C3'"  1 
ATOM   558 O "O3'"  . G   A 1 18 ? -0.342  12.706  6.727   1.00 0.00 ? 34   G   B "O3'"  1 
ATOM   559 C "C2'"  . G   A 1 18 ? -1.746  12.703  4.795   1.00 0.00 ? 34   G   B "C2'"  1 
ATOM   560 O "O2'"  . G   A 1 18 ? -2.748  12.757  5.817   1.00 0.00 ? 34   G   B "O2'"  1 
ATOM   561 C "C1'"  . G   A 1 18 ? -1.963  13.780  3.743   1.00 0.00 ? 34   G   B "C1'"  1 
ATOM   562 N N9     . G   A 1 18 ? -1.453  13.346  2.428   1.00 0.00 ? 34   G   B N9     1 
ATOM   563 C C8     . G   A 1 18 ? -0.496  12.433  2.130   1.00 0.00 ? 34   G   B C8     1 
ATOM   564 N N7     . G   A 1 18 ? -0.232  12.229  0.883   1.00 0.00 ? 34   G   B N7     1 
ATOM   565 C C5     . G   A 1 18 ? -1.116  13.111  0.256   1.00 0.00 ? 34   G   B C5     1 
ATOM   566 C C6     . G   A 1 18 ? -1.319  13.366  -1.128  1.00 0.00 ? 34   G   B C6     1 
ATOM   567 O O6     . G   A 1 18 ? -0.756  12.860  -2.078  1.00 0.00 ? 34   G   B O6     1 
ATOM   568 N N1     . G   A 1 18 ? -2.302  14.327  -1.331  1.00 0.00 ? 34   G   B N1     1 
ATOM   569 C C2     . G   A 1 18 ? -3.007  14.967  -0.330  1.00 0.00 ? 34   G   B C2     1 
ATOM   570 N N2     . G   A 1 18 ? -3.912  15.862  -0.727  1.00 0.00 ? 34   G   B N2     1 
ATOM   571 N N3     . G   A 1 18 ? -2.822  14.734  0.973   1.00 0.00 ? 34   G   B N3     1 
ATOM   572 C C4     . G   A 1 18 ? -1.869  13.800  1.195   1.00 0.00 ? 34   G   B C4     1 
ATOM   573 H "H5'"  . G   A 1 18 ? 1.772   14.323  5.277   1.00 0.00 ? 34   G   B "H5'"  1 
ATOM   574 H "H5''" . G   A 1 18 ? 1.196   15.071  3.765   1.00 0.00 ? 34   G   B "H5''" 1 
ATOM   575 H "H4'"  . G   A 1 18 ? -0.616  15.024  6.171   1.00 0.00 ? 34   G   B "H4'"  1 
ATOM   576 H "H3'"  . G   A 1 18 ? 0.426   12.575  4.775   1.00 0.00 ? 34   G   B "H3'"  1 
ATOM   577 H "H2'"  . G   A 1 18 ? -1.720  11.717  4.323   1.00 0.00 ? 34   G   B "H2'"  1 
ATOM   578 H "HO2'" . G   A 1 18 ? -3.597  12.615  5.392   1.00 0.00 ? 34   G   B "HO2'" 1 
ATOM   579 H "H1'"  . G   A 1 18 ? -3.027  14.003  3.665   1.00 0.00 ? 34   G   B "H1'"  1 
ATOM   580 H H8     . G   A 1 18 ? 0.031   11.890  2.914   1.00 0.00 ? 34   G   B H8     1 
ATOM   581 H H1     . G   A 1 18 ? -2.503  14.560  -2.292  1.00 0.00 ? 34   G   B H1     1 
ATOM   582 H H21    . G   A 1 18 ? -4.051  16.038  -1.712  1.00 0.00 ? 34   G   B H21    1 
ATOM   583 H H22    . G   A 1 18 ? -4.459  16.364  -0.042  1.00 0.00 ? 34   G   B H22    1 
ATOM   584 P P      . A   A 1 19 ? 1.042   12.285  7.433   1.00 0.00 ? 35   A   B P      1 
ATOM   585 O OP1    . A   A 1 19 ? 0.854   12.361  8.899   1.00 0.00 ? 35   A   B OP1    1 
ATOM   586 O OP2    . A   A 1 19 ? 2.139   13.042  6.790   1.00 0.00 ? 35   A   B OP2    1 
ATOM   587 O "O5'"  . A   A 1 19 ? 1.194   10.733  7.026   1.00 0.00 ? 35   A   B "O5'"  1 
ATOM   588 C "C5'"  . A   A 1 19 ? 0.109   10.025  6.419   1.00 0.00 ? 35   A   B "C5'"  1 
ATOM   589 C "C4'"  . A   A 1 19 ? -1.031  9.793   7.406   1.00 0.00 ? 35   A   B "C4'"  1 
ATOM   590 O "O4'"  . A   A 1 19 ? -1.273  10.954  8.195   1.00 0.00 ? 35   A   B "O4'"  1 
ATOM   591 C "C3'"  . A   A 1 19 ? -2.338  9.490   6.668   1.00 0.00 ? 35   A   B "C3'"  1 
ATOM   592 O "O3'"  . A   A 1 19 ? -2.761  8.175   7.038   1.00 0.00 ? 35   A   B "O3'"  1 
ATOM   593 C "C2'"  . A   A 1 19 ? -3.356  10.490  7.220   1.00 0.00 ? 35   A   B "C2'"  1 
ATOM   594 O "O2'"  . A   A 1 19 ? -4.589  9.844   7.560   1.00 0.00 ? 35   A   B "O2'"  1 
ATOM   595 C "C1'"  . A   A 1 19 ? -2.668  11.054  8.454   1.00 0.00 ? 35   A   B "C1'"  1 
ATOM   596 N N9     . A   A 1 19 ? -3.065  12.454  8.693   1.00 0.00 ? 35   A   B N9     1 
ATOM   597 C C8     . A   A 1 19 ? -2.325  13.500  9.137   1.00 0.00 ? 35   A   B C8     1 
ATOM   598 N N7     . A   A 1 19 ? -2.918  14.640  9.266   1.00 0.00 ? 35   A   B N7     1 
ATOM   599 C C5     . A   A 1 19 ? -4.219  14.326  8.859   1.00 0.00 ? 35   A   B C5     1 
ATOM   600 C C6     . A   A 1 19 ? -5.387  15.089  8.750   1.00 0.00 ? 35   A   B C6     1 
ATOM   601 N N6     . A   A 1 19 ? -5.442  16.385  9.056   1.00 0.00 ? 35   A   B N6     1 
ATOM   602 N N1     . A   A 1 19 ? -6.496  14.464  8.315   1.00 0.00 ? 35   A   B N1     1 
ATOM   603 C C2     . A   A 1 19 ? -6.462  13.167  8.005   1.00 0.00 ? 35   A   B C2     1 
ATOM   604 N N3     . A   A 1 19 ? -5.414  12.351  8.071   1.00 0.00 ? 35   A   B N3     1 
ATOM   605 C C4     . A   A 1 19 ? -4.316  12.999  8.509   1.00 0.00 ? 35   A   B C4     1 
ATOM   606 H "H5'"  . A   A 1 19 ? 0.471   9.061   6.061   1.00 0.00 ? 35   A   B "H5'"  1 
ATOM   607 H "H5''" . A   A 1 19 ? -0.264  10.600  5.573   1.00 0.00 ? 35   A   B "H5''" 1 
ATOM   608 H "H4'"  . A   A 1 19 ? -0.782  8.957   8.059   1.00 0.00 ? 35   A   B "H4'"  1 
ATOM   609 H "H3'"  . A   A 1 19 ? -2.222  9.588   5.588   1.00 0.00 ? 35   A   B "H3'"  1 
ATOM   610 H "H2'"  . A   A 1 19 ? -3.526  11.288  6.492   1.00 0.00 ? 35   A   B "H2'"  1 
ATOM   611 H "HO2'" . A   A 1 19 ? -4.375  9.115   8.147   1.00 0.00 ? 35   A   B "HO2'" 1 
ATOM   612 H "H1'"  . A   A 1 19 ? -2.922  10.449  9.323   1.00 0.00 ? 35   A   B "H1'"  1 
ATOM   613 H H8     . A   A 1 19 ? -1.267  13.383  9.375   1.00 0.00 ? 35   A   B H8     1 
ATOM   614 H H61    . A   A 1 19 ? -6.312  16.890  8.959   1.00 0.00 ? 35   A   B H61    1 
ATOM   615 H H62    . A   A 1 19 ? -4.615  16.862  9.384   1.00 0.00 ? 35   A   B H62    1 
ATOM   616 H H2     . A   A 1 19 ? -7.398  12.726  7.659   1.00 0.00 ? 35   A   B H2     1 
ATOM   617 P P      . G   A 1 20 ? -2.865  7.010   5.933   1.00 0.00 ? 36   G   B P      1 
ATOM   618 O OP1    . G   A 1 20 ? -3.178  5.740   6.626   1.00 0.00 ? 36   G   B OP1    1 
ATOM   619 O OP2    . G   A 1 20 ? -1.678  7.098   5.053   1.00 0.00 ? 36   G   B OP2    1 
ATOM   620 O "O5'"  . G   A 1 20 ? -4.157  7.450   5.080   1.00 0.00 ? 36   G   B "O5'"  1 
ATOM   621 C "C5'"  . G   A 1 20 ? -5.328  7.946   5.742   1.00 0.00 ? 36   G   B "C5'"  1 
ATOM   622 C "C4'"  . G   A 1 20 ? -6.440  8.301   4.768   1.00 0.00 ? 36   G   B "C4'"  1 
ATOM   623 O "O4'"  . G   A 1 20 ? -6.135  9.497   4.043   1.00 0.00 ? 36   G   B "O4'"  1 
ATOM   624 C "C3'"  . G   A 1 20 ? -6.617  7.216   3.719   1.00 0.00 ? 36   G   B "C3'"  1 
ATOM   625 O "O3'"  . G   A 1 20 ? -7.632  6.313   4.164   1.00 0.00 ? 36   G   B "O3'"  1 
ATOM   626 C "C2'"  . G   A 1 20 ? -7.147  7.987   2.525   1.00 0.00 ? 36   G   B "C2'"  1 
ATOM   627 O "O2'"  . G   A 1 20 ? -8.563  8.182   2.612   1.00 0.00 ? 36   G   B "O2'"  1 
ATOM   628 C "C1'"  . G   A 1 20 ? -6.392  9.305   2.642   1.00 0.00 ? 36   G   B "C1'"  1 
ATOM   629 N N9     . G   A 1 20 ? -5.133  9.251   1.876   1.00 0.00 ? 36   G   B N9     1 
ATOM   630 C C8     . G   A 1 20 ? -3.863  9.069   2.314   1.00 0.00 ? 36   G   B C8     1 
ATOM   631 N N7     . G   A 1 20 ? -2.922  9.048   1.431   1.00 0.00 ? 36   G   B N7     1 
ATOM   632 C C5     . G   A 1 20 ? -3.639  9.238   0.246   1.00 0.00 ? 36   G   B C5     1 
ATOM   633 C C6     . G   A 1 20 ? -3.177  9.313   -1.095  1.00 0.00 ? 36   G   B C6     1 
ATOM   634 O O6     . G   A 1 20 ? -2.036  9.223   -1.505  1.00 0.00 ? 36   G   B O6     1 
ATOM   635 N N1     . G   A 1 20 ? -4.225  9.513   -1.986  1.00 0.00 ? 36   G   B N1     1 
ATOM   636 C C2     . G   A 1 20 ? -5.556  9.626   -1.635  1.00 0.00 ? 36   G   B C2     1 
ATOM   637 N N2     . G   A 1 20 ? -6.415  9.820   -2.636  1.00 0.00 ? 36   G   B N2     1 
ATOM   638 N N3     . G   A 1 20 ? -5.999  9.558   -0.375  1.00 0.00 ? 36   G   B N3     1 
ATOM   639 C C4     . G   A 1 20 ? -4.995  9.364   0.510   1.00 0.00 ? 36   G   B C4     1 
ATOM   640 H "H5'"  . G   A 1 20 ? -5.080  8.853   6.279   1.00 0.00 ? 36   G   B "H5'"  1 
ATOM   641 H "H5''" . G   A 1 20 ? -5.677  7.181   6.451   1.00 0.00 ? 36   G   B "H5''" 1 
ATOM   642 H "H4'"  . G   A 1 20 ? -7.372  8.438   5.313   1.00 0.00 ? 36   G   B "H4'"  1 
ATOM   643 H "H3'"  . G   A 1 20 ? -5.678  6.709   3.493   1.00 0.00 ? 36   G   B "H3'"  1 
ATOM   644 H "H2'"  . G   A 1 20 ? -6.876  7.478   1.596   1.00 0.00 ? 36   G   B "H2'"  1 
ATOM   645 H "HO2'" . G   A 1 20 ? -8.784  8.927   2.047   1.00 0.00 ? 36   G   B "HO2'" 1 
ATOM   646 H "H1'"  . G   A 1 20 ? -7.013  10.118  2.267   1.00 0.00 ? 36   G   B "H1'"  1 
ATOM   647 H H8     . G   A 1 20 ? -3.646  8.938   3.375   1.00 0.00 ? 36   G   B H8     1 
ATOM   648 H H1     . G   A 1 20 ? -3.972  9.574   -2.961  1.00 0.00 ? 36   G   B H1     1 
ATOM   649 H H21    . G   A 1 20 ? -6.080  9.872   -3.587  1.00 0.00 ? 36   G   B H21    1 
ATOM   650 H H22    . G   A 1 20 ? -7.402  9.915   -2.443  1.00 0.00 ? 36   G   B H22    1 
ATOM   651 P P      . C   A 1 21 ? -7.523  4.741   3.835   1.00 0.00 ? 37   C   B P      1 
ATOM   652 O OP1    . C   A 1 21 ? -8.623  4.043   4.537   1.00 0.00 ? 37   C   B OP1    1 
ATOM   653 O OP2    . C   A 1 21 ? -6.121  4.317   4.055   1.00 0.00 ? 37   C   B OP2    1 
ATOM   654 O "O5'"  . C   A 1 21 ? -7.823  4.690   2.254   1.00 0.00 ? 37   C   B "O5'"  1 
ATOM   655 C "C5'"  . C   A 1 21 ? -9.144  4.926   1.762   1.00 0.00 ? 37   C   B "C5'"  1 
ATOM   656 C "C4'"  . C   A 1 21 ? -9.197  4.872   0.238   1.00 0.00 ? 37   C   B "C4'"  1 
ATOM   657 O "O4'"  . C   A 1 21 ? -8.480  5.963   -0.351  1.00 0.00 ? 37   C   B "O4'"  1 
ATOM   658 C "C3'"  . C   A 1 21 ? -8.528  3.617   -0.293  1.00 0.00 ? 37   C   B "C3'"  1 
ATOM   659 O "O3'"  . C   A 1 21 ? -9.517  2.593   -0.430  1.00 0.00 ? 37   C   B "O3'"  1 
ATOM   660 C "C2'"  . C   A 1 21 ? -8.075  4.036   -1.678  1.00 0.00 ? 37   C   B "C2'"  1 
ATOM   661 O "O2'"  . C   A 1 21 ? -9.129  3.901   -2.639  1.00 0.00 ? 37   C   B "O2'"  1 
ATOM   662 C "C1'"  . C   A 1 21 ? -7.696  5.497   -1.463  1.00 0.00 ? 37   C   B "C1'"  1 
ATOM   663 N N1     . C   A 1 21 ? -6.251  5.626   -1.189  1.00 0.00 ? 37   C   B N1     1 
ATOM   664 C C2     . C   A 1 21 ? -5.391  5.683   -2.278  1.00 0.00 ? 37   C   B C2     1 
ATOM   665 O O2     . C   A 1 21 ? -5.832  5.646   -3.410  1.00 0.00 ? 37   C   B O2     1 
ATOM   666 N N3     . C   A 1 21 ? -4.054  5.782   -2.038  1.00 0.00 ? 37   C   B N3     1 
ATOM   667 C C4     . C   A 1 21 ? -3.582  5.825   -0.785  1.00 0.00 ? 37   C   B C4     1 
ATOM   668 N N4     . C   A 1 21 ? -2.267  5.916   -0.586  1.00 0.00 ? 37   C   B N4     1 
ATOM   669 C C5     . C   A 1 21 ? -4.464  5.768   0.339   1.00 0.00 ? 37   C   B C5     1 
ATOM   670 C C6     . C   A 1 21 ? -5.784  5.670   0.093   1.00 0.00 ? 37   C   B C6     1 
ATOM   671 H "H5'"  . C   A 1 21 ? -9.477  5.909   2.094   1.00 0.00 ? 37   C   B "H5'"  1 
ATOM   672 H "H5''" . C   A 1 21 ? -9.814  4.168   2.166   1.00 0.00 ? 37   C   B "H5''" 1 
ATOM   673 H "H4'"  . C   A 1 21 ? -10.233 4.903   -0.094  1.00 0.00 ? 37   C   B "H4'"  1 
ATOM   674 H "H3'"  . C   A 1 21 ? -7.691  3.303   0.332   1.00 0.00 ? 37   C   B "H3'"  1 
ATOM   675 H "H2'"  . C   A 1 21 ? -7.196  3.458   -1.976  1.00 0.00 ? 37   C   B "H2'"  1 
ATOM   676 H "HO2'" . C   A 1 21 ? -9.781  3.303   -2.265  1.00 0.00 ? 37   C   B "HO2'" 1 
ATOM   677 H "H1'"  . C   A 1 21 ? -7.950  6.073   -2.353  1.00 0.00 ? 37   C   B "H1'"  1 
ATOM   678 H H41    . C   A 1 21 ? -1.637  5.956   -1.375  1.00 0.00 ? 37   C   B H41    1 
ATOM   679 H H42    . C   A 1 21 ? -1.899  5.946   0.355   1.00 0.00 ? 37   C   B H42    1 
ATOM   680 H H5     . C   A 1 21 ? -4.082  5.806   1.358   1.00 0.00 ? 37   C   B H5     1 
ATOM   681 H H6     . C   A 1 21 ? -6.486  5.625   0.925   1.00 0.00 ? 37   C   B H6     1 
ATOM   682 P P      . U   A 1 22 ? -9.070  1.052   -0.549  1.00 0.00 ? 38   U   B P      1 
ATOM   683 O OP1    . U   A 1 22 ? -10.260 0.250   -0.917  1.00 0.00 ? 38   U   B OP1    1 
ATOM   684 O OP2    . U   A 1 22 ? -8.285  0.699   0.656   1.00 0.00 ? 38   U   B OP2    1 
ATOM   685 O "O5'"  . U   A 1 22 ? -8.073  1.083   -1.811  1.00 0.00 ? 38   U   B "O5'"  1 
ATOM   686 C "C5'"  . U   A 1 22 ? -8.352  0.304   -2.976  1.00 0.00 ? 38   U   B "C5'"  1 
ATOM   687 C "C4'"  . U   A 1 22 ? -8.030  1.076   -4.254  1.00 0.00 ? 38   U   B "C4'"  1 
ATOM   688 O "O4'"  . U   A 1 22 ? -7.339  2.297   -3.967  1.00 0.00 ? 38   U   B "O4'"  1 
ATOM   689 C "C3'"  . U   A 1 22 ? -7.107  0.283   -5.163  1.00 0.00 ? 38   U   B "C3'"  1 
ATOM   690 O "O3'"  . U   A 1 22 ? -7.912  -0.456  -6.086  1.00 0.00 ? 38   U   B "O3'"  1 
ATOM   691 C "C2'"  . U   A 1 22 ? -6.374  1.374   -5.923  1.00 0.00 ? 38   U   B "C2'"  1 
ATOM   692 O "O2'"  . U   A 1 22 ? -7.139  1.842   -7.039  1.00 0.00 ? 38   U   B "O2'"  1 
ATOM   693 C "C1'"  . U   A 1 22 ? -6.221  2.451   -4.856  1.00 0.00 ? 38   U   B "C1'"  1 
ATOM   694 N N1     . U   A 1 22 ? -4.944  2.296   -4.134  1.00 0.00 ? 38   U   B N1     1 
ATOM   695 C C2     . U   A 1 22 ? -3.780  2.389   -4.873  1.00 0.00 ? 38   U   B C2     1 
ATOM   696 O O2     . U   A 1 22 ? -3.788  2.601   -6.070  1.00 0.00 ? 38   U   B O2     1 
ATOM   697 N N3     . U   A 1 22 ? -2.600  2.224   -4.171  1.00 0.00 ? 38   U   B N3     1 
ATOM   698 C C4     . U   A 1 22 ? -2.485  1.980   -2.813  1.00 0.00 ? 38   U   B C4     1 
ATOM   699 O O4     . U   A 1 22 ? -1.393  1.844   -2.299  1.00 0.00 ? 38   U   B O4     1 
ATOM   700 C C5     . U   A 1 22 ? -3.751  1.902   -2.120  1.00 0.00 ? 38   U   B C5     1 
ATOM   701 C C6     . U   A 1 22 ? -4.920  2.059   -2.787  1.00 0.00 ? 38   U   B C6     1 
ATOM   702 H "H5'"  . U   A 1 22 ? -9.407  0.034   -2.980  1.00 0.00 ? 38   U   B "H5'"  1 
ATOM   703 H "H5''" . U   A 1 22 ? -7.751  -0.605  -2.948  1.00 0.00 ? 38   U   B "H5''" 1 
ATOM   704 H "H4'"  . U   A 1 22 ? -8.952  1.302   -4.783  1.00 0.00 ? 38   U   B "H4'"  1 
ATOM   705 H "H3'"  . U   A 1 22 ? -6.425  -0.356  -4.601  1.00 0.00 ? 38   U   B "H3'"  1 
ATOM   706 H "H2'"  . U   A 1 22 ? -5.392  1.019   -6.240  1.00 0.00 ? 38   U   B "H2'"  1 
ATOM   707 H "HO2'" . U   A 1 22 ? -7.930  2.258   -6.688  1.00 0.00 ? 38   U   B "HO2'" 1 
ATOM   708 H "H1'"  . U   A 1 22 ? -6.259  3.435   -5.324  1.00 0.00 ? 38   U   B "H1'"  1 
ATOM   709 H H3     . U   A 1 22 ? -1.742  2.284   -4.700  1.00 0.00 ? 38   U   B H3     1 
ATOM   710 H H5     . U   A 1 22 ? -3.766  1.714   -1.046  1.00 0.00 ? 38   U   B H5     1 
ATOM   711 H H6     . U   A 1 22 ? -5.860  1.995   -2.239  1.00 0.00 ? 38   U   B H6     1 
ATOM   712 P P      . C   A 1 23 ? -7.668  -2.033  -6.301  1.00 0.00 ? 39   C   B P      1 
ATOM   713 O OP1    . C   A 1 23 ? -8.954  -2.650  -6.695  1.00 0.00 ? 39   C   B OP1    1 
ATOM   714 O OP2    . C   A 1 23 ? -6.932  -2.551  -5.125  1.00 0.00 ? 39   C   B OP2    1 
ATOM   715 O "O5'"  . C   A 1 23 ? -6.680  -2.071  -7.569  1.00 0.00 ? 39   C   B "O5'"  1 
ATOM   716 C "C5'"  . C   A 1 23 ? -7.016  -1.375  -8.772  1.00 0.00 ? 39   C   B "C5'"  1 
ATOM   717 C "C4'"  . C   A 1 23 ? -5.780  -0.774  -9.433  1.00 0.00 ? 39   C   B "C4'"  1 
ATOM   718 O "O4'"  . C   A 1 23 ? -5.027  0.010   -8.506  1.00 0.00 ? 39   C   B "O4'"  1 
ATOM   719 C "C3'"  . C   A 1 23 ? -4.835  -1.862  -9.912  1.00 0.00 ? 39   C   B "C3'"  1 
ATOM   720 O "O3'"  . C   A 1 23 ? -5.139  -2.151  -11.279 1.00 0.00 ? 39   C   B "O3'"  1 
ATOM   721 C "C2'"  . C   A 1 23 ? -3.472  -1.194  -9.856  1.00 0.00 ? 39   C   B "C2'"  1 
ATOM   722 O "O2'"  . C   A 1 23 ? -3.165  -0.530  -11.088 1.00 0.00 ? 39   C   B "O2'"  1 
ATOM   723 C "C1'"  . C   A 1 23 ? -3.619  -0.197  -8.707  1.00 0.00 ? 39   C   B "C1'"  1 
ATOM   724 N N1     . C   A 1 23 ? -2.979  -0.710  -7.478  1.00 0.00 ? 39   C   B N1     1 
ATOM   725 C C2     . C   A 1 23 ? -1.601  -0.888  -7.499  1.00 0.00 ? 39   C   B C2     1 
ATOM   726 O O2     . C   A 1 23 ? -0.964  -0.628  -8.502  1.00 0.00 ? 39   C   B O2     1 
ATOM   727 N N3     . C   A 1 23 ? -0.996  -1.355  -6.373  1.00 0.00 ? 39   C   B N3     1 
ATOM   728 C C4     . C   A 1 23 ? -1.708  -1.634  -5.274  1.00 0.00 ? 39   C   B C4     1 
ATOM   729 N N4     . C   A 1 23 ? -1.084  -2.100  -4.193  1.00 0.00 ? 39   C   B N4     1 
ATOM   730 C C5     . C   A 1 23 ? -3.125  -1.450  -5.246  1.00 0.00 ? 39   C   B C5     1 
ATOM   731 C C6     . C   A 1 23 ? -3.718  -0.991  -6.366  1.00 0.00 ? 39   C   B C6     1 
ATOM   732 H "H5'"  . C   A 1 23 ? -7.718  -0.574  -8.535  1.00 0.00 ? 39   C   B "H5'"  1 
ATOM   733 H "H5''" . C   A 1 23 ? -7.489  -2.069  -9.466  1.00 0.00 ? 39   C   B "H5''" 1 
ATOM   734 H "H4'"  . C   A 1 23 ? -6.079  -0.151  -10.274 1.00 0.00 ? 39   C   B "H4'"  1 
ATOM   735 H "H3'"  . C   A 1 23 ? -4.882  -2.750  -9.283  1.00 0.00 ? 39   C   B "H3'"  1 
ATOM   736 H "H2'"  . C   A 1 23 ? -2.704  -1.933  -9.613  1.00 0.00 ? 39   C   B "H2'"  1 
ATOM   737 H "HO2'" . C   A 1 23 ? -3.422  -1.119  -11.801 1.00 0.00 ? 39   C   B "HO2'" 1 
ATOM   738 H "H1'"  . C   A 1 23 ? -3.153  0.746   -8.988  1.00 0.00 ? 39   C   B "H1'"  1 
ATOM   739 H H41    . C   A 1 23 ? -0.082  -2.232  -4.206  1.00 0.00 ? 39   C   B H41    1 
ATOM   740 H H42    . C   A 1 23 ? -1.612  -2.324  -3.362  1.00 0.00 ? 39   C   B H42    1 
ATOM   741 H H5     . C   A 1 23 ? -3.705  -1.658  -4.346  1.00 0.00 ? 39   C   B H5     1 
ATOM   742 H H6     . C   A 1 23 ? -4.798  -0.853  -6.386  1.00 0.00 ? 39   C   B H6     1 
ATOM   743 P P      . U   A 1 24 ? -5.572  -3.637  -11.724 1.00 0.00 ? 40   U   B P      1 
ATOM   744 O OP1    . U   A 1 24 ? -6.647  -3.524  -12.733 1.00 0.00 ? 40   U   B OP1    1 
ATOM   745 O OP2    . U   A 1 24 ? -5.789  -4.440  -10.500 1.00 0.00 ? 40   U   B OP2    1 
ATOM   746 O "O5'"  . U   A 1 24 ? -4.246  -4.184  -12.456 1.00 0.00 ? 40   U   B "O5'"  1 
ATOM   747 C "C5'"  . U   A 1 24 ? -3.375  -5.102  -11.791 1.00 0.00 ? 40   U   B "C5'"  1 
ATOM   748 C "C4'"  . U   A 1 24 ? -1.930  -4.615  -11.805 1.00 0.00 ? 40   U   B "C4'"  1 
ATOM   749 O "O4'"  . U   A 1 24 ? -1.736  -3.548  -10.868 1.00 0.00 ? 40   U   B "O4'"  1 
ATOM   750 C "C3'"  . U   A 1 24 ? -0.977  -5.730  -11.391 1.00 0.00 ? 40   U   B "C3'"  1 
ATOM   751 O "O3'"  . U   A 1 24 ? -0.399  -6.290  -12.573 1.00 0.00 ? 40   U   B "O3'"  1 
ATOM   752 C "C2'"  . U   A 1 24 ? 0.115   -5.002  -10.625 1.00 0.00 ? 40   U   B "C2'"  1 
ATOM   753 O "O2'"  . U   A 1 24 ? 1.145   -4.528  -11.501 1.00 0.00 ? 40   U   B "O2'"  1 
ATOM   754 C "C1'"  . U   A 1 24 ? -0.646  -3.850  -9.986  1.00 0.00 ? 40   U   B "C1'"  1 
ATOM   755 N N1     . U   A 1 24 ? -1.137  -4.221  -8.644  1.00 0.00 ? 40   U   B N1     1 
ATOM   756 C C2     . U   A 1 24 ? -0.193  -4.531  -7.684  1.00 0.00 ? 40   U   B C2     1 
ATOM   757 O O2     . U   A 1 24 ? 1.000   -4.505  -7.918  1.00 0.00 ? 40   U   B O2     1 
ATOM   758 N N3     . U   A 1 24 ? -0.683  -4.874  -6.437  1.00 0.00 ? 40   U   B N3     1 
ATOM   759 C C4     . U   A 1 24 ? -2.018  -4.933  -6.073  1.00 0.00 ? 40   U   B C4     1 
ATOM   760 O O4     . U   A 1 24 ? -2.338  -5.247  -4.943  1.00 0.00 ? 40   U   B O4     1 
ATOM   761 C C5     . U   A 1 24 ? -2.934  -4.593  -7.138  1.00 0.00 ? 40   U   B C5     1 
ATOM   762 C C6     . U   A 1 24 ? -2.477  -4.254  -8.367  1.00 0.00 ? 40   U   B C6     1 
ATOM   763 H "H5'"  . U   A 1 24 ? -3.429  -6.070  -12.291 1.00 0.00 ? 40   U   B "H5'"  1 
ATOM   764 H "H5''" . U   A 1 24 ? -3.702  -5.217  -10.758 1.00 0.00 ? 40   U   B "H5''" 1 
ATOM   765 H "H4'"  . U   A 1 24 ? -1.672  -4.269  -12.805 1.00 0.00 ? 40   U   B "H4'"  1 
ATOM   766 H "H3'"  . U   A 1 24 ? -1.470  -6.483  -10.778 1.00 0.00 ? 40   U   B "H3'"  1 
ATOM   767 H "H2'"  . U   A 1 24 ? 0.530   -5.654  -9.852  1.00 0.00 ? 40   U   B "H2'"  1 
ATOM   768 H "HO2'" . U   A 1 24 ? 0.923   -3.626  -11.740 1.00 0.00 ? 40   U   B "HO2'" 1 
ATOM   769 H "H1'"  . U   A 1 24 ? 0.008   -2.982  -9.906  1.00 0.00 ? 40   U   B "H1'"  1 
ATOM   770 H H3     . U   A 1 24 ? -0.004  -5.102  -5.725  1.00 0.00 ? 40   U   B H3     1 
ATOM   771 H H5     . U   A 1 24 ? -4.007  -4.609  -6.949  1.00 0.00 ? 40   U   B H5     1 
ATOM   772 H H6     . U   A 1 24 ? -3.190  -4.002  -9.152  1.00 0.00 ? 40   U   B H6     1 
ATOM   773 P P      . C   A 1 25 ? -0.297  -7.885  -12.755 1.00 0.00 ? 41   C   B P      1 
ATOM   774 O OP1    . C   A 1 25 ? 0.230   -8.165  -14.109 1.00 0.00 ? 41   C   B OP1    1 
ATOM   775 O OP2    . C   A 1 25 ? -1.579  -8.484  -12.324 1.00 0.00 ? 41   C   B OP2    1 
ATOM   776 O "O5'"  . C   A 1 25 ? 0.834   -8.289  -11.680 1.00 0.00 ? 41   C   B "O5'"  1 
ATOM   777 C "C5'"  . C   A 1 25 ? 2.091   -7.609  -11.660 1.00 0.00 ? 41   C   B "C5'"  1 
ATOM   778 C "C4'"  . C   A 1 25 ? 2.943   -8.037  -10.469 1.00 0.00 ? 41   C   B "C4'"  1 
ATOM   779 O "O4'"  . C   A 1 25 ? 2.455   -7.483  -9.254  1.00 0.00 ? 41   C   B "O4'"  1 
ATOM   780 C "C3'"  . C   A 1 25 ? 2.884   -9.541  -10.262 1.00 0.00 ? 41   C   B "C3'"  1 
ATOM   781 O "O3'"  . C   A 1 25 ? 3.985   -10.139 -10.951 1.00 0.00 ? 41   C   B "O3'"  1 
ATOM   782 C "C2'"  . C   A 1 25 ? 3.111   -9.719  -8.764  1.00 0.00 ? 41   C   B "C2'"  1 
ATOM   783 O "O2'"  . C   A 1 25 ? 4.447   -10.156 -8.488  1.00 0.00 ? 41   C   B "O2'"  1 
ATOM   784 C "C1'"  . C   A 1 25 ? 2.849   -8.332  -8.171  1.00 0.00 ? 41   C   B "C1'"  1 
ATOM   785 N N1     . C   A 1 25 ? 1.799   -8.405  -7.135  1.00 0.00 ? 41   C   B N1     1 
ATOM   786 C C2     . C   A 1 25 ? 2.176   -8.842  -5.871  1.00 0.00 ? 41   C   B C2     1 
ATOM   787 O O2     . C   A 1 25 ? 3.336   -9.128  -5.641  1.00 0.00 ? 41   C   B O2     1 
ATOM   788 N N3     . C   A 1 25 ? 1.218   -8.941  -4.911  1.00 0.00 ? 41   C   B N3     1 
ATOM   789 C C4     . C   A 1 25 ? -0.057  -8.624  -5.174  1.00 0.00 ? 41   C   B C4     1 
ATOM   790 N N4     . C   A 1 25 ? -0.970  -8.742  -4.211  1.00 0.00 ? 41   C   B N4     1 
ATOM   791 C C5     . C   A 1 25 ? -0.449  -8.169  -6.473  1.00 0.00 ? 41   C   B C5     1 
ATOM   792 C C6     . C   A 1 25 ? 0.506   -8.075  -7.419  1.00 0.00 ? 41   C   B C6     1 
ATOM   793 H "H5'"  . C   A 1 25 ? 1.914   -6.535  -11.604 1.00 0.00 ? 41   C   B "H5'"  1 
ATOM   794 H "H5''" . C   A 1 25 ? 2.631   -7.832  -12.582 1.00 0.00 ? 41   C   B "H5''" 1 
ATOM   795 H "H4'"  . C   A 1 25 ? 3.975   -7.725  -10.621 1.00 0.00 ? 41   C   B "H4'"  1 
ATOM   796 H "H3'"  . C   A 1 25 ? 1.928   -9.957  -10.580 1.00 0.00 ? 41   C   B "H3'"  1 
ATOM   797 H "H2'"  . C   A 1 25 ? 2.386   -10.430 -8.367  1.00 0.00 ? 41   C   B "H2'"  1 
ATOM   798 H "HO2'" . C   A 1 25 ? 4.840   -10.417 -9.324  1.00 0.00 ? 41   C   B "HO2'" 1 
ATOM   799 H "H1'"  . C   A 1 25 ? 3.767   -7.948  -7.727  1.00 0.00 ? 41   C   B "H1'"  1 
ATOM   800 H H41    . C   A 1 25 ? -0.697  -9.061  -3.293  1.00 0.00 ? 41   C   B H41    1 
ATOM   801 H H42    . C   A 1 25 ? -1.935  -8.513  -4.399  1.00 0.00 ? 41   C   B H42    1 
ATOM   802 H H5     . C   A 1 25 ? -1.485  -7.909  -6.690  1.00 0.00 ? 41   C   B H5     1 
ATOM   803 H H6     . C   A 1 25 ? 0.243   -7.732  -8.420  1.00 0.00 ? 41   C   B H6     1 
ATOM   804 P P      . U   A 1 26 ? 4.031   -11.734 -11.177 1.00 0.00 ? 42   U   B P      1 
ATOM   805 O OP1    . U   A 1 26 ? 5.143   -12.037 -12.105 1.00 0.00 ? 42   U   B OP1    1 
ATOM   806 O OP2    . U   A 1 26 ? 2.661   -12.197 -11.492 1.00 0.00 ? 42   U   B OP2    1 
ATOM   807 O "O5'"  . U   A 1 26 ? 4.428   -12.292 -9.717  1.00 0.00 ? 42   U   B "O5'"  1 
ATOM   808 C "C5'"  . U   A 1 26 ? 5.785   -12.634 -9.419  1.00 0.00 ? 42   U   B "C5'"  1 
ATOM   809 C "C4'"  . U   A 1 26 ? 5.910   -13.367 -8.084  1.00 0.00 ? 42   U   B "C4'"  1 
ATOM   810 O "O4'"  . U   A 1 26 ? 5.436   -12.573 -6.995  1.00 0.00 ? 42   U   B "O4'"  1 
ATOM   811 C "C3'"  . U   A 1 26 ? 5.057   -14.620 -8.052  1.00 0.00 ? 42   U   B "C3'"  1 
ATOM   812 O "O3'"  . U   A 1 26 ? 5.821   -15.707 -8.582  1.00 0.00 ? 42   U   B "O3'"  1 
ATOM   813 C "C2'"  . U   A 1 26 ? 4.859   -14.841 -6.564  1.00 0.00 ? 42   U   B "C2'"  1 
ATOM   814 O "O2'"  . U   A 1 26 ? 5.961   -15.551 -5.987  1.00 0.00 ? 42   U   B "O2'"  1 
ATOM   815 C "C1'"  . U   A 1 26 ? 4.773   -13.412 -6.029  1.00 0.00 ? 42   U   B "C1'"  1 
ATOM   816 N N1     . U   A 1 26 ? 3.365   -13.007 -5.857  1.00 0.00 ? 42   U   B N1     1 
ATOM   817 C C2     . U   A 1 26 ? 2.748   -13.323 -4.660  1.00 0.00 ? 42   U   B C2     1 
ATOM   818 O O2     . U   A 1 26 ? 3.331   -13.905 -3.768  1.00 0.00 ? 42   U   B O2     1 
ATOM   819 N N3     . U   A 1 26 ? 1.424   -12.937 -4.540  1.00 0.00 ? 42   U   B N3     1 
ATOM   820 C C4     . U   A 1 26 ? 0.676   -12.275 -5.497  1.00 0.00 ? 42   U   B C4     1 
ATOM   821 O O4     . U   A 1 26 ? -0.485  -11.984 -5.284  1.00 0.00 ? 42   U   B O4     1 
ATOM   822 C C5     . U   A 1 26 ? 1.401   -11.987 -6.714  1.00 0.00 ? 42   U   B C5     1 
ATOM   823 C C6     . U   A 1 26 ? 2.698   -12.353 -6.855  1.00 0.00 ? 42   U   B C6     1 
ATOM   824 H "H5'"  . U   A 1 26 ? 6.379   -11.722 -9.379  1.00 0.00 ? 42   U   B "H5'"  1 
ATOM   825 H "H5''" . U   A 1 26 ? 6.170   -13.275 -10.212 1.00 0.00 ? 42   U   B "H5''" 1 
ATOM   826 H "H4'"  . U   A 1 26 ? 6.952   -13.631 -7.909  1.00 0.00 ? 42   U   B "H4'"  1 
ATOM   827 H "H3'"  . U   A 1 26 ? 4.110   -14.483 -8.575  1.00 0.00 ? 42   U   B "H3'"  1 
ATOM   828 H "H2'"  . U   A 1 26 ? 3.919   -15.362 -6.384  1.00 0.00 ? 42   U   B "H2'"  1 
ATOM   829 H "HO2'" . U   A 1 26 ? 6.677   -15.537 -6.626  1.00 0.00 ? 42   U   B "HO2'" 1 
ATOM   830 H "H1'"  . U   A 1 26 ? 5.290   -13.350 -5.072  1.00 0.00 ? 42   U   B "H1'"  1 
ATOM   831 H H3     . U   A 1 26 ? 0.961   -13.155 -3.668  1.00 0.00 ? 42   U   B H3     1 
ATOM   832 H H5     . U   A 1 26 ? 0.897   -11.469 -7.529  1.00 0.00 ? 42   U   B H5     1 
ATOM   833 H H6     . U   A 1 26 ? 3.219   -12.128 -7.784  1.00 0.00 ? 42   U   B H6     1 
ATOM   834 P P      . G   A 1 27 ? 5.088   -17.050 -9.089  1.00 0.00 ? 43   G   B P      1 
ATOM   835 O OP1    . G   A 1 27 ? 6.103   -17.917 -9.728  1.00 0.00 ? 43   G   B OP1    1 
ATOM   836 O OP2    . G   A 1 27 ? 3.876   -16.657 -9.842  1.00 0.00 ? 43   G   B OP2    1 
ATOM   837 O "O5'"  . G   A 1 27 ? 4.623   -17.747 -7.714  1.00 0.00 ? 43   G   B "O5'"  1 
ATOM   838 C "C5'"  . G   A 1 27 ? 5.523   -18.611 -7.005  1.00 0.00 ? 43   G   B "C5'"  1 
ATOM   839 C "C4'"  . G   A 1 27 ? 4.891   -19.229 -5.766  1.00 0.00 ? 43   G   B "C4'"  1 
ATOM   840 O "O4'"  . G   A 1 27 ? 4.464   -18.230 -4.842  1.00 0.00 ? 43   G   B "O4'"  1 
ATOM   841 C "C3'"  . G   A 1 27 ? 3.635   -20.008 -6.106  1.00 0.00 ? 43   G   B "C3'"  1 
ATOM   842 O "O3'"  . G   A 1 27 ? 3.996   -21.353 -6.427  1.00 0.00 ? 43   G   B "O3'"  1 
ATOM   843 C "C2'"  . G   A 1 27 ? 2.889   -20.014 -4.785  1.00 0.00 ? 43   G   B "C2'"  1 
ATOM   844 O "O2'"  . G   A 1 27 ? 3.335   -21.076 -3.933  1.00 0.00 ? 43   G   B "O2'"  1 
ATOM   845 C "C1'"  . G   A 1 27 ? 3.242   -18.645 -4.204  1.00 0.00 ? 43   G   B "C1'"  1 
ATOM   846 N N9     . G   A 1 27 ? 2.155   -17.684 -4.456  1.00 0.00 ? 43   G   B N9     1 
ATOM   847 C C8     . G   A 1 27 ? 1.958   -16.859 -5.513  1.00 0.00 ? 43   G   B C8     1 
ATOM   848 N N7     . G   A 1 27 ? 0.904   -16.115 -5.504  1.00 0.00 ? 43   G   B N7     1 
ATOM   849 C C5     . G   A 1 27 ? 0.308   -16.480 -4.294  1.00 0.00 ? 43   G   B C5     1 
ATOM   850 C C6     . G   A 1 27 ? -0.893  -16.018 -3.696  1.00 0.00 ? 43   G   B C6     1 
ATOM   851 O O6     . G   A 1 27 ? -1.671  -15.184 -4.116  1.00 0.00 ? 43   G   B O6     1 
ATOM   852 N N1     . G   A 1 27 ? -1.131  -16.645 -2.478  1.00 0.00 ? 43   G   B N1     1 
ATOM   853 C C2     . G   A 1 27 ? -0.316  -17.599 -1.902  1.00 0.00 ? 43   G   B C2     1 
ATOM   854 N N2     . G   A 1 27 ? -0.717  -18.086 -0.728  1.00 0.00 ? 43   G   B N2     1 
ATOM   855 N N3     . G   A 1 27 ? 0.818   -18.038 -2.459  1.00 0.00 ? 43   G   B N3     1 
ATOM   856 C C4     . G   A 1 27 ? 1.069   -17.442 -3.646  1.00 0.00 ? 43   G   B C4     1 
ATOM   857 H "H5'"  . G   A 1 27 ? 6.377   -18.039 -6.669  1.00 0.00 ? 43   G   B "H5'"  1 
ATOM   858 H "H5''" . G   A 1 27 ? 5.856   -19.404 -7.691  1.00 0.00 ? 43   G   B "H5''" 1 
ATOM   859 H "H4'"  . G   A 1 27 ? 5.609   -19.887 -5.278  1.00 0.00 ? 43   G   B "H4'"  1 
ATOM   860 H "H3'"  . G   A 1 27 ? 3.058   -19.530 -6.900  1.00 0.00 ? 43   G   B "H3'"  1 
ATOM   861 H "H2'"  . G   A 1 27 ? 1.814   -20.078 -4.961  1.00 0.00 ? 43   G   B "H2'"  1 
ATOM   862 H "HO2'" . G   A 1 27 ? 2.614   -21.283 -3.334  1.00 0.00 ? 43   G   B "HO2'" 1 
ATOM   863 H "H1'"  . G   A 1 27 ? 3.406   -18.735 -3.131  1.00 0.00 ? 43   G   B "H1'"  1 
ATOM   864 H H8     . G   A 1 27 ? 2.655   -16.841 -6.349  1.00 0.00 ? 43   G   B H8     1 
ATOM   865 H H1     . G   A 1 27 ? -1.974  -16.370 -1.994  1.00 0.00 ? 43   G   B H1     1 
ATOM   866 H H21    . G   A 1 27 ? -1.574  -17.753 -0.310  1.00 0.00 ? 43   G   B H21    1 
ATOM   867 H H22    . G   A 1 27 ? -0.166  -18.790 -0.258  1.00 0.00 ? 43   G   B H22    1 
ATOM   868 P P      . C   A 1 28 ? 2.989   -22.289 -7.268  1.00 0.00 ? 44   C   B P      1 
ATOM   869 O OP1    . C   A 1 28 ? 3.635   -23.606 -7.463  1.00 0.00 ? 44   C   B OP1    1 
ATOM   870 O OP2    . C   A 1 28 ? 2.512   -21.520 -8.439  1.00 0.00 ? 44   C   B OP2    1 
ATOM   871 O "O5'"  . C   A 1 28 ? 1.753   -22.481 -6.253  1.00 0.00 ? 44   C   B "O5'"  1 
ATOM   872 C "C5'"  . C   A 1 28 ? 1.836   -23.428 -5.184  1.00 0.00 ? 44   C   B "C5'"  1 
ATOM   873 C "C4'"  . C   A 1 28 ? 0.588   -23.405 -4.303  1.00 0.00 ? 44   C   B "C4'"  1 
ATOM   874 O "O4'"  . C   A 1 28 ? 0.372   -22.124 -3.715  1.00 0.00 ? 44   C   B "O4'"  1 
ATOM   875 C "C3'"  . C   A 1 28 ? -0.669  -23.674 -5.090  1.00 0.00 ? 44   C   B "C3'"  1 
ATOM   876 O "O3'"  . C   A 1 28 ? -0.817  -25.092 -5.235  1.00 0.00 ? 44   C   B "O3'"  1 
ATOM   877 C "C2'"  . C   A 1 28 ? -1.725  -23.156 -4.131  1.00 0.00 ? 44   C   B "C2'"  1 
ATOM   878 O "O2'"  . C   A 1 28 ? -2.025  -24.116 -3.110  1.00 0.00 ? 44   C   B "O2'"  1 
ATOM   879 C "C1'"  . C   A 1 28 ? -1.041  -21.915 -3.552  1.00 0.00 ? 44   C   B "C1'"  1 
ATOM   880 N N1     . C   A 1 28 ? -1.484  -20.699 -4.263  1.00 0.00 ? 44   C   B N1     1 
ATOM   881 C C2     . C   A 1 28 ? -2.634  -20.070 -3.807  1.00 0.00 ? 44   C   B C2     1 
ATOM   882 O O2     . C   A 1 28 ? -3.236  -20.513 -2.847  1.00 0.00 ? 44   C   B O2     1 
ATOM   883 N N3     . C   A 1 28 ? -3.060  -18.955 -4.460  1.00 0.00 ? 44   C   B N3     1 
ATOM   884 C C4     . C   A 1 28 ? -2.388  -18.476 -5.515  1.00 0.00 ? 44   C   B C4     1 
ATOM   885 N N4     . C   A 1 28 ? -2.833  -17.380 -6.131  1.00 0.00 ? 44   C   B N4     1 
ATOM   886 C C5     . C   A 1 28 ? -1.202  -19.122 -5.989  1.00 0.00 ? 44   C   B C5     1 
ATOM   887 C C6     . C   A 1 28 ? -0.788  -20.225 -5.337  1.00 0.00 ? 44   C   B C6     1 
ATOM   888 H "H5'"  . C   A 1 28 ? 2.707   -23.196 -4.572  1.00 0.00 ? 44   C   B "H5'"  1 
ATOM   889 H "H5''" . C   A 1 28 ? 1.954   -24.427 -5.605  1.00 0.00 ? 44   C   B "H5''" 1 
ATOM   890 H "H4'"  . C   A 1 28 ? 0.673   -24.144 -3.516  1.00 0.00 ? 44   C   B "H4'"  1 
ATOM   891 H "H3'"  . C   A 1 28 ? -0.681  -23.148 -6.046  1.00 0.00 ? 44   C   B "H3'"  1 
ATOM   892 H "H2'"  . C   A 1 28 ? -2.621  -22.868 -4.673  1.00 0.00 ? 44   C   B "H2'"  1 
ATOM   893 H "HO2'" . C   A 1 28 ? -2.735  -23.753 -2.577  1.00 0.00 ? 44   C   B "HO2'" 1 
ATOM   894 H "H1'"  . C   A 1 28 ? -1.280  -21.826 -2.491  1.00 0.00 ? 44   C   B "H1'"  1 
ATOM   895 H H41    . C   A 1 28 ? -3.668  -16.920 -5.800  1.00 0.00 ? 44   C   B H41    1 
ATOM   896 H H42    . C   A 1 28 ? -2.333  -17.010 -6.927  1.00 0.00 ? 44   C   B H42    1 
ATOM   897 H H5     . C   A 1 28 ? -0.655  -18.736 -6.848  1.00 0.00 ? 44   C   B H5     1 
ATOM   898 H H6     . C   A 1 28 ? 0.103   -20.749 -5.676  1.00 0.00 ? 44   C   B H6     1 
ATOM   899 P P      . C   A 1 29 ? -1.704  -25.707 -6.431  1.00 0.00 ? 45   C   B P      1 
ATOM   900 O OP1    . C   A 1 29 ? -1.567  -27.179 -6.402  1.00 0.00 ? 45   C   B OP1    1 
ATOM   901 O OP2    . C   A 1 29 ? -1.397  -24.958 -7.671  1.00 0.00 ? 45   C   B OP2    1 
ATOM   902 O "O5'"  . C   A 1 29 ? -3.193  -25.328 -5.965  1.00 0.00 ? 45   C   B "O5'"  1 
ATOM   903 C "C5'"  . C   A 1 29 ? -3.758  -25.941 -4.806  1.00 0.00 ? 45   C   B "C5'"  1 
ATOM   904 C "C4'"  . C   A 1 29 ? -5.052  -25.255 -4.392  1.00 0.00 ? 45   C   B "C4'"  1 
ATOM   905 O "O4'"  . C   A 1 29 ? -4.812  -23.877 -4.108  1.00 0.00 ? 45   C   B "O4'"  1 
ATOM   906 C "C3'"  . C   A 1 29 ? -6.081  -25.270 -5.510  1.00 0.00 ? 45   C   B "C3'"  1 
ATOM   907 O "O3'"  . C   A 1 29 ? -6.875  -26.462 -5.481  1.00 0.00 ? 45   C   B "O3'"  1 
ATOM   908 C "C2'"  . C   A 1 29 ? -6.910  -24.039 -5.187  1.00 0.00 ? 45   C   B "C2'"  1 
ATOM   909 O "O2'"  . C   A 1 29 ? -7.909  -24.323 -4.201  1.00 0.00 ? 45   C   B "O2'"  1 
ATOM   910 C "C1'"  . C   A 1 29 ? -5.859  -23.071 -4.657  1.00 0.00 ? 45   C   B "C1'"  1 
ATOM   911 N N1     . C   A 1 29 ? -5.359  -22.197 -5.738  1.00 0.00 ? 45   C   B N1     1 
ATOM   912 C C2     . C   A 1 29 ? -6.066  -21.032 -6.006  1.00 0.00 ? 45   C   B C2     1 
ATOM   913 O O2     . C   A 1 29 ? -7.075  -20.768 -5.378  1.00 0.00 ? 45   C   B O2     1 
ATOM   914 N N3     . C   A 1 29 ? -5.601  -20.207 -6.983  1.00 0.00 ? 45   C   B N3     1 
ATOM   915 C C4     . C   A 1 29 ? -4.492  -20.510 -7.670  1.00 0.00 ? 45   C   B C4     1 
ATOM   916 N N4     . C   A 1 29 ? -4.059  -19.673 -8.614  1.00 0.00 ? 45   C   B N4     1 
ATOM   917 C C5     . C   A 1 29 ? -3.763  -21.712 -7.400  1.00 0.00 ? 45   C   B C5     1 
ATOM   918 C C6     . C   A 1 29 ? -4.233  -22.522 -6.433  1.00 0.00 ? 45   C   B C6     1 
ATOM   919 H "H5'"  . C   A 1 29 ? -3.043  -25.878 -3.986  1.00 0.00 ? 45   C   B "H5'"  1 
ATOM   920 H "H5''" . C   A 1 29 ? -3.963  -26.989 -5.022  1.00 0.00 ? 45   C   B "H5''" 1 
ATOM   921 H "H4'"  . C   A 1 29 ? -5.461  -25.739 -3.508  1.00 0.00 ? 45   C   B "H4'"  1 
ATOM   922 H "H3'"  . C   A 1 29 ? -5.587  -25.149 -6.479  1.00 0.00 ? 45   C   B "H3'"  1 
ATOM   923 H "HO3'" . C   A 1 29 ? -6.306  -27.177 -5.188  1.00 0.00 ? 45   C   B "HO3'" 1 
ATOM   924 H "H2'"  . C   A 1 29 ? -7.362  -23.641 -6.100  1.00 0.00 ? 45   C   B "H2'"  1 
ATOM   925 H "HO2'" . C   A 1 29 ? -7.475  -24.315 -3.345  1.00 0.00 ? 45   C   B "HO2'" 1 
ATOM   926 H "H1'"  . C   A 1 29 ? -6.284  -22.460 -3.866  1.00 0.00 ? 45   C   B "H1'"  1 
ATOM   927 H H41    . C   A 1 29 ? -4.571  -18.824 -8.808  1.00 0.00 ? 45   C   B H41    1 
ATOM   928 H H42    . C   A 1 29 ? -3.221  -19.888 -9.134  1.00 0.00 ? 45   C   B H42    1 
ATOM   929 H H5     . C   A 1 29 ? -2.852  -21.958 -7.946  1.00 0.00 ? 45   C   B H5     1 
ATOM   930 H H6     . C   A 1 29 ? -3.712  -23.451 -6.211  1.00 0.00 ? 45   C   B H6     1 
HETATM 931 C C5     . P12 B 2 .  ? -0.389  4.039   1.677   1.00 0.00 ? 1046 P12 B C5     1 
HETATM 932 C C4     . P12 B 2 .  ? -0.842  2.917   2.421   1.00 0.00 ? 1046 P12 B C4     1 
HETATM 933 C C3     . P12 B 2 .  ? -0.717  1.608   1.882   1.00 0.00 ? 1046 P12 B C3     1 
HETATM 934 C C2     . P12 B 2 .  ? -0.138  1.420   0.596   1.00 0.00 ? 1046 P12 B C2     1 
HETATM 935 C C1     . P12 B 2 .  ? 0.313   2.545   -0.147  1.00 0.00 ? 1046 P12 B C1     1 
HETATM 936 C C6     . P12 B 2 .  ? 0.187   3.852   0.393   1.00 0.00 ? 1046 P12 B C6     1 
HETATM 937 O OA     . P12 B 2 .  ? 0.892   2.361   -1.442  1.00 0.00 ? 1046 P12 B OA     1 
HETATM 938 C CB     . P12 B 2 .  ? 2.296   2.645   -1.398  1.00 0.00 ? 1046 P12 B CB     1 
HETATM 939 C CG     . P12 B 2 .  ? 2.796   2.918   -2.817  1.00 0.00 ? 1046 P12 B CG     1 
HETATM 940 C CD     . P12 B 2 .  ? 4.315   2.730   -2.883  1.00 0.00 ? 1046 P12 B CD     1 
HETATM 941 N NE     . P12 B 2 .  ? 4.980   4.049   -2.804  1.00 0.00 ? 1046 P12 B NE     1 
HETATM 942 C CG1    . P12 B 2 .  ? -0.766  -1.719  1.593   1.00 0.00 ? 1046 P12 B CG1    1 
HETATM 943 C CD1    . P12 B 2 .  ? 0.385   -2.676  1.240   1.00 0.00 ? 1046 P12 B CD1    1 
HETATM 944 N NE1    . P12 B 2 .  ? 0.608   -2.767  -0.237  1.00 0.00 ? 1046 P12 B NE1    1 
HETATM 945 C CD2    . P12 B 2 .  ? -0.526  -2.638  -1.204  1.00 0.00 ? 1046 P12 B CD2    1 
HETATM 946 C CG2    . P12 B 2 .  ? -1.634  -1.711  -0.676  1.00 0.00 ? 1046 P12 B CG2    1 
HETATM 947 N NB     . P12 B 2 .  ? -1.148  -0.858  0.441   1.00 0.00 ? 1046 P12 B NB     1 
HETATM 948 C CA     . P12 B 2 .  ? 0.000   0.000   0.000   1.00 0.00 ? 1046 P12 B CA     1 
HETATM 949 C CZ     . P12 B 2 .  ? 1.851   -3.229  -0.708  1.00 0.00 ? 1046 P12 B CZ     1 
HETATM 950 N NH1    . P12 B 2 .  ? 2.897   -3.410  0.147   1.00 0.00 ? 1046 P12 B NH1    1 
HETATM 951 N NH2    . P12 B 2 .  ? 2.078   -3.377  -2.045  1.00 0.00 ? 1046 P12 B NH2    1 
HETATM 952 O OA1    . P12 B 2 .  ? -1.426  3.105   3.713   1.00 0.00 ? 1046 P12 B OA1    1 
HETATM 953 C CB1    . P12 B 2 .  ? -0.522  2.638   4.718   1.00 0.00 ? 1046 P12 B CB1    1 
HETATM 954 H H5     . P12 B 2 .  ? -0.486  5.033   2.087   1.00 0.00 ? 1046 P12 B H5     1 
HETATM 955 H H3     . P12 B 2 .  ? -1.064  0.759   2.448   1.00 0.00 ? 1046 P12 B H3     1 
HETATM 956 H H6     . P12 B 2 .  ? 0.530   4.706   -0.174  1.00 0.00 ? 1046 P12 B H6     1 
HETATM 957 H HB1    . P12 B 2 .  ? 2.477   3.514   -0.780  1.00 0.00 ? 1046 P12 B HB1    1 
HETATM 958 H HB2    . P12 B 2 .  ? 2.821   1.795   -0.987  1.00 0.00 ? 1046 P12 B HB2    1 
HETATM 959 H HG1    . P12 B 2 .  ? 2.319   2.234   -3.499  1.00 0.00 ? 1046 P12 B HG1    1 
HETATM 960 H HG2    . P12 B 2 .  ? 2.548   3.931   -3.095  1.00 0.00 ? 1046 P12 B HG2    1 
HETATM 961 H HD1    . P12 B 2 .  ? 4.580   2.248   -3.814  1.00 0.00 ? 1046 P12 B HD1    1 
HETATM 962 H HD2    . P12 B 2 .  ? 4.639   2.114   -2.056  1.00 0.00 ? 1046 P12 B HD2    1 
HETATM 963 H HE1    . P12 B 2 .  ? 5.971   3.920   -2.553  1.00 0.00 ? 1046 P12 B HE1    1 
HETATM 964 H HE2    . P12 B 2 .  ? 4.916   4.521   -3.717  1.00 0.00 ? 1046 P12 B HE2    1 
HETATM 965 H HE3    . P12 B 2 .  ? 4.517   4.625   -2.087  1.00 0.00 ? 1046 P12 B HE3    1 
HETATM 966 H HG11   . P12 B 2 .  ? -1.625  -2.301  1.897   1.00 0.00 ? 1046 P12 B HG11   1 
HETATM 967 H HG12   . P12 B 2 .  ? -0.459  -1.093  2.417   1.00 0.00 ? 1046 P12 B HG12   1 
HETATM 968 H HD11   . P12 B 2 .  ? 1.283   -2.312  1.712   1.00 0.00 ? 1046 P12 B HD11   1 
HETATM 969 H HD12   . P12 B 2 .  ? 0.158   -3.659  1.625   1.00 0.00 ? 1046 P12 B HD12   1 
HETATM 970 H HD21   . P12 B 2 .  ? -0.155  -2.230  -2.129  1.00 0.00 ? 1046 P12 B HD21   1 
HETATM 971 H HD22   . P12 B 2 .  ? -0.943  -3.616  -1.391  1.00 0.00 ? 1046 P12 B HD22   1 
HETATM 972 H HG21   . P12 B 2 .  ? -2.461  -2.310  -0.328  1.00 0.00 ? 1046 P12 B HG21   1 
HETATM 973 H HG22   . P12 B 2 .  ? -1.972  -1.075  -1.481  1.00 0.00 ? 1046 P12 B HG22   1 
HETATM 974 H HB     . P12 B 2 .  ? -1.921  -0.246  0.736   1.00 0.00 ? 1046 P12 B HB     1 
HETATM 975 H HA1    . P12 B 2 .  ? 0.004   0.068   -1.080  1.00 0.00 ? 1046 P12 B HA1    1 
HETATM 976 H HA2    . P12 B 2 .  ? 0.931   -0.436  0.331   1.00 0.00 ? 1046 P12 B HA2    1 
HETATM 977 H HH11   . P12 B 2 .  ? 3.756   -3.732  -0.199  1.00 0.00 ? 1046 P12 B HH11   1 
HETATM 978 H HH21   . P12 B 2 .  ? 2.949   -3.698  -2.357  1.00 0.00 ? 1046 P12 B HH21   1 
HETATM 979 H HH22   . P12 B 2 .  ? 1.379   -3.168  -2.693  1.00 0.00 ? 1046 P12 B HH22   1 
HETATM 980 H HB11   . P12 B 2 .  ? -0.255  1.611   4.513   1.00 0.00 ? 1046 P12 B HB11   1 
HETATM 981 H HB12   . P12 B 2 .  ? 0.369   3.248   4.712   1.00 0.00 ? 1046 P12 B HB12   1 
HETATM 982 H HB3    . P12 B 2 .  ? -0.996  2.700   5.686   1.00 0.00 ? 1046 P12 B HB3    1 
HETATM 983 H HH12   . P12 B 2 .  ? 2.798   -3.228  1.100   1.00 0.00 ? 1046 P12 B HH12   1 
# 
